data_9QE2
#
_entry.id   9QE2
#
_cell.length_a   1.00
_cell.length_b   1.00
_cell.length_c   1.00
_cell.angle_alpha   90.00
_cell.angle_beta   90.00
_cell.angle_gamma   90.00
#
_symmetry.space_group_name_H-M   'P 1'
#
loop_
_entity.id
_entity.type
_entity.pdbx_description
1 polymer Otoferlin
2 non-polymer 'CALCIUM ION'
3 non-polymer 1,2-DICAPROYL-SN-PHOSPHATIDYL-L-SERINE
#
_entity_poly.entity_id   1
_entity_poly.type   'polypeptide(L)'
_entity_poly.pdbx_seq_one_letter_code
;MASWSHPQFEKGGGSGGGSGGGSWSHPQFEKLEVLFQGPGSGDKDCEQSNAMEDLDHLAIQLGDGLDPDSVSLASVTALT
SNVSNKRSKPDIKMEPSAGRPMDYQVSITVIEARQLVGLNMDPVVCVEVGDDKKYTSMKESTNCPYYNEYFVFDFHVSPD
VMFDKIIKISVIHSKNLLRSGTLVGSFKMDVGTVYSQPEHQFHHKWAILSDPDDISAGLKGYVKCDVAVVGKGDNIKTPH
KANETDEDDIEGNLLLPEGVPPERQWARFYVKIYRAEGLPRMNTSLMANVKKAFIGENKDLVDPYVQVFFAGQKGKTSVQ
KSSYEPLWNEQVVFTDLFPPLCKRMKVQIRDSDKVNDVAIGTHFIDLRKISNDGDKGFLPTLGPAWVNMYGSTRNYTLLD
EHQDLNEGLGEGVSFRARLMLGLAVEILDTSNPELTSSTEVQVEQATPVSESCTGRMEEFFLFGAFLEASMIDRKNGDKP
ITFEVTIGNYGNEVDGMSRPLRPRPRKEPGDEEEVDLIQNSSDDEGDEAGDLASVSSTPPMRPQITDRNYFHLPYLERKP
CIYIKSWWPDQRRRLYNANIMDHIADKLEEGLNDVQEMIKTEKSYPERRLRGVLEELSCGCHRFLSLSDKDQGRSSRTRL
DRERLKSCMRELESMGQQAKSLRAQVKRHTVRDKLRSCQNFLQKLRFLADEPQHSIPDVFIWMMSNNKRIAYARVPSKDL
LFSIVEEELGKDCAKVKTLFLKLPGKRGFGSAGWTVQAKLELYLWLGLSKQRKDFLCGLPCGFEEVKAAQGLGLHSFPPI
SLVYTKKQAFQLRAHMYQARSLFAADSSGLSDPFARVFFINQSQCTEVLNETLCPTWDQMLVFDNLELYGEAHELRDDPP
IIVIEIYDQDSMGKADFMGRTFAKPLVKMADEAYCPPRFPPQLEYYQIYRGSATAGDLLAAFELLQIGPSGKADLPPING
PVDMDRGPIMPVPVGIRPVLSKYRVEVLFWGLRDLKRVNLAQVDRPRVDIECAGKGVQSSLIHNYKKNPNFNTLVKWFEV
DLPENELLHPPLNIRVVDCRAFGRYTLVGSHAVSSLRRFIYRPPDRSAPNWNTTGEVVVSMEPEEPVKKLETMVKLDATS
DAVVKVDVAEDEKERKKKKKKGPSEEPEEEEPDESMLDWWSKYFASIDTMKEQLRQHETSGTDLEEKEEMESAEGLKGPM
KSKEKSRAAKEEKKKKNQSPGPGQGSEAPEKKKAKIDELKVYPKELESEFDSFEDWLHTFNLLRGKTGDDEDGSTEEERI
VGRFKGSLCVYKVPLPEDVSREAGYDPTYGMFQGIPSNDPINVLVRIYVVRATDLHPADINGKADPYIAIKLGKTDIRDK
ENYISKQLNPVFGKSFDIEASFPMESMLTVAVYDWDLVGTDDLIGETKIDLENRFYSKHRATCGIAQTYSIHGYNIWRDP
MKPSQILTRLCKEGKVDGPHFGPHGRVRVANRVFTGPSEIEDENGQRKPTDEHVALSALRHWEDIPRVGCRLVPEHVETR
PLLNPDKPGIEQGRLELWVDMFPMDMPAPGTPLDISPRKPKKYELRVIVWNTDEVVLEDDDFFTGEKSSDIFVRGWLKGQ
QEDKQDTDVHYHSLTGEGNFNWRYLFPFDYLAAEEKIVMSKKESMFSWDETEYKIPARLTLQIWDADHFSADDFLGAIEL
DLNRFPRGAKTAKQCTMEMATGEVDVPLVSIFKQKRVKGWWPLLARNENDEFELTGKVEAELHLLTAEEAEKNPVGLARN
EPDPLEK
;
_entity_poly.pdbx_strand_id   A
#
loop_
_chem_comp.id
_chem_comp.type
_chem_comp.name
_chem_comp.formula
CA non-polymer 'CALCIUM ION' 'Ca 2'
PSF non-polymer 1,2-DICAPROYL-SN-PHOSPHATIDYL-L-SERINE 'C18 H34 N O10 P'
#
# COMPACT_ATOMS: atom_id res chain seq x y z
N ALA A 74 17.49 -15.34 27.12
CA ALA A 74 16.14 -15.01 27.57
C ALA A 74 15.50 -16.20 28.28
N SER A 75 14.21 -16.08 28.58
CA SER A 75 13.49 -17.15 29.25
C SER A 75 13.25 -18.32 28.31
N VAL A 76 13.20 -19.52 28.87
CA VAL A 76 13.02 -20.72 28.06
C VAL A 76 11.59 -21.25 28.19
N THR A 77 10.85 -20.77 29.19
CA THR A 77 9.50 -21.24 29.44
C THR A 77 8.55 -20.80 28.33
N ALA A 78 7.71 -21.73 27.87
CA ALA A 78 6.84 -21.46 26.73
C ALA A 78 5.51 -22.18 26.92
N LEU A 79 4.50 -21.69 26.21
CA LEU A 79 3.14 -22.23 26.23
C LEU A 79 2.83 -22.80 24.85
N THR A 80 2.24 -23.99 24.82
CA THR A 80 1.96 -24.67 23.56
C THR A 80 0.49 -24.60 23.15
N SER A 81 -0.43 -24.67 24.11
CA SER A 81 -1.85 -24.73 23.82
C SER A 81 -2.45 -23.33 23.67
N ASN A 82 -3.70 -23.28 23.23
CA ASN A 82 -4.39 -22.03 23.01
C ASN A 82 -4.92 -21.45 24.32
N VAL A 83 -4.64 -20.17 24.55
CA VAL A 83 -5.01 -19.51 25.79
C VAL A 83 -6.01 -18.39 25.51
N SER A 84 -5.90 -17.76 24.34
CA SER A 84 -6.58 -16.49 24.13
C SER A 84 -7.96 -16.65 23.51
N ASN A 85 -8.42 -17.89 23.27
CA ASN A 85 -9.75 -18.22 22.75
C ASN A 85 -10.04 -17.57 21.40
N LYS A 86 -9.07 -17.58 20.48
CA LYS A 86 -9.33 -17.03 19.14
C LYS A 86 -10.12 -18.02 18.29
N ARG A 87 -10.14 -19.29 18.68
CA ARG A 87 -10.84 -20.32 17.91
C ARG A 87 -12.34 -20.17 17.95
N SER A 88 -12.88 -19.41 18.91
CA SER A 88 -14.31 -19.13 18.95
C SER A 88 -14.70 -17.95 18.07
N LYS A 89 -13.74 -17.33 17.38
CA LYS A 89 -13.99 -16.21 16.48
C LYS A 89 -13.45 -16.55 15.09
N PRO A 90 -14.24 -17.25 14.28
CA PRO A 90 -13.76 -17.60 12.93
C PRO A 90 -13.71 -16.39 12.02
N ASP A 91 -12.65 -16.32 11.20
CA ASP A 91 -12.50 -15.24 10.22
C ASP A 91 -13.00 -15.73 8.86
N ILE A 92 -14.32 -15.89 8.78
CA ILE A 92 -14.95 -16.39 7.56
C ILE A 92 -15.04 -15.23 6.56
N LYS A 93 -14.47 -15.43 5.38
CA LYS A 93 -14.53 -14.43 4.31
C LYS A 93 -15.72 -14.77 3.43
N MET A 94 -16.78 -13.95 3.52
CA MET A 94 -17.99 -14.19 2.72
C MET A 94 -17.72 -13.96 1.24
N GLU A 95 -17.10 -12.84 0.92
CA GLU A 95 -16.58 -12.59 -0.42
C GLU A 95 -15.22 -13.26 -0.56
N PRO A 96 -14.75 -13.52 -1.81
CA PRO A 96 -13.42 -14.13 -1.99
C PRO A 96 -12.24 -13.32 -1.46
N SER A 97 -12.42 -11.99 -1.35
CA SER A 97 -11.41 -11.04 -0.85
C SER A 97 -10.11 -11.09 -1.66
N ALA A 98 -10.21 -11.42 -2.94
CA ALA A 98 -9.07 -11.48 -3.83
C ALA A 98 -9.54 -11.13 -5.24
N GLY A 99 -8.71 -10.38 -5.95
CA GLY A 99 -9.14 -9.87 -7.24
C GLY A 99 -10.05 -8.67 -7.17
N ARG A 100 -10.19 -8.05 -6.01
CA ARG A 100 -10.96 -6.82 -5.90
C ARG A 100 -10.18 -5.66 -6.52
N PRO A 101 -10.80 -4.86 -7.40
CA PRO A 101 -10.10 -3.70 -7.95
C PRO A 101 -9.82 -2.64 -6.90
N MET A 102 -8.71 -1.93 -7.10
CA MET A 102 -8.21 -0.96 -6.16
C MET A 102 -7.40 0.08 -6.94
N ASP A 103 -7.50 1.33 -6.50
CA ASP A 103 -6.78 2.42 -7.16
C ASP A 103 -5.28 2.25 -6.97
N TYR A 104 -4.55 2.21 -8.09
CA TYR A 104 -3.11 2.08 -8.11
C TYR A 104 -2.52 3.23 -8.89
N GLN A 105 -1.26 3.55 -8.59
CA GLN A 105 -0.57 4.65 -9.23
C GLN A 105 0.91 4.31 -9.38
N VAL A 106 1.42 4.42 -10.61
CA VAL A 106 2.84 4.24 -10.88
C VAL A 106 3.42 5.59 -11.27
N SER A 107 4.31 6.11 -10.44
CA SER A 107 4.98 7.37 -10.67
C SER A 107 6.41 7.11 -11.12
N ILE A 108 6.76 7.59 -12.31
CA ILE A 108 8.07 7.35 -12.89
C ILE A 108 8.71 8.68 -13.25
N THR A 109 9.86 8.95 -12.64
CA THR A 109 10.59 10.19 -12.86
C THR A 109 11.86 9.89 -13.66
N VAL A 110 11.81 10.13 -14.96
CA VAL A 110 13.00 9.96 -15.81
C VAL A 110 13.94 11.12 -15.53
N ILE A 111 15.03 10.84 -14.83
CA ILE A 111 15.97 11.87 -14.40
C ILE A 111 16.89 12.25 -15.55
N GLU A 112 17.65 11.28 -16.05
CA GLU A 112 18.58 11.53 -17.14
C GLU A 112 18.90 10.21 -17.83
N ALA A 113 19.79 10.27 -18.80
CA ALA A 113 20.34 9.10 -19.46
C ALA A 113 21.82 9.34 -19.73
N ARG A 114 22.57 8.24 -19.82
CA ARG A 114 24.01 8.31 -20.08
C ARG A 114 24.43 7.16 -20.98
N GLN A 115 25.50 7.42 -21.74
CA GLN A 115 26.18 6.43 -22.59
C GLN A 115 25.25 5.80 -23.62
N LEU A 116 24.33 6.58 -24.16
CA LEU A 116 23.40 6.06 -25.15
C LEU A 116 24.10 5.85 -26.48
N VAL A 117 23.66 4.83 -27.21
CA VAL A 117 24.31 4.44 -28.46
C VAL A 117 23.55 5.09 -29.62
N GLY A 118 24.24 5.97 -30.34
CA GLY A 118 23.62 6.64 -31.47
C GLY A 118 24.55 7.67 -32.05
N LEU A 119 24.21 8.09 -33.28
CA LEU A 119 24.98 9.07 -34.02
C LEU A 119 24.11 10.28 -34.31
N ASN A 120 24.46 11.42 -33.72
CA ASN A 120 23.70 12.69 -33.79
C ASN A 120 22.25 12.47 -33.37
N MET A 121 22.09 11.77 -32.26
CA MET A 121 20.79 11.30 -31.81
C MET A 121 20.00 12.41 -31.12
N ASP A 122 18.68 12.39 -31.32
CA ASP A 122 17.78 13.24 -30.55
C ASP A 122 16.90 12.35 -29.67
N PRO A 123 17.37 11.98 -28.47
CA PRO A 123 16.67 10.95 -27.71
C PRO A 123 15.41 11.47 -27.03
N VAL A 124 14.35 10.67 -27.12
CA VAL A 124 13.11 10.86 -26.38
C VAL A 124 12.85 9.59 -25.59
N VAL A 125 12.66 9.72 -24.28
CA VAL A 125 12.38 8.56 -23.45
C VAL A 125 10.88 8.29 -23.47
N CYS A 126 10.49 7.10 -23.93
CA CYS A 126 9.11 6.66 -23.95
C CYS A 126 8.87 5.73 -22.77
N VAL A 127 7.92 6.08 -21.91
CA VAL A 127 7.62 5.32 -20.70
C VAL A 127 6.23 4.74 -20.84
N GLU A 128 6.15 3.42 -20.89
CA GLU A 128 4.88 2.70 -20.97
C GLU A 128 4.66 1.95 -19.67
N VAL A 129 3.42 1.98 -19.17
CA VAL A 129 2.99 1.10 -18.09
C VAL A 129 1.70 0.46 -18.57
N GLY A 130 1.77 -0.82 -18.91
CA GLY A 130 0.62 -1.47 -19.53
C GLY A 130 0.48 -1.00 -20.97
N ASP A 131 -0.70 -0.47 -21.30
CA ASP A 131 -0.94 0.03 -22.65
C ASP A 131 -0.73 1.54 -22.76
N ASP A 132 -0.83 2.28 -21.66
CA ASP A 132 -0.66 3.72 -21.71
C ASP A 132 0.83 4.06 -21.81
N LYS A 133 1.17 4.94 -22.75
CA LYS A 133 2.54 5.38 -22.91
C LYS A 133 2.60 6.90 -22.96
N LYS A 134 3.69 7.44 -22.41
CA LYS A 134 3.93 8.88 -22.35
C LYS A 134 5.35 9.13 -22.83
N TYR A 135 5.62 10.37 -23.24
CA TYR A 135 6.90 10.71 -23.83
C TYR A 135 7.49 11.93 -23.12
N THR A 136 8.83 11.95 -23.05
CA THR A 136 9.52 13.15 -22.61
C THR A 136 9.67 14.13 -23.77
N SER A 137 10.26 15.27 -23.47
CA SER A 137 10.62 16.22 -24.53
C SER A 137 11.88 15.74 -25.24
N MET A 138 12.08 16.25 -26.45
CA MET A 138 13.24 15.86 -27.24
C MET A 138 14.44 16.73 -26.87
N LYS A 139 15.55 16.08 -26.57
CA LYS A 139 16.82 16.74 -26.32
C LYS A 139 17.70 16.58 -27.56
N GLU A 140 18.27 17.68 -28.03
CA GLU A 140 18.89 17.68 -29.34
C GLU A 140 20.39 17.42 -29.28
N SER A 141 20.81 16.40 -30.02
CA SER A 141 22.21 16.08 -30.33
C SER A 141 23.04 15.82 -29.07
N THR A 142 22.60 14.81 -28.32
CA THR A 142 23.28 14.43 -27.10
C THR A 142 23.12 12.93 -26.87
N ASN A 143 24.21 12.29 -26.44
CA ASN A 143 24.17 10.91 -26.00
C ASN A 143 24.00 10.79 -24.49
N CYS A 144 24.03 11.91 -23.77
CA CYS A 144 23.77 11.93 -22.34
C CYS A 144 22.72 12.99 -22.02
N PRO A 145 21.45 12.76 -22.34
CA PRO A 145 20.44 13.80 -22.14
C PRO A 145 20.01 13.90 -20.68
N TYR A 146 19.33 14.99 -20.35
CA TYR A 146 18.76 15.20 -19.03
C TYR A 146 17.32 15.65 -19.18
N TYR A 147 16.41 14.99 -18.46
CA TYR A 147 14.98 15.26 -18.60
C TYR A 147 14.39 15.85 -17.32
N ASN A 148 14.52 15.15 -16.19
CA ASN A 148 13.88 15.45 -14.91
C ASN A 148 12.37 15.63 -15.08
N GLU A 149 11.76 14.67 -15.77
CA GLU A 149 10.35 14.73 -16.12
C GLU A 149 9.58 13.68 -15.35
N TYR A 150 8.39 14.04 -14.89
CA TYR A 150 7.60 13.25 -13.96
C TYR A 150 6.33 12.76 -14.65
N PHE A 151 6.08 11.47 -14.57
CA PHE A 151 4.91 10.84 -15.18
C PHE A 151 4.12 10.09 -14.11
N VAL A 152 2.79 10.16 -14.22
CA VAL A 152 1.90 9.44 -13.31
C VAL A 152 0.91 8.64 -14.15
N PHE A 153 0.86 7.33 -13.91
CA PHE A 153 -0.09 6.43 -14.56
C PHE A 153 -1.08 5.98 -13.49
N ASP A 154 -2.37 6.13 -13.77
CA ASP A 154 -3.41 5.78 -12.83
C ASP A 154 -4.23 4.61 -13.36
N PHE A 155 -4.50 3.65 -12.48
CA PHE A 155 -5.26 2.46 -12.84
C PHE A 155 -6.28 2.16 -11.74
N HIS A 156 -7.36 1.49 -12.12
CA HIS A 156 -8.32 0.93 -11.18
C HIS A 156 -8.53 -0.53 -11.57
N VAL A 157 -7.63 -1.39 -11.09
CA VAL A 157 -7.63 -2.80 -11.46
C VAL A 157 -7.34 -3.62 -10.21
N SER A 158 -7.55 -4.93 -10.32
CA SER A 158 -7.19 -5.86 -9.26
C SER A 158 -5.67 -5.95 -9.16
N PRO A 159 -5.13 -6.35 -7.99
CA PRO A 159 -3.67 -6.46 -7.84
C PRO A 159 -2.98 -7.43 -8.80
N ASP A 160 -3.64 -8.52 -9.17
CA ASP A 160 -3.02 -9.49 -10.07
C ASP A 160 -2.91 -8.93 -11.50
N VAL A 161 -3.92 -8.17 -11.93
CA VAL A 161 -3.83 -7.49 -13.23
C VAL A 161 -2.80 -6.37 -13.15
N MET A 162 -2.73 -5.69 -12.01
CA MET A 162 -1.86 -4.54 -11.84
C MET A 162 -0.39 -4.95 -11.87
N PHE A 163 -0.05 -6.02 -11.16
CA PHE A 163 1.35 -6.44 -11.06
C PHE A 163 1.83 -7.15 -12.32
N ASP A 164 0.92 -7.55 -13.21
CA ASP A 164 1.31 -8.15 -14.47
C ASP A 164 1.53 -7.11 -15.56
N LYS A 165 1.24 -5.85 -15.30
CA LYS A 165 1.48 -4.79 -16.27
C LYS A 165 2.97 -4.56 -16.44
N ILE A 166 3.39 -4.34 -17.67
CA ILE A 166 4.81 -4.25 -18.00
C ILE A 166 5.21 -2.77 -18.04
N ILE A 167 6.15 -2.40 -17.20
CA ILE A 167 6.78 -1.08 -17.28
C ILE A 167 7.94 -1.17 -18.25
N LYS A 168 7.84 -0.47 -19.37
CA LYS A 168 8.85 -0.48 -20.42
C LYS A 168 9.41 0.92 -20.59
N ILE A 169 10.68 1.09 -20.23
CA ILE A 169 11.37 2.37 -20.37
C ILE A 169 12.27 2.26 -21.60
N SER A 170 11.93 3.00 -22.64
CA SER A 170 12.62 2.92 -23.92
C SER A 170 13.23 4.27 -24.24
N VAL A 171 14.20 4.26 -25.16
CA VAL A 171 14.76 5.47 -25.74
C VAL A 171 14.62 5.37 -27.25
N ILE A 172 13.95 6.35 -27.85
CA ILE A 172 13.75 6.41 -29.29
C ILE A 172 14.37 7.69 -29.81
N HIS A 173 14.36 7.84 -31.13
CA HIS A 173 14.83 9.08 -31.75
C HIS A 173 14.16 9.23 -33.11
N SER A 174 14.26 10.44 -33.66
CA SER A 174 13.65 10.84 -34.93
C SER A 174 12.15 10.62 -34.96
N LYS A 175 11.48 10.84 -33.83
CA LYS A 175 10.02 10.72 -33.79
C LYS A 175 9.37 12.05 -34.10
N ASN A 176 8.39 12.03 -35.01
CA ASN A 176 7.63 13.21 -35.35
C ASN A 176 6.17 12.80 -35.56
N LEU A 177 5.40 13.70 -36.17
CA LEU A 177 3.95 13.50 -36.27
C LEU A 177 3.57 12.41 -37.27
N LEU A 178 4.48 12.02 -38.16
CA LEU A 178 4.18 11.04 -39.20
C LEU A 178 4.93 9.73 -39.04
N ARG A 179 6.07 9.72 -38.36
CA ARG A 179 6.96 8.58 -38.32
C ARG A 179 7.18 8.15 -36.87
N SER A 180 7.03 6.85 -36.62
CA SER A 180 7.38 6.30 -35.31
C SER A 180 8.89 6.29 -35.13
N GLY A 181 9.33 6.43 -33.88
CA GLY A 181 10.75 6.60 -33.62
C GLY A 181 11.55 5.31 -33.78
N THR A 182 12.79 5.49 -34.22
CA THR A 182 13.73 4.37 -34.27
C THR A 182 14.21 4.04 -32.86
N LEU A 183 14.09 2.77 -32.48
CA LEU A 183 14.37 2.39 -31.11
C LEU A 183 15.86 2.15 -30.90
N VAL A 184 16.40 2.75 -29.83
CA VAL A 184 17.78 2.52 -29.42
C VAL A 184 17.88 1.33 -28.48
N GLY A 185 17.19 1.41 -27.35
CA GLY A 185 17.22 0.35 -26.38
C GLY A 185 16.00 0.43 -25.49
N SER A 186 15.70 -0.69 -24.84
CA SER A 186 14.52 -0.82 -24.01
C SER A 186 14.88 -1.56 -22.74
N PHE A 187 14.06 -1.35 -21.71
CA PHE A 187 14.18 -2.05 -20.44
C PHE A 187 12.79 -2.51 -20.03
N LYS A 188 12.67 -3.79 -19.67
CA LYS A 188 11.39 -4.36 -19.28
C LYS A 188 11.45 -4.89 -17.85
N MET A 189 10.41 -4.57 -17.10
CA MET A 189 10.26 -4.97 -15.70
C MET A 189 8.81 -4.74 -15.32
N ASP A 190 8.16 -5.73 -14.73
CA ASP A 190 6.75 -5.53 -14.45
C ASP A 190 6.55 -4.71 -13.18
N VAL A 191 5.29 -4.39 -12.90
CA VAL A 191 4.92 -3.58 -11.75
C VAL A 191 5.20 -4.32 -10.44
N GLY A 192 5.00 -5.65 -10.45
CA GLY A 192 5.19 -6.43 -9.24
C GLY A 192 6.63 -6.52 -8.78
N THR A 193 7.59 -6.36 -9.69
CA THR A 193 8.99 -6.25 -9.28
C THR A 193 9.24 -4.95 -8.52
N VAL A 194 8.62 -3.85 -8.95
CA VAL A 194 8.72 -2.59 -8.24
C VAL A 194 8.00 -2.67 -6.90
N TYR A 195 6.86 -3.38 -6.87
CA TYR A 195 6.08 -3.45 -5.64
C TYR A 195 6.73 -4.36 -4.60
N SER A 196 7.59 -5.28 -5.03
CA SER A 196 8.28 -6.17 -4.10
C SER A 196 9.55 -5.55 -3.54
N GLN A 197 9.85 -4.29 -3.87
CA GLN A 197 10.96 -3.57 -3.29
C GLN A 197 10.68 -3.24 -1.83
N PRO A 198 11.72 -2.97 -1.02
CA PRO A 198 11.51 -2.65 0.40
C PRO A 198 10.61 -1.45 0.69
N GLU A 199 10.61 -0.43 -0.17
CA GLU A 199 9.72 0.70 0.00
C GLU A 199 8.83 0.88 -1.23
N HIS A 200 8.49 -0.24 -1.89
CA HIS A 200 7.69 -0.30 -3.12
C HIS A 200 8.26 0.56 -4.25
N GLN A 201 9.57 0.77 -4.27
CA GLN A 201 10.15 1.70 -5.22
C GLN A 201 11.63 1.43 -5.43
N PHE A 202 12.13 1.94 -6.54
CA PHE A 202 13.54 2.16 -6.77
C PHE A 202 13.79 3.66 -6.75
N HIS A 203 14.89 4.08 -6.14
CA HIS A 203 15.25 5.49 -6.10
C HIS A 203 16.64 5.68 -6.68
N HIS A 204 16.70 6.48 -7.76
CA HIS A 204 17.94 6.89 -8.44
C HIS A 204 18.73 5.69 -8.94
N LYS A 205 18.10 4.89 -9.80
CA LYS A 205 18.70 3.68 -10.32
C LYS A 205 18.67 3.71 -11.85
N TRP A 206 19.66 3.04 -12.45
CA TRP A 206 19.94 3.16 -13.89
C TRP A 206 19.41 1.93 -14.62
N ALA A 207 18.42 2.15 -15.49
CA ALA A 207 17.86 1.07 -16.29
C ALA A 207 18.84 0.64 -17.36
N ILE A 208 19.21 -0.63 -17.36
CA ILE A 208 20.12 -1.16 -18.38
C ILE A 208 19.32 -1.31 -19.68
N LEU A 209 19.62 -0.48 -20.66
CA LEU A 209 18.99 -0.60 -21.96
C LEU A 209 19.68 -1.67 -22.79
N SER A 210 18.88 -2.50 -23.46
CA SER A 210 19.37 -3.51 -24.36
C SER A 210 18.53 -3.47 -25.64
N ASP A 211 19.13 -3.95 -26.73
CA ASP A 211 18.38 -4.07 -27.97
C ASP A 211 17.42 -5.23 -27.82
N PRO A 212 16.10 -5.00 -27.86
CA PRO A 212 15.17 -6.11 -27.66
C PRO A 212 14.99 -6.98 -28.89
N ASP A 213 15.55 -6.60 -30.03
CA ASP A 213 15.43 -7.36 -31.27
C ASP A 213 16.74 -8.01 -31.69
N ASP A 214 17.75 -8.04 -30.81
CA ASP A 214 19.07 -8.56 -31.18
C ASP A 214 19.74 -9.07 -29.92
N ILE A 215 20.02 -10.38 -29.87
CA ILE A 215 20.70 -10.94 -28.71
C ILE A 215 22.20 -10.73 -28.78
N SER A 216 22.75 -10.43 -29.96
CA SER A 216 24.18 -10.23 -30.09
C SER A 216 24.59 -8.78 -29.84
N ALA A 217 23.63 -7.86 -29.79
CA ALA A 217 23.95 -6.47 -29.52
C ALA A 217 24.30 -6.27 -28.06
N GLY A 218 25.18 -5.31 -27.79
CA GLY A 218 25.66 -5.05 -26.45
C GLY A 218 24.77 -4.08 -25.70
N LEU A 219 25.40 -3.38 -24.77
CA LEU A 219 24.71 -2.39 -23.95
C LEU A 219 24.35 -1.17 -24.78
N LYS A 220 23.10 -0.72 -24.66
CA LYS A 220 22.59 0.40 -25.43
C LYS A 220 22.51 1.69 -24.62
N GLY A 221 22.95 1.69 -23.37
CA GLY A 221 22.93 2.87 -22.53
C GLY A 221 22.25 2.61 -21.21
N TYR A 222 22.15 3.67 -20.42
CA TYR A 222 21.49 3.64 -19.12
C TYR A 222 20.53 4.81 -19.01
N VAL A 223 19.44 4.62 -18.27
CA VAL A 223 18.46 5.68 -18.01
C VAL A 223 18.23 5.74 -16.51
N LYS A 224 18.79 6.75 -15.86
CA LYS A 224 18.52 6.99 -14.45
C LYS A 224 17.07 7.39 -14.25
N CYS A 225 16.38 6.72 -13.34
CA CYS A 225 14.96 6.95 -13.15
C CYS A 225 14.53 6.48 -11.77
N ASP A 226 13.45 7.09 -11.28
CA ASP A 226 12.71 6.60 -10.13
C ASP A 226 11.48 5.88 -10.64
N VAL A 227 11.19 4.71 -10.08
CA VAL A 227 9.93 4.01 -10.36
C VAL A 227 9.31 3.66 -9.01
N ALA A 228 8.08 4.11 -8.79
CA ALA A 228 7.39 3.88 -7.53
C ALA A 228 5.96 3.43 -7.80
N VAL A 229 5.47 2.51 -6.98
CA VAL A 229 4.10 2.02 -7.08
C VAL A 229 3.42 2.21 -5.72
N VAL A 230 2.25 2.84 -5.73
CA VAL A 230 1.44 3.01 -4.52
C VAL A 230 0.05 2.44 -4.77
N GLY A 231 -0.47 1.75 -3.77
CA GLY A 231 -1.88 1.40 -3.75
C GLY A 231 -2.68 2.41 -2.97
N LYS A 232 -3.97 2.12 -2.83
CA LYS A 232 -4.83 2.96 -2.01
C LYS A 232 -4.51 2.75 -0.53
N GLY A 233 -4.00 3.80 0.11
CA GLY A 233 -3.66 3.74 1.50
C GLY A 233 -2.23 3.36 1.82
N ASP A 234 -1.40 3.11 0.81
CA ASP A 234 -0.01 2.78 1.05
C ASP A 234 0.78 4.02 1.45
N ASN A 235 1.84 3.81 2.23
CA ASN A 235 2.74 4.86 2.65
C ASN A 235 4.15 4.53 2.21
N ILE A 236 4.79 5.47 1.52
CA ILE A 236 6.14 5.31 1.01
C ILE A 236 7.01 6.40 1.63
N LYS A 237 8.13 6.00 2.23
CA LYS A 237 9.18 6.95 2.59
C LYS A 237 9.78 7.47 1.29
N THR A 238 9.51 8.73 1.01
CA THR A 238 10.02 9.36 -0.20
C THR A 238 11.22 10.23 0.15
N PRO A 239 12.39 9.99 -0.45
CA PRO A 239 13.55 10.85 -0.17
C PRO A 239 13.32 12.26 -0.68
N HIS A 240 13.80 13.23 0.09
CA HIS A 240 13.64 14.64 -0.28
C HIS A 240 14.57 14.98 -1.44
N LYS A 241 14.12 15.93 -2.27
CA LYS A 241 14.85 16.31 -3.47
C LYS A 241 15.92 17.33 -3.12
N ALA A 242 17.07 16.82 -2.71
CA ALA A 242 18.22 17.66 -2.44
C ALA A 242 18.90 18.05 -3.74
N ASN A 243 19.88 18.94 -3.63
CA ASN A 243 20.75 19.26 -4.76
C ASN A 243 21.64 18.06 -5.04
N GLU A 244 21.39 17.37 -6.15
CA GLU A 244 22.14 16.17 -6.49
C GLU A 244 23.41 16.51 -7.25
N THR A 245 24.35 17.17 -6.56
CA THR A 245 25.64 17.51 -7.14
C THR A 245 26.62 16.37 -6.91
N ASP A 246 26.32 15.20 -7.48
CA ASP A 246 27.09 14.00 -7.21
C ASP A 246 27.49 13.34 -8.53
N GLU A 247 28.42 12.40 -8.45
CA GLU A 247 28.91 11.65 -9.59
C GLU A 247 28.74 10.16 -9.31
N ASP A 248 27.53 9.77 -8.93
CA ASP A 248 27.24 8.43 -8.42
C ASP A 248 27.49 7.36 -9.47
N ASP A 249 27.92 6.19 -9.00
CA ASP A 249 28.32 5.09 -9.88
C ASP A 249 27.11 4.48 -10.55
N ILE A 250 27.19 4.28 -11.86
CA ILE A 250 26.10 3.65 -12.60
C ILE A 250 26.01 2.16 -12.25
N GLU A 251 27.15 1.47 -12.25
CA GLU A 251 27.16 0.03 -12.01
C GLU A 251 26.87 -0.32 -10.57
N GLY A 252 27.11 0.59 -9.63
CA GLY A 252 26.72 0.35 -8.25
C GLY A 252 25.29 0.71 -7.93
N ASN A 253 24.57 1.29 -8.89
CA ASN A 253 23.21 1.76 -8.68
C ASN A 253 22.29 1.35 -9.82
N LEU A 254 22.29 0.08 -10.19
CA LEU A 254 21.48 -0.36 -11.32
C LEU A 254 20.03 -0.57 -10.93
N LEU A 255 19.14 -0.51 -11.93
CA LEU A 255 17.70 -0.72 -11.74
C LEU A 255 17.40 -2.22 -11.84
N LEU A 256 17.85 -2.94 -10.83
CA LEU A 256 17.63 -4.37 -10.74
C LEU A 256 17.26 -4.73 -9.31
N PRO A 257 16.42 -5.75 -9.12
CA PRO A 257 16.19 -6.26 -7.77
C PRO A 257 17.42 -7.00 -7.25
N GLU A 258 17.43 -7.21 -5.94
CA GLU A 258 18.59 -7.82 -5.29
C GLU A 258 18.73 -9.29 -5.69
N GLY A 259 19.96 -9.69 -5.99
CA GLY A 259 20.25 -11.02 -6.46
C GLY A 259 20.34 -11.16 -7.97
N VAL A 260 19.79 -10.21 -8.72
CA VAL A 260 19.91 -10.25 -10.18
C VAL A 260 21.31 -9.77 -10.57
N PRO A 261 22.04 -10.53 -11.41
CA PRO A 261 23.38 -10.10 -11.80
C PRO A 261 23.33 -8.85 -12.66
N PRO A 262 24.37 -8.02 -12.63
CA PRO A 262 24.38 -6.80 -13.45
C PRO A 262 24.38 -7.06 -14.95
N GLU A 263 25.00 -8.14 -15.40
CA GLU A 263 24.95 -8.55 -16.80
C GLU A 263 24.00 -9.72 -16.93
N ARG A 264 22.99 -9.57 -17.77
CA ARG A 264 21.95 -10.58 -17.93
C ARG A 264 22.06 -11.22 -19.30
N GLN A 265 22.13 -12.54 -19.33
CA GLN A 265 22.21 -13.26 -20.59
C GLN A 265 20.85 -13.30 -21.27
N TRP A 266 20.85 -13.75 -22.53
CA TRP A 266 19.60 -14.04 -23.20
C TRP A 266 19.26 -15.51 -23.00
N ALA A 267 17.96 -15.79 -22.99
CA ALA A 267 17.48 -17.15 -22.78
C ALA A 267 16.21 -17.36 -23.60
N ARG A 268 15.89 -18.63 -23.83
CA ARG A 268 14.70 -19.02 -24.58
C ARG A 268 13.76 -19.79 -23.66
N PHE A 269 12.49 -19.38 -23.68
CA PHE A 269 11.45 -19.93 -22.80
C PHE A 269 10.56 -20.81 -23.67
N TYR A 270 10.80 -22.12 -23.62
CA TYR A 270 10.03 -23.09 -24.40
C TYR A 270 8.76 -23.42 -23.63
N VAL A 271 7.65 -22.79 -24.01
CA VAL A 271 6.35 -23.05 -23.38
C VAL A 271 5.68 -24.13 -24.22
N LYS A 272 6.00 -25.38 -23.90
CA LYS A 272 5.48 -26.52 -24.64
C LYS A 272 4.02 -26.78 -24.25
N ILE A 273 3.16 -26.95 -25.25
CA ILE A 273 1.73 -27.15 -25.05
C ILE A 273 1.35 -28.45 -25.74
N TYR A 274 0.93 -29.45 -24.96
CA TYR A 274 0.76 -30.78 -25.52
C TYR A 274 -0.69 -31.07 -25.94
N ARG A 275 -1.62 -31.06 -25.01
CA ARG A 275 -3.02 -31.34 -25.33
C ARG A 275 -3.90 -30.79 -24.22
N ALA A 276 -5.20 -30.80 -24.47
CA ALA A 276 -6.19 -30.36 -23.50
C ALA A 276 -7.35 -31.34 -23.46
N GLU A 277 -8.10 -31.31 -22.36
CA GLU A 277 -9.20 -32.21 -22.13
C GLU A 277 -10.36 -31.46 -21.48
N GLY A 278 -11.57 -31.97 -21.71
CA GLY A 278 -12.75 -31.50 -21.02
C GLY A 278 -13.22 -30.10 -21.33
N LEU A 279 -13.11 -29.67 -22.58
CA LEU A 279 -13.51 -28.31 -22.93
C LEU A 279 -15.02 -28.21 -23.04
N PRO A 280 -15.59 -27.05 -22.72
CA PRO A 280 -17.05 -26.89 -22.80
C PRO A 280 -17.50 -26.47 -24.20
N ARG A 281 -18.82 -26.33 -24.33
CA ARG A 281 -19.40 -25.85 -25.58
C ARG A 281 -19.19 -24.36 -25.73
N MET A 282 -18.81 -23.94 -26.94
CA MET A 282 -18.52 -22.53 -27.19
C MET A 282 -19.20 -21.95 -28.43
N ASN A 283 -19.55 -22.76 -29.44
CA ASN A 283 -20.17 -22.21 -30.63
C ASN A 283 -21.65 -21.92 -30.41
N THR A 284 -22.45 -22.96 -30.18
CA THR A 284 -23.86 -22.79 -29.83
C THR A 284 -24.15 -23.52 -28.53
N ASP A 300 -22.21 -25.94 -31.81
CA ASP A 300 -22.02 -26.42 -30.44
C ASP A 300 -20.62 -27.01 -30.24
N LEU A 301 -19.79 -26.96 -31.28
CA LEU A 301 -18.42 -27.42 -31.18
C LEU A 301 -17.53 -26.32 -30.60
N VAL A 302 -16.22 -26.55 -30.64
CA VAL A 302 -15.24 -25.59 -30.18
C VAL A 302 -13.98 -25.79 -31.02
N ASP A 303 -13.27 -24.69 -31.30
CA ASP A 303 -12.05 -24.71 -32.10
C ASP A 303 -10.93 -24.05 -31.31
N PRO A 304 -10.33 -24.75 -30.36
CA PRO A 304 -9.40 -24.10 -29.44
C PRO A 304 -7.98 -23.96 -29.97
N TYR A 305 -7.30 -22.97 -29.40
CA TYR A 305 -5.86 -22.79 -29.52
C TYR A 305 -5.38 -22.23 -28.19
N VAL A 306 -4.06 -22.20 -28.00
CA VAL A 306 -3.47 -21.69 -26.76
C VAL A 306 -2.60 -20.49 -27.09
N GLN A 307 -2.92 -19.36 -26.48
CA GLN A 307 -2.14 -18.14 -26.59
C GLN A 307 -1.39 -17.91 -25.28
N VAL A 308 -0.08 -17.70 -25.39
CA VAL A 308 0.79 -17.50 -24.23
C VAL A 308 1.33 -16.08 -24.27
N PHE A 309 1.15 -15.36 -23.16
CA PHE A 309 1.66 -14.01 -22.99
C PHE A 309 2.81 -14.04 -22.01
N PHE A 310 3.94 -13.42 -22.38
CA PHE A 310 5.08 -13.37 -21.48
C PHE A 310 5.87 -12.10 -21.74
N ALA A 311 5.93 -11.24 -20.72
CA ALA A 311 6.74 -10.00 -20.71
C ALA A 311 6.39 -9.07 -21.86
N GLY A 312 5.10 -8.98 -22.17
CA GLY A 312 4.63 -8.14 -23.25
C GLY A 312 4.62 -8.79 -24.61
N GLN A 313 5.32 -9.91 -24.78
CA GLN A 313 5.28 -10.66 -26.02
C GLN A 313 4.11 -11.64 -25.99
N LYS A 314 3.73 -12.12 -27.18
CA LYS A 314 2.69 -13.14 -27.25
C LYS A 314 2.92 -14.02 -28.47
N GLY A 315 2.48 -15.26 -28.35
CA GLY A 315 2.50 -16.20 -29.45
C GLY A 315 1.47 -17.27 -29.20
N LYS A 316 0.90 -17.78 -30.30
CA LYS A 316 -0.22 -18.70 -30.19
C LYS A 316 0.01 -19.93 -31.06
N THR A 317 -0.60 -21.03 -30.65
CA THR A 317 -0.50 -22.28 -31.39
C THR A 317 -1.52 -22.31 -32.52
N SER A 318 -1.53 -23.43 -33.24
CA SER A 318 -2.50 -23.61 -34.32
C SER A 318 -3.89 -23.90 -33.74
N VAL A 319 -4.89 -23.79 -34.60
CA VAL A 319 -6.27 -24.02 -34.18
C VAL A 319 -6.63 -25.47 -34.46
N GLN A 320 -6.97 -26.22 -33.41
CA GLN A 320 -7.43 -27.60 -33.54
C GLN A 320 -8.95 -27.57 -33.70
N LYS A 321 -9.40 -27.56 -34.95
CA LYS A 321 -10.80 -27.32 -35.26
C LYS A 321 -11.67 -28.52 -34.90
N SER A 322 -12.80 -28.22 -34.25
CA SER A 322 -13.86 -29.19 -33.93
C SER A 322 -13.35 -30.33 -33.05
N SER A 323 -12.92 -29.99 -31.84
CA SER A 323 -12.40 -30.99 -30.91
C SER A 323 -12.54 -30.50 -29.47
N TYR A 324 -13.21 -31.30 -28.64
CA TYR A 324 -13.20 -31.08 -27.21
C TYR A 324 -11.96 -31.63 -26.52
N GLU A 325 -11.19 -32.47 -27.21
CA GLU A 325 -9.92 -33.00 -26.71
C GLU A 325 -8.83 -32.67 -27.72
N PRO A 326 -8.40 -31.41 -27.79
CA PRO A 326 -7.45 -31.00 -28.83
C PRO A 326 -6.05 -31.51 -28.53
N LEU A 327 -5.24 -31.63 -29.58
CA LEU A 327 -3.87 -32.11 -29.48
C LEU A 327 -2.99 -31.25 -30.36
N TRP A 328 -2.09 -30.49 -29.75
CA TRP A 328 -1.20 -29.59 -30.46
C TRP A 328 0.20 -30.15 -30.62
N ASN A 329 0.86 -30.49 -29.49
CA ASN A 329 2.30 -30.78 -29.41
C ASN A 329 3.12 -29.66 -30.06
N GLU A 330 2.83 -28.43 -29.66
CA GLU A 330 3.48 -27.24 -30.21
C GLU A 330 4.00 -26.37 -29.07
N GLN A 331 5.23 -25.90 -29.21
CA GLN A 331 5.88 -25.08 -28.20
C GLN A 331 5.94 -23.64 -28.67
N VAL A 332 5.67 -22.71 -27.76
CA VAL A 332 5.79 -21.28 -28.04
C VAL A 332 7.06 -20.77 -27.38
N VAL A 333 8.01 -20.34 -28.20
CA VAL A 333 9.35 -20.00 -27.73
C VAL A 333 9.48 -18.47 -27.70
N PHE A 334 9.73 -17.94 -26.52
CA PHE A 334 10.01 -16.52 -26.34
C PHE A 334 11.50 -16.32 -26.13
N THR A 335 12.04 -15.24 -26.69
CA THR A 335 13.43 -14.87 -26.44
C THR A 335 13.43 -13.62 -25.58
N ASP A 336 14.02 -13.71 -24.40
CA ASP A 336 13.97 -12.62 -23.44
C ASP A 336 15.16 -12.73 -22.50
N LEU A 337 15.42 -11.64 -21.79
CA LEU A 337 16.55 -11.58 -20.87
C LEU A 337 16.31 -12.46 -19.65
N PHE A 338 17.41 -12.99 -19.11
CA PHE A 338 17.37 -13.86 -17.94
C PHE A 338 18.30 -13.34 -16.86
N PRO A 339 17.85 -13.27 -15.60
CA PRO A 339 16.51 -13.62 -15.08
C PRO A 339 15.46 -12.57 -15.42
N PRO A 340 14.26 -13.01 -15.78
CA PRO A 340 13.24 -12.07 -16.26
C PRO A 340 12.65 -11.26 -15.12
N LEU A 341 12.49 -9.96 -15.38
CA LEU A 341 11.89 -9.07 -14.42
C LEU A 341 10.38 -8.96 -14.59
N CYS A 342 9.81 -9.73 -15.51
CA CYS A 342 8.37 -9.91 -15.63
C CYS A 342 8.10 -11.36 -15.22
N LYS A 343 7.55 -11.55 -14.03
CA LYS A 343 7.61 -12.83 -13.35
C LYS A 343 6.35 -13.66 -13.44
N ARG A 344 5.39 -13.29 -14.29
CA ARG A 344 4.21 -14.12 -14.50
C ARG A 344 3.96 -14.29 -16.00
N MET A 345 3.45 -15.46 -16.36
CA MET A 345 3.19 -15.84 -17.74
C MET A 345 1.75 -16.32 -17.85
N LYS A 346 1.02 -15.77 -18.80
CA LYS A 346 -0.42 -16.00 -18.92
C LYS A 346 -0.69 -16.98 -20.04
N VAL A 347 -0.98 -18.23 -19.68
CA VAL A 347 -1.39 -19.26 -20.62
C VAL A 347 -2.92 -19.25 -20.69
N GLN A 348 -3.46 -19.17 -21.90
CA GLN A 348 -4.88 -18.90 -22.06
C GLN A 348 -5.41 -19.65 -23.28
N ILE A 349 -6.26 -20.65 -23.04
CA ILE A 349 -6.97 -21.31 -24.14
C ILE A 349 -8.06 -20.37 -24.62
N ARG A 350 -8.14 -20.19 -25.94
CA ARG A 350 -9.13 -19.33 -26.58
C ARG A 350 -9.84 -20.11 -27.67
N ASP A 351 -11.07 -19.71 -27.96
CA ASP A 351 -11.89 -20.33 -29.00
C ASP A 351 -11.87 -19.45 -30.24
N SER A 352 -11.54 -20.05 -31.38
CA SER A 352 -11.50 -19.32 -32.63
C SER A 352 -12.89 -19.20 -33.23
N ASP A 353 -13.34 -17.96 -33.43
CA ASP A 353 -14.60 -17.68 -34.10
C ASP A 353 -14.44 -16.42 -34.95
N LYS A 354 -15.11 -16.41 -36.09
CA LYS A 354 -15.06 -15.24 -36.97
C LYS A 354 -15.85 -14.08 -36.40
N VAL A 355 -16.86 -14.37 -35.57
CA VAL A 355 -17.66 -13.30 -34.97
C VAL A 355 -16.88 -12.61 -33.86
N ASN A 356 -16.49 -13.37 -32.84
CA ASN A 356 -15.73 -12.81 -31.72
C ASN A 356 -14.84 -13.90 -31.15
N ASP A 357 -13.58 -13.56 -30.90
CA ASP A 357 -12.67 -14.49 -30.26
C ASP A 357 -12.84 -14.38 -28.75
N VAL A 358 -13.10 -15.52 -28.10
CA VAL A 358 -13.52 -15.55 -26.71
C VAL A 358 -12.54 -16.42 -25.93
N ALA A 359 -12.33 -16.08 -24.65
CA ALA A 359 -11.44 -16.88 -23.81
C ALA A 359 -12.21 -18.03 -23.19
N ILE A 360 -11.55 -19.18 -23.08
CA ILE A 360 -12.15 -20.34 -22.41
C ILE A 360 -11.64 -20.45 -20.98
N GLY A 361 -10.33 -20.41 -20.78
CA GLY A 361 -9.77 -20.49 -19.45
C GLY A 361 -8.38 -19.91 -19.43
N THR A 362 -7.96 -19.49 -18.25
CA THR A 362 -6.68 -18.82 -18.05
C THR A 362 -5.98 -19.38 -16.81
N HIS A 363 -4.72 -19.73 -16.96
CA HIS A 363 -3.84 -20.09 -15.86
C HIS A 363 -2.60 -19.20 -15.92
N PHE A 364 -2.14 -18.76 -14.75
CA PHE A 364 -0.93 -17.95 -14.65
C PHE A 364 0.18 -18.79 -14.04
N ILE A 365 1.25 -18.97 -14.79
CA ILE A 365 2.47 -19.58 -14.26
C ILE A 365 3.27 -18.50 -13.56
N ASP A 366 3.57 -18.71 -12.29
CA ASP A 366 4.45 -17.79 -11.56
C ASP A 366 5.87 -18.33 -11.66
N LEU A 367 6.77 -17.52 -12.24
CA LEU A 367 8.15 -17.94 -12.41
C LEU A 367 8.92 -17.95 -11.10
N ARG A 368 8.43 -17.23 -10.08
CA ARG A 368 9.04 -17.31 -8.76
C ARG A 368 8.82 -18.69 -8.15
N LYS A 369 7.67 -19.29 -8.42
CA LYS A 369 7.30 -20.57 -7.81
C LYS A 369 7.92 -21.77 -8.52
N ILE A 370 8.46 -21.59 -9.72
CA ILE A 370 9.01 -22.69 -10.49
C ILE A 370 10.51 -22.52 -10.72
N SER A 371 11.15 -21.62 -9.98
CA SER A 371 12.59 -21.40 -10.13
C SER A 371 13.19 -20.93 -8.82
N ASN A 372 14.51 -20.92 -8.77
CA ASN A 372 15.27 -20.37 -7.66
C ASN A 372 16.53 -19.73 -8.21
N ASP A 373 16.95 -18.64 -7.58
CA ASP A 373 18.12 -17.90 -8.04
C ASP A 373 19.38 -18.34 -7.28
N GLY A 374 20.53 -17.96 -7.83
CA GLY A 374 21.80 -18.29 -7.23
C GLY A 374 22.43 -19.54 -7.81
N ASP A 375 23.60 -19.88 -7.28
CA ASP A 375 24.30 -21.08 -7.71
C ASP A 375 23.59 -22.34 -7.24
N LYS A 376 22.96 -22.29 -6.06
CA LYS A 376 22.18 -23.40 -5.55
C LYS A 376 20.80 -23.50 -6.21
N GLY A 377 20.39 -22.48 -6.95
CA GLY A 377 19.08 -22.47 -7.58
C GLY A 377 19.03 -23.27 -8.86
N PHE A 378 17.95 -23.07 -9.60
CA PHE A 378 17.70 -23.82 -10.83
C PHE A 378 16.90 -22.97 -11.79
N LEU A 379 16.99 -23.30 -13.07
CA LEU A 379 16.29 -22.57 -14.11
C LEU A 379 14.77 -22.84 -14.03
N PRO A 380 13.95 -21.92 -14.52
CA PRO A 380 12.49 -22.14 -14.51
C PRO A 380 12.09 -23.33 -15.36
N THR A 381 11.59 -24.36 -14.69
CA THR A 381 11.14 -25.58 -15.37
C THR A 381 9.78 -25.94 -14.84
N LEU A 382 8.98 -26.58 -15.69
CA LEU A 382 7.67 -27.08 -15.32
C LEU A 382 7.34 -28.23 -16.25
N GLY A 383 6.52 -29.15 -15.78
CA GLY A 383 5.95 -30.15 -16.63
C GLY A 383 6.89 -31.28 -17.01
N PRO A 384 6.43 -32.21 -17.87
CA PRO A 384 5.10 -32.29 -18.50
C PRO A 384 4.01 -32.77 -17.54
N ALA A 385 3.12 -31.84 -17.19
CA ALA A 385 2.13 -32.07 -16.16
C ALA A 385 0.89 -31.25 -16.47
N TRP A 386 -0.22 -31.65 -15.86
CA TRP A 386 -1.49 -31.01 -16.13
C TRP A 386 -1.64 -29.72 -15.34
N VAL A 387 -2.52 -28.86 -15.83
CA VAL A 387 -2.82 -27.57 -15.22
C VAL A 387 -4.32 -27.36 -15.33
N ASN A 388 -4.95 -26.93 -14.24
CA ASN A 388 -6.40 -26.80 -14.19
C ASN A 388 -6.78 -25.34 -14.38
N MET A 389 -7.71 -25.09 -15.29
CA MET A 389 -8.18 -23.75 -15.61
C MET A 389 -9.63 -23.60 -15.17
N TYR A 390 -9.95 -22.46 -14.57
CA TYR A 390 -11.27 -22.20 -14.05
C TYR A 390 -11.78 -20.88 -14.61
N GLY A 391 -13.10 -20.73 -14.63
CA GLY A 391 -13.72 -19.55 -15.21
C GLY A 391 -15.22 -19.51 -14.98
N SER A 392 -15.97 -19.10 -15.99
CA SER A 392 -17.41 -18.97 -15.85
C SER A 392 -18.08 -20.34 -15.88
N THR A 393 -19.40 -20.32 -15.67
CA THR A 393 -20.20 -21.54 -15.80
C THR A 393 -20.22 -21.99 -17.26
N ARG A 394 -20.16 -23.30 -17.46
CA ARG A 394 -19.89 -23.85 -18.78
C ARG A 394 -21.15 -24.01 -19.63
N ASN A 395 -22.32 -23.63 -19.14
CA ASN A 395 -23.49 -23.57 -19.99
C ASN A 395 -23.36 -22.41 -20.97
N TYR A 396 -23.82 -22.60 -22.19
CA TYR A 396 -23.63 -21.59 -23.23
C TYR A 396 -24.69 -20.50 -23.10
N THR A 397 -24.25 -19.25 -23.24
CA THR A 397 -25.13 -18.09 -23.31
C THR A 397 -24.65 -17.20 -24.45
N LEU A 398 -25.59 -16.42 -25.00
CA LEU A 398 -25.24 -15.47 -26.05
C LEU A 398 -24.34 -14.37 -25.52
N LEU A 399 -24.65 -13.85 -24.33
CA LEU A 399 -23.81 -12.88 -23.64
C LEU A 399 -23.51 -13.40 -22.24
N ASP A 400 -22.22 -13.48 -21.90
CA ASP A 400 -21.78 -14.02 -20.63
C ASP A 400 -21.34 -12.85 -19.75
N GLU A 401 -22.02 -12.66 -18.62
CA GLU A 401 -21.63 -11.61 -17.69
C GLU A 401 -20.41 -12.00 -16.86
N HIS A 402 -20.08 -13.28 -16.81
CA HIS A 402 -18.89 -13.77 -16.12
C HIS A 402 -17.76 -14.08 -17.09
N GLN A 403 -17.67 -13.35 -18.20
CA GLN A 403 -16.63 -13.58 -19.19
C GLN A 403 -15.26 -13.18 -18.65
N ASP A 404 -15.23 -12.26 -17.68
CA ASP A 404 -13.98 -11.86 -17.06
C ASP A 404 -13.35 -12.98 -16.25
N LEU A 405 -14.15 -13.95 -15.79
CA LEU A 405 -13.61 -15.12 -15.12
C LEU A 405 -12.88 -16.03 -16.10
N ASN A 406 -13.34 -16.08 -17.35
CA ASN A 406 -12.62 -16.84 -18.36
C ASN A 406 -11.31 -16.18 -18.75
N GLU A 407 -11.17 -14.88 -18.49
CA GLU A 407 -9.93 -14.16 -18.73
C GLU A 407 -8.98 -14.24 -17.54
N GLY A 408 -9.37 -14.92 -16.46
CA GLY A 408 -8.54 -15.05 -15.30
C GLY A 408 -8.53 -13.86 -14.36
N LEU A 409 -9.50 -12.96 -14.49
CA LEU A 409 -9.51 -11.74 -13.69
C LEU A 409 -10.26 -11.88 -12.38
N GLY A 410 -10.77 -13.07 -12.08
CA GLY A 410 -11.42 -13.31 -10.81
C GLY A 410 -11.29 -14.77 -10.43
N GLU A 411 -11.90 -15.13 -9.31
CA GLU A 411 -11.88 -16.51 -8.87
C GLU A 411 -12.83 -17.33 -9.73
N GLY A 412 -12.35 -18.47 -10.23
CA GLY A 412 -13.16 -19.28 -11.12
C GLY A 412 -14.26 -20.00 -10.37
N VAL A 413 -15.44 -20.05 -10.99
CA VAL A 413 -16.62 -20.66 -10.40
C VAL A 413 -16.95 -22.01 -11.01
N SER A 414 -16.26 -22.42 -12.07
CA SER A 414 -16.51 -23.71 -12.68
C SER A 414 -15.24 -24.19 -13.37
N PHE A 415 -15.13 -25.51 -13.51
CA PHE A 415 -14.00 -26.09 -14.22
C PHE A 415 -14.19 -25.90 -15.73
N ARG A 416 -13.17 -25.34 -16.37
CA ARG A 416 -13.23 -25.08 -17.81
C ARG A 416 -12.51 -26.13 -18.63
N ALA A 417 -11.22 -26.34 -18.39
CA ALA A 417 -10.44 -27.33 -19.11
C ALA A 417 -9.21 -27.66 -18.28
N ARG A 418 -8.56 -28.75 -18.63
CA ARG A 418 -7.24 -29.07 -18.09
C ARG A 418 -6.28 -29.27 -19.25
N LEU A 419 -5.04 -28.82 -19.07
CA LEU A 419 -4.08 -28.65 -20.15
C LEU A 419 -2.72 -29.18 -19.74
N MET A 420 -2.21 -30.18 -20.47
CA MET A 420 -0.83 -30.59 -20.30
C MET A 420 0.08 -29.49 -20.80
N LEU A 421 1.18 -29.26 -20.08
CA LEU A 421 1.97 -28.07 -20.28
C LEU A 421 3.36 -28.30 -19.72
N GLY A 422 4.33 -27.65 -20.33
CA GLY A 422 5.71 -27.72 -19.88
C GLY A 422 6.39 -26.41 -20.11
N LEU A 423 7.46 -26.18 -19.36
CA LEU A 423 8.27 -24.98 -19.49
C LEU A 423 9.74 -25.36 -19.34
N ALA A 424 10.58 -24.80 -20.19
CA ALA A 424 12.01 -25.01 -20.13
C ALA A 424 12.72 -23.70 -20.43
N VAL A 425 13.89 -23.52 -19.83
CA VAL A 425 14.72 -22.35 -20.07
C VAL A 425 16.09 -22.83 -20.51
N GLU A 426 16.53 -22.38 -21.68
CA GLU A 426 17.86 -22.66 -22.19
C GLU A 426 18.58 -21.33 -22.34
N ILE A 427 19.70 -21.17 -21.63
CA ILE A 427 20.46 -19.94 -21.72
C ILE A 427 21.28 -19.96 -23.00
N LEU A 428 21.04 -18.98 -23.86
CA LEU A 428 21.68 -18.93 -25.17
C LEU A 428 23.14 -18.49 -25.06
N ASP A 429 23.96 -19.03 -25.95
CA ASP A 429 25.35 -18.57 -26.10
C ASP A 429 25.35 -17.42 -27.11
N THR A 430 25.35 -16.19 -26.59
CA THR A 430 25.23 -15.02 -27.43
C THR A 430 26.50 -14.74 -28.23
N SER A 431 27.65 -15.27 -27.83
CA SER A 431 28.87 -15.09 -28.60
C SER A 431 28.98 -16.05 -29.76
N ASN A 432 28.14 -17.07 -29.81
CA ASN A 432 28.19 -18.07 -30.87
C ASN A 432 27.45 -17.58 -32.10
N PRO A 433 28.11 -17.51 -33.27
CA PRO A 433 27.44 -16.94 -34.45
C PRO A 433 26.55 -17.91 -35.22
N GLU A 434 26.45 -19.18 -34.82
CA GLU A 434 25.74 -20.15 -35.65
C GLU A 434 24.23 -19.99 -35.55
N LEU A 435 23.74 -19.64 -34.36
CA LEU A 435 22.30 -19.48 -34.20
C LEU A 435 21.88 -18.07 -34.61
N THR A 436 20.61 -17.94 -34.98
CA THR A 436 20.09 -16.63 -35.37
C THR A 436 19.95 -15.72 -34.16
N SER A 437 20.20 -14.43 -34.37
CA SER A 437 20.17 -13.46 -33.29
C SER A 437 18.83 -12.76 -33.16
N SER A 438 17.84 -13.14 -33.95
CA SER A 438 16.53 -12.52 -33.87
C SER A 438 15.78 -13.01 -32.63
N THR A 439 14.85 -12.19 -32.14
CA THR A 439 14.17 -12.43 -30.89
C THR A 439 12.68 -12.69 -31.04
N GLU A 440 12.17 -12.81 -32.26
CA GLU A 440 10.73 -12.90 -32.46
C GLU A 440 10.22 -14.25 -32.01
N VAL A 441 8.94 -14.29 -31.65
CA VAL A 441 8.34 -15.46 -30.99
C VAL A 441 8.15 -16.57 -32.04
N GLN A 442 8.80 -17.71 -31.80
CA GLN A 442 8.66 -18.86 -32.66
C GLN A 442 7.54 -19.77 -32.17
N VAL A 443 6.91 -20.47 -33.12
CA VAL A 443 5.98 -21.54 -32.82
C VAL A 443 6.46 -22.78 -33.56
N GLU A 444 7.03 -23.73 -32.81
CA GLU A 444 7.63 -24.91 -33.40
C GLU A 444 6.89 -26.15 -32.95
N GLN A 445 7.26 -27.29 -33.52
CA GLN A 445 6.69 -28.57 -33.12
C GLN A 445 7.47 -29.13 -31.94
N ALA A 446 6.84 -29.18 -30.77
CA ALA A 446 7.46 -29.74 -29.59
C ALA A 446 7.50 -31.26 -29.68
N THR A 447 8.43 -31.85 -28.94
CA THR A 447 8.51 -33.30 -28.87
C THR A 447 7.34 -33.84 -28.06
N PRO A 448 6.53 -34.75 -28.59
CA PRO A 448 5.39 -35.27 -27.84
C PRO A 448 5.83 -36.16 -26.68
N VAL A 449 4.99 -36.17 -25.65
CA VAL A 449 5.25 -36.93 -24.43
C VAL A 449 4.13 -37.92 -24.23
N SER A 450 4.44 -38.98 -23.49
CA SER A 450 3.44 -40.01 -23.19
C SER A 450 2.56 -39.58 -22.03
N GLU A 451 1.44 -40.30 -21.86
CA GLU A 451 0.54 -40.02 -20.73
C GLU A 451 1.11 -40.55 -19.43
N SER A 452 2.08 -41.47 -19.51
CA SER A 452 2.65 -42.06 -18.30
C SER A 452 3.64 -41.13 -17.62
N CYS A 453 4.05 -40.06 -18.29
CA CYS A 453 4.98 -39.11 -17.67
C CYS A 453 4.28 -38.26 -16.62
N THR A 454 2.97 -38.08 -16.72
CA THR A 454 2.21 -37.32 -15.75
C THR A 454 1.71 -38.17 -14.58
N GLY A 455 1.96 -39.47 -14.61
CA GLY A 455 1.45 -40.35 -13.58
C GLY A 455 0.38 -41.25 -14.16
N ARG A 456 0.29 -42.47 -13.63
CA ARG A 456 -0.71 -43.42 -14.08
C ARG A 456 -2.10 -42.99 -13.58
N MET A 457 -3.12 -43.28 -14.39
CA MET A 457 -4.48 -42.91 -14.04
C MET A 457 -4.99 -43.81 -12.93
N GLU A 458 -5.44 -43.19 -11.83
CA GLU A 458 -5.96 -43.89 -10.68
C GLU A 458 -7.39 -43.44 -10.40
N GLU A 459 -8.17 -44.34 -9.82
CA GLU A 459 -9.58 -44.06 -9.56
C GLU A 459 -9.72 -43.36 -8.21
N PHE A 460 -10.24 -42.15 -8.23
CA PHE A 460 -10.50 -41.37 -7.02
C PHE A 460 -11.99 -41.38 -6.71
N PHE A 461 -12.30 -41.49 -5.42
CA PHE A 461 -13.66 -41.52 -4.92
C PHE A 461 -13.90 -40.28 -4.06
N LEU A 462 -14.92 -39.51 -4.40
CA LEU A 462 -15.32 -38.33 -3.64
C LEU A 462 -16.68 -38.62 -3.01
N PHE A 463 -16.80 -38.36 -1.72
CA PHE A 463 -18.05 -38.57 -0.99
C PHE A 463 -18.43 -37.29 -0.28
N GLY A 464 -19.72 -37.00 -0.26
CA GLY A 464 -20.23 -35.84 0.45
C GLY A 464 -21.49 -36.20 1.21
N ALA A 465 -21.71 -35.46 2.28
CA ALA A 465 -22.90 -35.63 3.12
C ALA A 465 -23.37 -34.26 3.57
N PHE A 466 -24.50 -33.82 3.01
CA PHE A 466 -25.06 -32.51 3.33
C PHE A 466 -25.82 -32.63 4.64
N LEU A 467 -25.12 -32.40 5.75
CA LEU A 467 -25.74 -32.52 7.07
C LEU A 467 -26.68 -31.37 7.36
N GLU A 468 -26.42 -30.19 6.83
CA GLU A 468 -27.24 -29.03 7.11
C GLU A 468 -27.18 -28.07 5.94
N ALA A 469 -28.34 -27.57 5.53
CA ALA A 469 -28.44 -26.49 4.55
C ALA A 469 -29.41 -25.46 5.10
N SER A 470 -28.88 -24.31 5.48
CA SER A 470 -29.70 -23.23 6.02
C SER A 470 -29.21 -21.91 5.46
N MET A 471 -29.87 -20.83 5.90
CA MET A 471 -29.51 -19.45 5.58
C MET A 471 -29.49 -19.20 4.07
N ILE A 472 -30.44 -19.80 3.37
CA ILE A 472 -30.58 -19.63 1.92
C ILE A 472 -31.29 -18.31 1.68
N ASP A 473 -30.79 -17.54 0.71
CA ASP A 473 -31.40 -16.24 0.39
C ASP A 473 -32.82 -16.41 -0.12
N ARG A 474 -33.75 -15.65 0.44
CA ARG A 474 -35.16 -15.78 0.10
C ARG A 474 -35.52 -15.16 -1.24
N LYS A 475 -34.58 -14.44 -1.87
CA LYS A 475 -34.85 -13.86 -3.18
C LYS A 475 -34.80 -14.89 -4.30
N ASN A 476 -34.40 -16.13 -4.02
CA ASN A 476 -34.34 -17.18 -5.02
C ASN A 476 -35.18 -18.40 -4.65
N GLY A 477 -35.43 -18.62 -3.36
CA GLY A 477 -35.90 -19.90 -2.89
C GLY A 477 -37.40 -20.15 -2.86
N ASP A 478 -38.13 -19.60 -3.83
CA ASP A 478 -39.55 -19.92 -3.95
C ASP A 478 -39.78 -21.35 -4.41
N LYS A 479 -38.77 -21.97 -5.02
CA LYS A 479 -38.86 -23.19 -5.80
C LYS A 479 -37.85 -24.19 -5.23
N PRO A 480 -38.04 -25.50 -5.47
CA PRO A 480 -37.17 -26.51 -4.83
C PRO A 480 -35.70 -26.40 -5.22
N ILE A 481 -34.84 -26.80 -4.29
CA ILE A 481 -33.41 -26.49 -4.31
C ILE A 481 -32.61 -27.78 -4.26
N THR A 482 -31.68 -27.94 -5.21
CA THR A 482 -30.74 -29.04 -5.22
C THR A 482 -29.34 -28.51 -4.96
N PHE A 483 -28.45 -29.40 -4.57
CA PHE A 483 -27.03 -29.11 -4.45
C PHE A 483 -26.25 -30.10 -5.31
N GLU A 484 -25.53 -29.59 -6.30
CA GLU A 484 -24.77 -30.42 -7.22
C GLU A 484 -23.29 -30.26 -6.96
N VAL A 485 -22.62 -31.36 -6.71
CA VAL A 485 -21.18 -31.39 -6.51
C VAL A 485 -20.52 -31.89 -7.78
N THR A 486 -19.50 -31.16 -8.23
CA THR A 486 -18.75 -31.51 -9.43
C THR A 486 -17.26 -31.43 -9.11
N ILE A 487 -16.51 -32.43 -9.58
CA ILE A 487 -15.04 -32.37 -9.52
C ILE A 487 -14.52 -32.56 -10.94
N GLY A 488 -13.88 -31.53 -11.48
CA GLY A 488 -13.58 -31.53 -12.91
C GLY A 488 -14.86 -31.46 -13.71
N ASN A 489 -14.99 -32.37 -14.68
CA ASN A 489 -16.25 -32.56 -15.38
C ASN A 489 -17.03 -33.76 -14.87
N TYR A 490 -16.52 -34.47 -13.88
CA TYR A 490 -17.22 -35.60 -13.30
C TYR A 490 -18.35 -35.12 -12.42
N GLY A 491 -19.56 -35.62 -12.67
CA GLY A 491 -20.72 -35.22 -11.92
C GLY A 491 -21.42 -33.99 -12.44
N ASN A 492 -21.02 -33.46 -13.59
CA ASN A 492 -21.69 -32.30 -14.19
C ASN A 492 -22.80 -32.83 -15.08
N GLU A 493 -23.95 -33.11 -14.46
CA GLU A 493 -25.08 -33.74 -15.14
C GLU A 493 -25.85 -32.77 -16.02
N VAL A 494 -25.92 -31.50 -15.63
CA VAL A 494 -26.83 -30.57 -16.30
C VAL A 494 -26.18 -29.98 -17.55
N ASP A 495 -24.85 -29.95 -17.59
CA ASP A 495 -24.16 -29.31 -18.71
C ASP A 495 -23.66 -30.30 -19.76
N GLY A 496 -23.92 -31.59 -19.60
CA GLY A 496 -23.50 -32.56 -20.59
C GLY A 496 -22.28 -33.35 -20.20
N MET A 497 -22.12 -34.54 -20.79
CA MET A 497 -21.02 -35.44 -20.45
C MET A 497 -19.82 -35.16 -21.34
N SER A 498 -18.98 -34.23 -20.89
CA SER A 498 -17.65 -34.06 -21.47
C SER A 498 -16.65 -34.81 -20.62
N ARG A 499 -16.80 -36.13 -20.55
CA ARG A 499 -16.09 -36.94 -19.58
C ARG A 499 -15.55 -38.21 -20.23
N PRO A 500 -14.27 -38.54 -20.04
CA PRO A 500 -13.78 -39.86 -20.47
C PRO A 500 -13.92 -40.92 -19.38
N LEU A 501 -14.32 -42.12 -19.75
CA LEU A 501 -14.42 -43.21 -18.79
C LEU A 501 -13.10 -43.97 -18.75
N ARG A 502 -12.41 -43.90 -17.62
CA ARG A 502 -11.10 -44.53 -17.49
C ARG A 502 -11.10 -45.58 -16.40
N ALA A 529 -16.97 -50.31 -6.73
CA ALA A 529 -17.83 -51.37 -7.25
C ALA A 529 -17.93 -51.29 -8.75
N GLY A 530 -18.31 -52.41 -9.37
CA GLY A 530 -18.43 -52.45 -10.83
C GLY A 530 -19.69 -51.73 -11.29
N ASP A 531 -19.52 -50.85 -12.29
CA ASP A 531 -20.59 -50.05 -12.91
C ASP A 531 -21.34 -49.21 -11.87
N LEU A 532 -20.61 -48.58 -10.95
CA LEU A 532 -21.22 -47.73 -9.95
C LEU A 532 -21.62 -46.40 -10.57
N ALA A 533 -22.91 -46.12 -10.58
CA ALA A 533 -23.42 -44.87 -11.14
C ALA A 533 -23.23 -43.75 -10.13
N SER A 534 -22.59 -42.66 -10.57
CA SER A 534 -22.33 -41.55 -9.66
C SER A 534 -23.59 -40.72 -9.45
N VAL A 535 -23.92 -40.47 -8.20
CA VAL A 535 -25.03 -39.60 -7.82
C VAL A 535 -24.41 -38.32 -7.31
N SER A 536 -24.44 -37.27 -8.12
CA SER A 536 -23.73 -36.04 -7.78
C SER A 536 -24.64 -34.94 -7.28
N SER A 537 -25.94 -35.13 -7.26
CA SER A 537 -26.87 -34.09 -6.87
C SER A 537 -27.81 -34.60 -5.77
N THR A 538 -28.12 -33.72 -4.82
CA THR A 538 -29.11 -34.02 -3.80
C THR A 538 -30.50 -34.03 -4.44
N PRO A 539 -31.44 -34.80 -3.86
CA PRO A 539 -32.82 -34.73 -4.35
C PRO A 539 -33.43 -33.37 -4.07
N PRO A 540 -34.34 -32.90 -4.93
CA PRO A 540 -34.92 -31.57 -4.71
C PRO A 540 -35.88 -31.55 -3.53
N MET A 541 -35.86 -30.44 -2.79
CA MET A 541 -36.66 -30.29 -1.59
C MET A 541 -37.04 -28.83 -1.40
N ARG A 542 -38.31 -28.60 -1.11
CA ARG A 542 -38.86 -27.26 -0.97
C ARG A 542 -38.35 -26.59 0.30
N PRO A 543 -37.90 -25.32 0.23
CA PRO A 543 -37.40 -24.66 1.44
C PRO A 543 -38.53 -24.29 2.39
N GLN A 544 -38.17 -24.17 3.67
CA GLN A 544 -39.07 -23.69 4.71
C GLN A 544 -38.54 -22.38 5.28
N ILE A 545 -39.45 -21.57 5.80
CA ILE A 545 -39.09 -20.21 6.22
C ILE A 545 -38.36 -20.26 7.56
N THR A 546 -37.16 -19.70 7.59
CA THR A 546 -36.50 -19.41 8.86
C THR A 546 -36.95 -18.06 9.41
N ASP A 547 -36.89 -17.03 8.57
CA ASP A 547 -37.34 -15.68 8.91
C ASP A 547 -37.66 -14.91 7.64
N ARG A 548 -37.77 -13.59 7.74
CA ARG A 548 -38.15 -12.77 6.59
C ARG A 548 -37.06 -12.68 5.53
N ASN A 549 -35.82 -13.09 5.84
CA ASN A 549 -34.72 -12.99 4.91
C ASN A 549 -34.12 -14.32 4.50
N TYR A 550 -34.38 -15.41 5.22
CA TYR A 550 -33.68 -16.66 4.98
C TYR A 550 -34.61 -17.87 5.03
N PHE A 551 -34.25 -18.87 4.24
CA PHE A 551 -34.86 -20.19 4.25
C PHE A 551 -33.93 -21.20 4.93
N HIS A 552 -34.40 -22.44 4.98
CA HIS A 552 -33.58 -23.59 5.33
C HIS A 552 -34.21 -24.83 4.72
N LEU A 553 -33.39 -25.75 4.30
CA LEU A 553 -33.91 -27.02 3.83
C LEU A 553 -34.13 -27.95 5.00
N PRO A 554 -35.30 -28.56 5.14
CA PRO A 554 -35.57 -29.48 6.26
C PRO A 554 -34.99 -30.87 6.03
N TYR A 555 -33.67 -30.99 6.21
CA TYR A 555 -33.04 -32.30 6.13
C TYR A 555 -33.46 -33.17 7.31
N LEU A 556 -33.45 -32.59 8.52
CA LEU A 556 -33.72 -33.26 9.80
C LEU A 556 -32.81 -34.47 9.98
N GLU A 557 -33.40 -35.66 10.14
CA GLU A 557 -32.61 -36.86 10.30
C GLU A 557 -32.11 -37.43 8.96
N ARG A 558 -32.69 -37.00 7.85
CA ARG A 558 -32.37 -37.57 6.54
C ARG A 558 -31.43 -36.60 5.81
N LYS A 559 -30.13 -36.83 5.98
CA LYS A 559 -29.13 -36.03 5.30
C LYS A 559 -28.87 -36.61 3.90
N PRO A 560 -29.02 -35.83 2.84
CA PRO A 560 -28.71 -36.34 1.51
C PRO A 560 -27.21 -36.49 1.31
N CYS A 561 -26.83 -37.39 0.42
CA CYS A 561 -25.43 -37.71 0.18
C CYS A 561 -25.14 -37.76 -1.32
N ILE A 562 -23.87 -37.53 -1.65
CA ILE A 562 -23.38 -37.62 -3.02
C ILE A 562 -22.16 -38.52 -3.04
N TYR A 563 -21.91 -39.14 -4.19
CA TYR A 563 -20.68 -39.87 -4.42
C TYR A 563 -20.34 -39.81 -5.91
N ILE A 564 -19.08 -39.48 -6.21
CA ILE A 564 -18.60 -39.27 -7.56
C ILE A 564 -17.35 -40.10 -7.77
N LYS A 565 -17.34 -40.91 -8.83
CA LYS A 565 -16.12 -41.58 -9.25
C LYS A 565 -15.44 -40.76 -10.34
N SER A 566 -14.13 -40.56 -10.18
CA SER A 566 -13.35 -39.77 -11.12
C SER A 566 -12.02 -40.46 -11.36
N TRP A 567 -11.30 -40.00 -12.39
CA TRP A 567 -10.00 -40.54 -12.73
C TRP A 567 -9.02 -39.41 -12.99
N TRP A 568 -7.93 -39.40 -12.24
CA TRP A 568 -6.91 -38.37 -12.32
C TRP A 568 -5.55 -39.04 -12.31
N PRO A 569 -4.51 -38.38 -12.82
CA PRO A 569 -3.14 -38.89 -12.65
C PRO A 569 -2.75 -38.93 -11.18
N ASP A 570 -1.96 -39.95 -10.83
CA ASP A 570 -1.58 -40.20 -9.44
C ASP A 570 -0.38 -39.33 -9.09
N GLN A 571 -0.67 -38.06 -8.79
CA GLN A 571 0.31 -37.11 -8.30
C GLN A 571 -0.07 -36.66 -6.89
N ARG A 572 -0.40 -37.63 -6.04
CA ARG A 572 -0.81 -37.33 -4.67
C ARG A 572 0.35 -36.83 -3.81
N ARG A 573 1.60 -37.07 -4.24
CA ARG A 573 2.75 -36.66 -3.46
C ARG A 573 2.89 -35.15 -3.42
N ARG A 574 2.55 -34.46 -4.53
CA ARG A 574 2.54 -33.00 -4.56
C ARG A 574 1.53 -32.44 -3.57
N LEU A 575 0.33 -33.01 -3.56
CA LEU A 575 -0.70 -32.56 -2.65
C LEU A 575 -0.37 -32.91 -1.20
N TYR A 576 0.35 -34.02 -0.99
CA TYR A 576 0.77 -34.39 0.37
C TYR A 576 1.82 -33.43 0.90
N ASN A 577 2.81 -33.06 0.07
CA ASN A 577 3.82 -32.10 0.49
C ASN A 577 3.22 -30.73 0.73
N ALA A 578 2.28 -30.32 -0.14
CA ALA A 578 1.56 -29.06 0.07
C ALA A 578 0.69 -29.13 1.32
N ASN A 579 0.14 -30.31 1.63
CA ASN A 579 -0.66 -30.47 2.84
C ASN A 579 0.19 -30.37 4.09
N ILE A 580 1.40 -30.94 4.06
CA ILE A 580 2.31 -30.85 5.22
C ILE A 580 2.72 -29.40 5.45
N MET A 581 3.15 -28.71 4.40
CA MET A 581 3.63 -27.35 4.58
C MET A 581 2.49 -26.38 4.86
N ASP A 582 1.30 -26.65 4.33
CA ASP A 582 0.14 -25.84 4.68
C ASP A 582 -0.38 -26.16 6.07
N HIS A 583 -0.14 -27.38 6.57
CA HIS A 583 -0.46 -27.71 7.96
C HIS A 583 0.44 -26.94 8.91
N ILE A 584 1.74 -26.86 8.58
CA ILE A 584 2.68 -26.04 9.35
C ILE A 584 2.28 -24.57 9.30
N ALA A 585 1.89 -24.10 8.11
CA ALA A 585 1.46 -22.71 7.95
C ALA A 585 0.17 -22.42 8.70
N ASP A 586 -0.76 -23.38 8.73
CA ASP A 586 -2.01 -23.21 9.46
C ASP A 586 -1.78 -23.14 10.95
N LYS A 587 -0.91 -24.01 11.48
CA LYS A 587 -0.59 -23.95 12.90
C LYS A 587 0.16 -22.67 13.26
N LEU A 588 1.04 -22.21 12.37
CA LEU A 588 1.77 -20.97 12.60
C LEU A 588 0.83 -19.76 12.57
N GLU A 589 -0.11 -19.75 11.62
CA GLU A 589 -1.05 -18.64 11.51
C GLU A 589 -2.00 -18.60 12.71
N GLU A 590 -2.47 -19.78 13.15
CA GLU A 590 -3.30 -19.87 14.35
C GLU A 590 -2.53 -19.40 15.58
N GLY A 591 -1.25 -19.74 15.67
CA GLY A 591 -0.45 -19.29 16.80
C GLY A 591 -0.19 -17.80 16.80
N LEU A 592 0.08 -17.23 15.61
CA LEU A 592 0.29 -15.78 15.54
C LEU A 592 -1.00 -15.01 15.81
N ASN A 593 -2.14 -15.55 15.38
CA ASN A 593 -3.42 -14.95 15.73
C ASN A 593 -3.68 -15.05 17.22
N ASP A 594 -3.25 -16.16 17.84
CA ASP A 594 -3.34 -16.33 19.29
C ASP A 594 -2.51 -15.27 20.01
N VAL A 595 -1.28 -15.04 19.54
CA VAL A 595 -0.39 -14.06 20.15
C VAL A 595 -0.94 -12.65 19.98
N GLN A 596 -1.44 -12.33 18.79
CA GLN A 596 -2.01 -11.01 18.53
C GLN A 596 -3.26 -10.75 19.36
N GLU A 597 -4.11 -11.78 19.49
CA GLU A 597 -5.33 -11.63 20.27
C GLU A 597 -5.04 -11.50 21.76
N MET A 598 -4.06 -12.26 22.28
CA MET A 598 -3.71 -12.10 23.68
C MET A 598 -2.89 -10.84 23.94
N ILE A 599 -2.29 -10.26 22.90
CA ILE A 599 -1.73 -8.92 23.04
C ILE A 599 -2.84 -7.88 23.13
N LYS A 600 -3.88 -8.03 22.30
CA LYS A 600 -4.95 -7.04 22.23
C LYS A 600 -5.82 -7.05 23.48
N THR A 601 -6.13 -8.23 24.01
CA THR A 601 -6.94 -8.36 25.21
C THR A 601 -6.10 -8.38 26.49
N GLU A 602 -4.79 -8.14 26.37
CA GLU A 602 -3.86 -7.92 27.50
C GLU A 602 -3.80 -9.13 28.43
N LYS A 603 -3.76 -10.32 27.86
CA LYS A 603 -3.50 -11.52 28.63
C LYS A 603 -2.04 -11.55 29.09
N SER A 604 -1.79 -12.25 30.17
CA SER A 604 -0.47 -12.26 30.78
C SER A 604 0.50 -13.13 29.99
N TYR A 605 1.74 -12.63 29.84
CA TYR A 605 2.91 -13.30 29.28
C TYR A 605 2.71 -13.79 27.84
N PRO A 606 2.67 -12.89 26.85
CA PRO A 606 2.58 -13.36 25.46
C PRO A 606 3.88 -13.94 24.92
N GLU A 607 5.01 -13.68 25.60
CA GLU A 607 6.30 -14.18 25.14
C GLU A 607 6.40 -15.69 25.26
N ARG A 608 5.74 -16.28 26.26
CA ARG A 608 5.69 -17.73 26.37
C ARG A 608 4.95 -18.35 25.20
N ARG A 609 3.82 -17.75 24.82
CA ARG A 609 3.04 -18.24 23.69
C ARG A 609 3.81 -18.10 22.39
N LEU A 610 4.51 -16.97 22.21
CA LEU A 610 5.29 -16.78 20.98
C LEU A 610 6.46 -17.75 20.90
N ARG A 611 7.13 -18.02 22.04
CA ARG A 611 8.21 -18.99 22.05
C ARG A 611 7.71 -20.41 21.77
N GLY A 612 6.53 -20.75 22.31
CA GLY A 612 5.93 -22.04 22.02
C GLY A 612 5.53 -22.19 20.57
N VAL A 613 5.03 -21.10 19.97
CA VAL A 613 4.68 -21.09 18.55
C VAL A 613 5.92 -21.29 17.69
N LEU A 614 7.02 -20.62 18.02
CA LEU A 614 8.26 -20.79 17.28
C LEU A 614 8.84 -22.19 17.45
N GLU A 615 8.74 -22.76 18.66
CA GLU A 615 9.17 -24.14 18.87
C GLU A 615 8.34 -25.14 18.07
N GLU A 616 7.02 -24.91 18.02
CA GLU A 616 6.14 -25.78 17.25
C GLU A 616 6.40 -25.64 15.75
N LEU A 617 6.71 -24.43 15.29
CA LEU A 617 7.08 -24.19 13.89
C LEU A 617 8.38 -24.90 13.54
N SER A 618 9.37 -24.86 14.44
CA SER A 618 10.62 -25.57 14.21
C SER A 618 10.40 -27.09 14.20
N CYS A 619 9.53 -27.59 15.08
CA CYS A 619 9.22 -29.02 15.09
C CYS A 619 8.51 -29.45 13.81
N GLY A 620 7.60 -28.61 13.29
CA GLY A 620 6.96 -28.90 12.03
C GLY A 620 7.91 -28.86 10.84
N CYS A 621 8.85 -27.91 10.85
CA CYS A 621 9.85 -27.83 9.79
C CYS A 621 10.79 -29.03 9.83
N HIS A 622 11.08 -29.55 11.02
CA HIS A 622 11.83 -30.80 11.11
C HIS A 622 10.98 -31.99 10.68
N ARG A 623 9.67 -31.93 10.93
CA ARG A 623 8.77 -33.03 10.60
C ARG A 623 8.58 -33.17 9.09
N PHE A 624 8.61 -32.04 8.37
CA PHE A 624 8.44 -32.08 6.92
C PHE A 624 9.59 -32.81 6.24
N LEU A 625 10.81 -32.65 6.76
CA LEU A 625 11.99 -33.27 6.14
C LEU A 625 11.95 -34.79 6.27
N SER A 626 11.36 -35.30 7.35
CA SER A 626 11.30 -36.74 7.54
C SER A 626 10.19 -37.39 6.71
N LEU A 627 9.26 -36.59 6.19
CA LEU A 627 8.09 -37.14 5.52
C LEU A 627 8.19 -37.07 4.00
N SER A 628 8.83 -36.02 3.48
CA SER A 628 8.76 -35.75 2.05
C SER A 628 9.72 -36.58 1.22
N ASP A 629 10.65 -37.32 1.85
CA ASP A 629 11.60 -38.12 1.09
C ASP A 629 11.16 -39.58 0.95
N LYS A 630 9.93 -39.92 1.31
CA LYS A 630 9.45 -41.29 1.26
C LYS A 630 9.01 -41.73 -0.13
N ASP A 631 9.12 -40.86 -1.15
CA ASP A 631 8.78 -41.25 -2.51
C ASP A 631 9.82 -40.78 -3.52
N GLN A 632 11.11 -40.96 -3.21
CA GLN A 632 12.15 -40.53 -4.12
C GLN A 632 12.28 -41.46 -5.33
N GLY A 633 11.78 -42.70 -5.20
CA GLY A 633 11.91 -43.67 -6.28
C GLY A 633 10.84 -43.63 -7.34
N ARG A 634 9.95 -42.63 -7.29
CA ARG A 634 8.88 -42.53 -8.27
C ARG A 634 9.44 -42.10 -9.63
N SER A 635 9.06 -42.84 -10.67
CA SER A 635 9.53 -42.53 -12.02
C SER A 635 8.68 -41.46 -12.69
N SER A 636 7.39 -41.38 -12.35
CA SER A 636 6.50 -40.34 -12.87
C SER A 636 6.66 -39.06 -12.03
N ARG A 637 7.79 -38.39 -12.25
CA ARG A 637 8.22 -37.29 -11.40
C ARG A 637 8.98 -36.30 -12.27
N THR A 638 8.46 -35.09 -12.39
CA THR A 638 9.05 -34.10 -13.28
C THR A 638 10.31 -33.50 -12.65
N ARG A 639 11.04 -32.72 -13.46
CA ARG A 639 12.22 -32.03 -12.97
C ARG A 639 11.85 -30.95 -11.95
N LEU A 640 10.68 -30.31 -12.16
CA LEU A 640 10.21 -29.31 -11.22
C LEU A 640 9.89 -29.94 -9.87
N ASP A 641 9.38 -31.17 -9.86
CA ASP A 641 9.12 -31.87 -8.60
C ASP A 641 10.39 -32.11 -7.81
N ARG A 642 11.46 -32.56 -8.47
CA ARG A 642 12.71 -32.84 -7.79
C ARG A 642 13.37 -31.56 -7.30
N GLU A 643 13.46 -30.55 -8.18
CA GLU A 643 14.11 -29.29 -7.82
C GLU A 643 13.33 -28.54 -6.74
N ARG A 644 11.99 -28.57 -6.83
CA ARG A 644 11.17 -27.91 -5.82
C ARG A 644 11.18 -28.66 -4.50
N LEU A 645 11.31 -29.99 -4.54
CA LEU A 645 11.43 -30.75 -3.30
C LEU A 645 12.74 -30.44 -2.59
N LYS A 646 13.83 -30.36 -3.36
CA LYS A 646 15.13 -29.97 -2.80
C LYS A 646 15.08 -28.55 -2.24
N SER A 647 14.46 -27.63 -2.98
CA SER A 647 14.33 -26.24 -2.53
C SER A 647 13.49 -26.12 -1.28
N CYS A 648 12.38 -26.87 -1.21
CA CYS A 648 11.52 -26.82 -0.03
C CYS A 648 12.21 -27.45 1.19
N MET A 649 12.98 -28.53 0.97
CA MET A 649 13.72 -29.13 2.07
C MET A 649 14.78 -28.19 2.62
N ARG A 650 15.52 -27.53 1.71
CA ARG A 650 16.55 -26.57 2.12
C ARG A 650 15.93 -25.36 2.83
N GLU A 651 14.83 -24.85 2.28
CA GLU A 651 14.18 -23.67 2.85
C GLU A 651 13.55 -23.98 4.20
N LEU A 652 12.99 -25.18 4.36
CA LEU A 652 12.39 -25.50 5.65
C LEU A 652 13.43 -25.89 6.70
N GLU A 653 14.58 -26.43 6.30
CA GLU A 653 15.66 -26.62 7.26
C GLU A 653 16.23 -25.29 7.75
N SER A 654 16.45 -24.37 6.80
CA SER A 654 16.86 -23.01 7.16
C SER A 654 15.79 -22.32 7.99
N MET A 655 14.53 -22.65 7.73
CA MET A 655 13.41 -22.11 8.49
C MET A 655 13.38 -22.63 9.91
N GLY A 656 13.67 -23.92 10.12
CA GLY A 656 13.73 -24.45 11.47
C GLY A 656 14.87 -23.85 12.26
N GLN A 657 16.03 -23.67 11.62
CA GLN A 657 17.14 -23.01 12.28
C GLN A 657 16.84 -21.55 12.61
N GLN A 658 16.19 -20.84 11.69
CA GLN A 658 15.80 -19.45 11.94
C GLN A 658 14.71 -19.36 13.00
N ALA A 659 13.84 -20.38 13.09
CA ALA A 659 12.80 -20.39 14.11
C ALA A 659 13.41 -20.61 15.49
N LYS A 660 14.43 -21.48 15.59
CA LYS A 660 15.14 -21.63 16.85
C LYS A 660 15.89 -20.36 17.23
N SER A 661 16.52 -19.71 16.25
CA SER A 661 17.24 -18.47 16.52
C SER A 661 16.31 -17.34 16.94
N LEU A 662 15.12 -17.28 16.35
CA LEU A 662 14.15 -16.25 16.71
C LEU A 662 13.48 -16.57 18.04
N ARG A 663 13.31 -17.86 18.35
CA ARG A 663 12.81 -18.27 19.66
C ARG A 663 13.78 -17.91 20.76
N ALA A 664 15.08 -17.93 20.45
CA ALA A 664 16.08 -17.47 21.42
C ALA A 664 16.01 -15.97 21.68
N GLN A 665 15.39 -15.19 20.78
CA GLN A 665 15.38 -13.74 20.90
C GLN A 665 14.05 -13.16 21.36
N VAL A 666 13.05 -13.98 21.70
CA VAL A 666 11.76 -13.46 22.10
C VAL A 666 11.83 -13.03 23.57
N LYS A 667 11.51 -11.77 23.82
CA LYS A 667 11.50 -11.20 25.16
C LYS A 667 10.17 -10.49 25.40
N ARG A 668 10.06 -9.84 26.55
CA ARG A 668 8.81 -9.18 26.93
C ARG A 668 8.53 -7.95 26.07
N HIS A 669 9.52 -7.07 25.91
CA HIS A 669 9.35 -5.85 25.15
C HIS A 669 9.48 -6.10 23.65
N THR A 670 10.02 -7.26 23.27
CA THR A 670 10.24 -7.53 21.85
C THR A 670 9.25 -8.53 21.27
N VAL A 671 8.07 -8.68 21.89
CA VAL A 671 7.02 -9.52 21.31
C VAL A 671 6.50 -8.89 20.02
N ARG A 672 6.31 -7.58 20.03
CA ARG A 672 5.65 -6.88 18.93
C ARG A 672 6.54 -6.70 17.70
N ASP A 673 7.83 -7.03 17.76
CA ASP A 673 8.68 -6.97 16.58
C ASP A 673 9.21 -8.31 16.12
N LYS A 674 9.14 -9.35 16.95
CA LYS A 674 9.39 -10.70 16.45
C LYS A 674 8.14 -11.28 15.80
N LEU A 675 6.99 -10.66 16.04
CA LEU A 675 5.73 -11.16 15.50
C LEU A 675 5.64 -10.88 13.99
N ARG A 676 6.07 -9.68 13.56
CA ARG A 676 6.15 -9.41 12.14
C ARG A 676 7.27 -10.22 11.49
N SER A 677 8.30 -10.56 12.25
CA SER A 677 9.34 -11.47 11.75
C SER A 677 8.78 -12.89 11.55
N CYS A 678 7.82 -13.29 12.37
CA CYS A 678 7.14 -14.56 12.13
C CYS A 678 6.11 -14.44 11.01
N GLN A 679 5.64 -13.23 10.74
CA GLN A 679 4.69 -13.04 9.63
C GLN A 679 5.34 -13.31 8.27
N ASN A 680 6.62 -12.98 8.09
CA ASN A 680 7.26 -13.31 6.82
C ASN A 680 7.60 -14.79 6.73
N PHE A 681 7.75 -15.47 7.88
CA PHE A 681 7.77 -16.94 7.90
C PHE A 681 6.43 -17.49 7.42
N LEU A 682 5.33 -16.92 7.90
CA LEU A 682 4.00 -17.37 7.47
C LEU A 682 3.80 -17.15 5.97
N GLN A 683 4.25 -15.99 5.46
CA GLN A 683 4.10 -15.71 4.04
C GLN A 683 5.04 -16.57 3.20
N LYS A 684 6.19 -16.98 3.74
CA LYS A 684 7.08 -17.87 3.00
C LYS A 684 6.51 -19.28 2.93
N LEU A 685 5.87 -19.74 4.02
CA LEU A 685 5.20 -21.03 4.00
C LEU A 685 4.01 -21.01 3.04
N ARG A 686 3.27 -19.90 2.99
CA ARG A 686 2.15 -19.80 2.06
C ARG A 686 2.64 -19.74 0.62
N PHE A 687 3.77 -19.08 0.38
CA PHE A 687 4.33 -19.00 -0.96
C PHE A 687 4.88 -20.35 -1.42
N LEU A 688 5.55 -21.07 -0.54
CA LEU A 688 6.09 -22.37 -0.89
C LEU A 688 5.00 -23.42 -1.01
N ALA A 689 3.89 -23.22 -0.29
CA ALA A 689 2.87 -24.28 -0.16
C ALA A 689 2.00 -24.43 -1.40
N ASP A 690 2.04 -23.48 -2.32
CA ASP A 690 1.23 -23.61 -3.53
C ASP A 690 1.97 -24.53 -4.49
N GLU A 691 1.26 -25.52 -4.99
CA GLU A 691 1.80 -26.46 -5.96
C GLU A 691 1.53 -25.93 -7.36
N PRO A 692 2.56 -25.57 -8.14
CA PRO A 692 2.29 -25.06 -9.49
C PRO A 692 1.87 -26.11 -10.50
N GLN A 693 2.09 -27.40 -10.22
CA GLN A 693 1.71 -28.48 -11.12
C GLN A 693 0.44 -29.11 -10.56
N HIS A 694 -0.70 -28.69 -11.09
CA HIS A 694 -1.99 -29.15 -10.61
C HIS A 694 -2.23 -30.62 -11.00
N SER A 695 -2.83 -31.35 -10.07
CA SER A 695 -3.15 -32.75 -10.32
C SER A 695 -4.64 -33.01 -10.35
N ILE A 696 -5.34 -32.65 -9.27
CA ILE A 696 -6.77 -32.86 -9.16
C ILE A 696 -7.45 -31.50 -9.05
N PRO A 697 -8.45 -31.22 -9.88
CA PRO A 697 -9.11 -29.91 -9.81
C PRO A 697 -9.99 -29.77 -8.58
N ASP A 698 -10.32 -28.52 -8.28
CA ASP A 698 -11.04 -28.20 -7.06
C ASP A 698 -12.48 -28.68 -7.13
N VAL A 699 -13.03 -28.97 -5.95
CA VAL A 699 -14.40 -29.44 -5.84
C VAL A 699 -15.35 -28.25 -5.75
N PHE A 700 -16.35 -28.23 -6.62
CA PHE A 700 -17.33 -27.15 -6.68
C PHE A 700 -18.68 -27.65 -6.18
N ILE A 701 -19.32 -26.87 -5.32
CA ILE A 701 -20.66 -27.17 -4.82
C ILE A 701 -21.57 -26.04 -5.25
N TRP A 702 -22.65 -26.36 -5.95
CA TRP A 702 -23.51 -25.36 -6.57
C TRP A 702 -24.95 -25.52 -6.08
N MET A 703 -25.56 -24.40 -5.72
CA MET A 703 -27.00 -24.35 -5.47
C MET A 703 -27.75 -24.17 -6.79
N MET A 704 -28.80 -24.96 -6.99
CA MET A 704 -29.63 -24.88 -8.18
C MET A 704 -31.10 -24.79 -7.79
N SER A 705 -31.87 -24.11 -8.64
CA SER A 705 -33.32 -24.09 -8.55
C SER A 705 -33.90 -23.92 -9.96
N ASN A 706 -34.75 -24.87 -10.36
CA ASN A 706 -35.14 -25.11 -11.76
C ASN A 706 -33.92 -25.20 -12.68
N ASN A 707 -32.91 -25.93 -12.24
CA ASN A 707 -31.65 -26.16 -12.96
C ASN A 707 -30.90 -24.87 -13.27
N LYS A 708 -31.12 -23.81 -12.49
CA LYS A 708 -30.43 -22.55 -12.69
C LYS A 708 -29.38 -22.37 -11.60
N ARG A 709 -28.14 -22.13 -12.01
CA ARG A 709 -27.04 -22.03 -11.08
C ARG A 709 -27.12 -20.69 -10.33
N ILE A 710 -27.03 -20.75 -9.01
CA ILE A 710 -27.26 -19.58 -8.16
C ILE A 710 -25.98 -19.19 -7.45
N ALA A 711 -25.42 -20.10 -6.65
CA ALA A 711 -24.28 -19.76 -5.81
C ALA A 711 -23.34 -20.96 -5.73
N TYR A 712 -22.08 -20.66 -5.42
CA TYR A 712 -21.02 -21.66 -5.48
C TYR A 712 -20.11 -21.56 -4.27
N ALA A 713 -19.46 -22.68 -3.96
CA ALA A 713 -18.29 -22.72 -3.11
C ALA A 713 -17.21 -23.53 -3.80
N ARG A 714 -15.96 -23.18 -3.54
CA ARG A 714 -14.83 -23.82 -4.19
C ARG A 714 -13.86 -24.30 -3.13
N VAL A 715 -13.85 -25.60 -2.88
CA VAL A 715 -12.96 -26.24 -1.92
C VAL A 715 -11.73 -26.73 -2.68
N PRO A 716 -10.53 -26.39 -2.24
CA PRO A 716 -9.33 -26.96 -2.86
C PRO A 716 -9.27 -28.46 -2.70
N SER A 717 -8.77 -29.14 -3.73
CA SER A 717 -8.83 -30.60 -3.77
C SER A 717 -7.86 -31.24 -2.80
N LYS A 718 -6.73 -30.57 -2.51
CA LYS A 718 -5.78 -31.12 -1.57
C LYS A 718 -6.28 -31.01 -0.13
N ASP A 719 -7.26 -30.13 0.12
CA ASP A 719 -7.84 -30.01 1.45
C ASP A 719 -8.73 -31.20 1.79
N LEU A 720 -9.23 -31.91 0.79
CA LEU A 720 -10.10 -33.05 1.02
C LEU A 720 -9.38 -34.39 0.89
N LEU A 721 -8.08 -34.39 0.59
CA LEU A 721 -7.38 -35.62 0.24
C LEU A 721 -7.06 -36.43 1.48
N PHE A 722 -7.17 -37.75 1.35
CA PHE A 722 -6.99 -38.66 2.48
C PHE A 722 -5.59 -39.24 2.49
N SER A 723 -5.03 -39.39 3.69
CA SER A 723 -3.72 -40.00 3.83
C SER A 723 -3.67 -40.74 5.16
N ILE A 724 -2.79 -41.75 5.22
CA ILE A 724 -2.51 -42.43 6.48
C ILE A 724 -1.80 -41.49 7.44
N VAL A 725 -0.82 -40.73 6.97
CA VAL A 725 -0.06 -39.78 7.77
C VAL A 725 -0.95 -38.59 8.09
N GLU A 726 -0.88 -38.12 9.34
CA GLU A 726 -1.72 -37.01 9.77
C GLU A 726 -1.34 -35.70 9.08
N GLU A 727 -0.04 -35.46 8.89
CA GLU A 727 0.40 -34.23 8.25
C GLU A 727 0.12 -34.21 6.76
N GLU A 728 0.08 -35.37 6.10
CA GLU A 728 -0.27 -35.41 4.69
C GLU A 728 -1.79 -35.36 4.49
N LEU A 729 -2.55 -35.55 5.56
CA LEU A 729 -4.01 -35.49 5.46
C LEU A 729 -4.47 -34.06 5.25
N GLY A 730 -5.51 -33.89 4.44
CA GLY A 730 -6.04 -32.56 4.21
C GLY A 730 -6.76 -32.03 5.45
N LYS A 731 -6.83 -30.70 5.56
CA LYS A 731 -7.39 -30.09 6.76
C LYS A 731 -8.91 -30.19 6.80
N ASP A 732 -9.56 -30.47 5.68
CA ASP A 732 -11.00 -30.65 5.62
C ASP A 732 -11.40 -32.07 5.27
N CYS A 733 -10.45 -32.99 5.16
CA CYS A 733 -10.78 -34.38 4.87
C CYS A 733 -11.37 -35.05 6.08
N ALA A 734 -12.47 -35.79 5.86
CA ALA A 734 -13.23 -36.51 6.89
C ALA A 734 -13.69 -35.60 8.02
N LYS A 735 -14.06 -34.37 7.69
CA LYS A 735 -14.53 -33.39 8.65
C LYS A 735 -15.75 -32.68 8.10
N VAL A 736 -16.60 -32.21 9.00
CA VAL A 736 -17.78 -31.43 8.60
C VAL A 736 -17.33 -30.00 8.36
N LYS A 737 -17.31 -29.58 7.10
CA LYS A 737 -16.79 -28.28 6.71
C LYS A 737 -17.92 -27.27 6.58
N THR A 738 -17.76 -26.13 7.23
CA THR A 738 -18.72 -25.04 7.10
C THR A 738 -18.41 -24.23 5.85
N LEU A 739 -19.30 -24.29 4.88
CA LEU A 739 -19.14 -23.59 3.61
C LEU A 739 -20.20 -22.49 3.52
N PHE A 740 -19.81 -21.34 2.99
CA PHE A 740 -20.75 -20.27 2.70
C PHE A 740 -20.74 -20.05 1.19
N LEU A 741 -21.85 -20.40 0.54
CA LEU A 741 -21.97 -20.19 -0.89
C LEU A 741 -22.10 -18.70 -1.18
N LYS A 742 -21.54 -18.29 -2.31
CA LYS A 742 -21.50 -16.89 -2.69
C LYS A 742 -21.87 -16.75 -4.15
N LEU A 743 -22.30 -15.55 -4.53
CA LEU A 743 -22.69 -15.30 -5.91
C LEU A 743 -21.46 -15.31 -6.82
N PRO A 744 -21.57 -15.85 -8.02
CA PRO A 744 -20.40 -15.97 -8.90
C PRO A 744 -19.98 -14.62 -9.47
N GLY A 745 -18.67 -14.44 -9.59
CA GLY A 745 -18.15 -13.27 -10.26
C GLY A 745 -18.29 -12.01 -9.44
N LYS A 746 -18.67 -10.92 -10.11
CA LYS A 746 -18.78 -9.63 -9.45
C LYS A 746 -20.08 -9.49 -8.67
N ARG A 747 -21.01 -10.43 -8.81
CA ARG A 747 -22.26 -10.38 -8.07
C ARG A 747 -22.07 -10.67 -6.59
N GLY A 748 -20.99 -11.33 -6.22
CA GLY A 748 -20.68 -11.54 -4.82
C GLY A 748 -20.03 -10.35 -4.13
N PHE A 749 -19.78 -9.28 -4.87
CA PHE A 749 -19.17 -8.06 -4.33
C PHE A 749 -20.25 -7.00 -4.21
N GLY A 750 -20.12 -6.17 -3.18
CA GLY A 750 -21.06 -5.06 -3.04
C GLY A 750 -22.38 -5.47 -2.39
N SER A 751 -23.44 -4.81 -2.85
CA SER A 751 -24.75 -4.94 -2.20
C SER A 751 -25.39 -6.30 -2.45
N ALA A 752 -25.16 -6.88 -3.64
CA ALA A 752 -25.76 -8.16 -3.96
C ALA A 752 -25.12 -9.30 -3.19
N GLY A 753 -23.84 -9.19 -2.88
CA GLY A 753 -23.12 -10.19 -2.13
C GLY A 753 -23.22 -10.07 -0.63
N TRP A 754 -24.07 -9.16 -0.14
CA TRP A 754 -24.21 -8.95 1.30
C TRP A 754 -24.91 -10.13 1.95
N THR A 755 -26.03 -10.57 1.37
CA THR A 755 -26.82 -11.64 1.94
C THR A 755 -26.10 -12.97 1.80
N VAL A 756 -26.22 -13.82 2.82
CA VAL A 756 -25.70 -15.18 2.73
C VAL A 756 -26.54 -15.96 1.74
N GLN A 757 -25.88 -16.46 0.69
CA GLN A 757 -26.61 -17.19 -0.35
C GLN A 757 -27.01 -18.58 0.13
N ALA A 758 -26.11 -19.28 0.82
CA ALA A 758 -26.43 -20.50 1.55
C ALA A 758 -25.32 -20.75 2.57
N LYS A 759 -25.60 -21.65 3.49
CA LYS A 759 -24.69 -22.04 4.54
C LYS A 759 -24.80 -23.54 4.74
N LEU A 760 -23.72 -24.26 4.46
CA LEU A 760 -23.72 -25.71 4.45
C LEU A 760 -22.81 -26.26 5.54
N GLU A 761 -23.27 -27.34 6.18
CA GLU A 761 -22.40 -28.19 6.98
C GLU A 761 -22.18 -29.46 6.18
N LEU A 762 -21.13 -29.45 5.34
CA LEU A 762 -20.93 -30.48 4.33
C LEU A 762 -19.74 -31.34 4.72
N TYR A 763 -20.02 -32.58 5.10
CA TYR A 763 -18.97 -33.58 5.23
C TYR A 763 -18.38 -33.89 3.87
N LEU A 764 -17.06 -34.01 3.79
CA LEU A 764 -16.40 -34.30 2.53
C LEU A 764 -15.23 -35.24 2.75
N TRP A 765 -15.06 -36.18 1.82
CA TRP A 765 -13.94 -37.11 1.83
C TRP A 765 -13.49 -37.31 0.39
N LEU A 766 -12.19 -37.29 0.15
CA LEU A 766 -11.64 -37.56 -1.16
C LEU A 766 -10.39 -38.42 -0.98
N GLY A 767 -10.20 -39.37 -1.88
CA GLY A 767 -9.04 -40.25 -1.78
C GLY A 767 -9.11 -41.29 -2.87
N LEU A 768 -8.23 -42.29 -2.77
CA LEU A 768 -8.29 -43.39 -3.71
C LEU A 768 -9.47 -44.30 -3.39
N SER A 769 -9.94 -45.02 -4.42
CA SER A 769 -11.00 -45.99 -4.22
C SER A 769 -10.50 -47.23 -3.50
N LYS A 770 -9.20 -47.46 -3.48
CA LYS A 770 -8.63 -48.52 -2.65
C LYS A 770 -8.51 -48.09 -1.20
N GLN A 771 -8.62 -46.80 -0.91
CA GLN A 771 -8.49 -46.28 0.45
C GLN A 771 -9.81 -45.90 1.09
N ARG A 772 -10.94 -46.25 0.48
CA ARG A 772 -12.23 -45.77 0.98
C ARG A 772 -12.86 -46.68 2.05
N LYS A 773 -12.08 -47.49 2.78
CA LYS A 773 -12.65 -48.33 3.82
C LYS A 773 -13.15 -47.49 5.00
N ASP A 774 -12.44 -46.40 5.33
CA ASP A 774 -12.81 -45.54 6.44
C ASP A 774 -13.31 -44.18 5.98
N PHE A 775 -14.12 -44.12 4.92
CA PHE A 775 -14.59 -42.85 4.41
C PHE A 775 -15.81 -42.33 5.16
N LEU A 776 -16.34 -43.09 6.10
CA LEU A 776 -17.45 -42.64 6.93
C LEU A 776 -17.05 -42.37 8.38
N CYS A 777 -15.76 -42.40 8.69
CA CYS A 777 -15.33 -42.34 10.08
C CYS A 777 -15.45 -40.95 10.69
N GLY A 778 -15.41 -39.90 9.88
CA GLY A 778 -15.48 -38.55 10.41
C GLY A 778 -16.88 -38.03 10.68
N LEU A 779 -17.90 -38.76 10.23
CA LEU A 779 -19.28 -38.33 10.43
C LEU A 779 -19.67 -38.53 11.90
N PRO A 780 -20.68 -37.79 12.37
CA PRO A 780 -21.27 -38.08 13.67
C PRO A 780 -21.89 -39.48 13.71
N CYS A 781 -21.72 -40.16 14.84
CA CYS A 781 -22.16 -41.53 14.96
C CYS A 781 -23.67 -41.61 15.12
N GLY A 782 -24.21 -42.79 14.82
CA GLY A 782 -25.63 -43.05 15.01
C GLY A 782 -26.47 -42.79 13.78
N PHE A 783 -26.04 -43.32 12.64
CA PHE A 783 -26.79 -43.20 11.40
C PHE A 783 -26.88 -44.55 10.72
N GLU A 784 -27.95 -44.74 9.95
CA GLU A 784 -28.17 -45.94 9.15
C GLU A 784 -28.04 -45.57 7.68
N GLU A 785 -27.23 -46.33 6.95
CA GLU A 785 -26.99 -46.03 5.55
C GLU A 785 -28.14 -46.52 4.69
N VAL A 786 -28.75 -45.60 3.95
CA VAL A 786 -29.75 -45.93 2.94
C VAL A 786 -29.08 -45.82 1.58
N LYS A 787 -29.05 -46.92 0.85
CA LYS A 787 -28.29 -47.02 -0.38
C LYS A 787 -29.22 -47.22 -1.56
N ALA A 788 -28.65 -47.16 -2.76
CA ALA A 788 -29.44 -47.31 -3.98
C ALA A 788 -29.71 -48.79 -4.26
N ALA A 789 -30.33 -49.04 -5.42
CA ALA A 789 -30.66 -50.41 -5.80
C ALA A 789 -29.42 -51.22 -6.18
N GLN A 790 -28.35 -50.54 -6.61
CA GLN A 790 -27.11 -51.24 -6.92
C GLN A 790 -26.39 -51.68 -5.65
N GLY A 791 -26.64 -50.99 -4.53
CA GLY A 791 -25.94 -51.23 -3.28
C GLY A 791 -26.66 -52.12 -2.29
N LEU A 792 -27.63 -52.92 -2.74
CA LEU A 792 -28.35 -53.79 -1.82
C LEU A 792 -27.48 -54.99 -1.44
N GLY A 793 -27.16 -55.09 -0.15
CA GLY A 793 -26.32 -56.17 0.34
C GLY A 793 -24.83 -55.96 0.19
N LEU A 794 -24.40 -54.78 -0.28
CA LEU A 794 -22.99 -54.49 -0.46
C LEU A 794 -22.52 -53.60 0.69
N HIS A 795 -21.46 -54.03 1.37
CA HIS A 795 -20.96 -53.28 2.51
C HIS A 795 -20.16 -52.06 2.08
N SER A 796 -19.44 -52.15 0.95
CA SER A 796 -18.57 -51.07 0.52
C SER A 796 -19.27 -50.04 -0.35
N PHE A 797 -20.53 -50.26 -0.71
CA PHE A 797 -21.25 -49.31 -1.54
C PHE A 797 -21.63 -48.07 -0.73
N PRO A 798 -21.29 -46.88 -1.21
CA PRO A 798 -21.63 -45.65 -0.47
C PRO A 798 -23.13 -45.40 -0.46
N PRO A 799 -23.66 -44.78 0.59
CA PRO A 799 -25.10 -44.54 0.65
C PRO A 799 -25.49 -43.27 -0.08
N ILE A 800 -26.75 -43.23 -0.53
CA ILE A 800 -27.30 -42.02 -1.10
C ILE A 800 -27.87 -41.09 -0.04
N SER A 801 -28.07 -41.58 1.18
CA SER A 801 -28.55 -40.76 2.29
C SER A 801 -28.20 -41.43 3.61
N LEU A 802 -28.19 -40.63 4.68
CA LEU A 802 -28.05 -41.14 6.04
C LEU A 802 -29.33 -40.83 6.81
N VAL A 803 -29.79 -41.80 7.59
CA VAL A 803 -30.95 -41.61 8.45
C VAL A 803 -30.47 -41.72 9.89
N TYR A 804 -30.37 -40.57 10.57
CA TYR A 804 -29.84 -40.52 11.92
C TYR A 804 -30.89 -40.97 12.93
N THR A 805 -30.53 -41.93 13.76
CA THR A 805 -31.36 -42.37 14.87
C THR A 805 -30.97 -41.72 16.18
N LYS A 806 -29.69 -41.52 16.43
CA LYS A 806 -29.25 -40.79 17.61
C LYS A 806 -29.48 -39.30 17.41
N LYS A 807 -29.93 -38.63 18.48
CA LYS A 807 -30.05 -37.19 18.48
C LYS A 807 -29.86 -36.70 19.91
N GLN A 808 -29.27 -35.51 20.04
CA GLN A 808 -28.95 -34.92 21.33
C GLN A 808 -29.67 -33.59 21.47
N ALA A 809 -30.41 -33.43 22.57
CA ALA A 809 -31.08 -32.18 22.84
C ALA A 809 -30.08 -31.13 23.30
N PHE A 810 -30.29 -29.89 22.89
CA PHE A 810 -29.36 -28.81 23.18
C PHE A 810 -30.12 -27.51 23.40
N GLN A 811 -29.40 -26.52 23.91
CA GLN A 811 -29.96 -25.20 24.20
C GLN A 811 -28.84 -24.18 24.09
N LEU A 812 -28.95 -23.28 23.13
CA LEU A 812 -27.93 -22.26 22.89
C LEU A 812 -28.35 -20.96 23.54
N ARG A 813 -27.45 -20.36 24.31
CA ARG A 813 -27.69 -19.06 24.94
C ARG A 813 -26.81 -18.03 24.27
N ALA A 814 -27.44 -17.02 23.68
CA ALA A 814 -26.76 -15.92 23.01
C ALA A 814 -26.81 -14.70 23.92
N HIS A 815 -25.71 -14.45 24.63
CA HIS A 815 -25.62 -13.35 25.60
C HIS A 815 -25.19 -12.10 24.84
N MET A 816 -26.16 -11.48 24.17
CA MET A 816 -25.86 -10.32 23.33
C MET A 816 -25.97 -9.07 24.19
N TYR A 817 -24.82 -8.67 24.73
CA TYR A 817 -24.79 -7.58 25.70
C TYR A 817 -24.71 -6.23 25.02
N GLN A 818 -23.77 -6.07 24.10
CA GLN A 818 -23.41 -4.73 23.64
C GLN A 818 -22.82 -4.84 22.23
N ALA A 819 -22.86 -3.72 21.51
CA ALA A 819 -22.11 -3.55 20.28
C ALA A 819 -21.49 -2.17 20.30
N ARG A 820 -20.53 -1.93 19.41
CA ARG A 820 -19.87 -0.64 19.34
C ARG A 820 -19.36 -0.42 17.93
N SER A 821 -19.15 0.87 17.60
CA SER A 821 -18.53 1.33 16.34
C SER A 821 -19.28 0.82 15.10
N LEU A 822 -20.59 0.71 15.20
CA LEU A 822 -21.36 0.03 14.16
C LEU A 822 -21.54 0.91 12.93
N PHE A 823 -22.09 0.29 11.88
CA PHE A 823 -22.34 0.97 10.62
C PHE A 823 -23.50 1.95 10.77
N ALA A 824 -23.40 3.10 10.12
CA ALA A 824 -24.50 4.06 10.11
C ALA A 824 -25.33 3.88 8.84
N ALA A 825 -26.57 3.45 8.99
CA ALA A 825 -27.44 3.15 7.86
C ALA A 825 -28.67 4.03 7.81
N ASP A 826 -28.64 5.20 8.45
CA ASP A 826 -29.71 6.18 8.35
C ASP A 826 -29.09 7.53 7.96
N SER A 827 -29.95 8.44 7.49
CA SER A 827 -29.49 9.74 7.03
C SER A 827 -29.03 10.64 8.17
N SER A 828 -29.37 10.31 9.42
CA SER A 828 -28.92 11.09 10.55
C SER A 828 -27.52 10.70 11.02
N GLY A 829 -26.89 9.71 10.39
CA GLY A 829 -25.62 9.23 10.87
C GLY A 829 -25.70 8.21 11.97
N LEU A 830 -26.89 7.74 12.30
CA LEU A 830 -27.12 6.75 13.33
C LEU A 830 -27.81 5.54 12.71
N SER A 831 -28.26 4.62 13.55
CA SER A 831 -29.00 3.45 13.11
C SER A 831 -30.01 3.08 14.16
N ASP A 832 -30.80 2.06 13.87
CA ASP A 832 -31.68 1.46 14.87
C ASP A 832 -31.38 -0.03 14.91
N PRO A 833 -30.24 -0.45 15.48
CA PRO A 833 -29.76 -1.81 15.26
C PRO A 833 -30.43 -2.83 16.15
N PHE A 834 -30.80 -3.95 15.54
CA PHE A 834 -31.18 -5.17 16.23
C PHE A 834 -30.43 -6.31 15.58
N ALA A 835 -30.07 -7.31 16.37
CA ALA A 835 -29.21 -8.39 15.89
C ALA A 835 -29.97 -9.70 15.85
N ARG A 836 -29.81 -10.44 14.76
CA ARG A 836 -30.49 -11.71 14.53
C ARG A 836 -29.45 -12.82 14.61
N VAL A 837 -29.70 -13.79 15.49
CA VAL A 837 -28.75 -14.87 15.76
C VAL A 837 -29.23 -16.13 15.04
N PHE A 838 -28.37 -16.73 14.24
CA PHE A 838 -28.68 -17.91 13.44
C PHE A 838 -27.93 -19.10 14.00
N PHE A 839 -28.66 -20.18 14.26
CA PHE A 839 -28.06 -21.42 14.71
C PHE A 839 -28.88 -22.58 14.17
N ILE A 840 -28.22 -23.45 13.40
CA ILE A 840 -28.82 -24.53 12.61
C ILE A 840 -29.94 -23.96 11.75
N ASN A 841 -31.19 -24.29 12.08
CA ASN A 841 -32.33 -23.90 11.28
C ASN A 841 -33.24 -22.90 11.98
N GLN A 842 -32.76 -22.27 13.04
CA GLN A 842 -33.57 -21.37 13.85
C GLN A 842 -32.94 -19.99 13.89
N SER A 843 -33.78 -18.98 14.14
CA SER A 843 -33.32 -17.61 14.25
C SER A 843 -34.14 -16.88 15.30
N GLN A 844 -33.48 -16.01 16.06
CA GLN A 844 -34.13 -15.19 17.06
C GLN A 844 -33.56 -13.78 17.00
N CYS A 845 -34.40 -12.80 17.34
CA CYS A 845 -34.04 -11.40 17.21
C CYS A 845 -33.95 -10.72 18.57
N THR A 846 -33.01 -9.80 18.71
CA THR A 846 -33.01 -8.91 19.86
C THR A 846 -33.95 -7.74 19.60
N GLU A 847 -34.17 -6.95 20.64
CA GLU A 847 -35.03 -5.78 20.52
C GLU A 847 -34.32 -4.67 19.76
N VAL A 848 -35.11 -3.80 19.14
CA VAL A 848 -34.57 -2.68 18.39
C VAL A 848 -34.30 -1.53 19.35
N LEU A 849 -33.06 -1.03 19.34
CA LEU A 849 -32.70 0.15 20.10
C LEU A 849 -32.53 1.32 19.13
N ASN A 850 -33.25 2.40 19.39
CA ASN A 850 -33.36 3.48 18.41
C ASN A 850 -32.26 4.51 18.58
N GLU A 851 -31.75 4.98 17.43
CA GLU A 851 -30.86 6.14 17.32
C GLU A 851 -29.55 5.94 18.08
N THR A 852 -28.83 4.87 17.75
CA THR A 852 -27.55 4.59 18.37
C THR A 852 -26.69 3.77 17.41
N LEU A 853 -25.38 3.96 17.52
CA LEU A 853 -24.40 3.12 16.85
C LEU A 853 -23.67 2.20 17.83
N CYS A 854 -23.98 2.31 19.11
CA CYS A 854 -23.45 1.38 20.12
C CYS A 854 -24.58 0.93 21.04
N PRO A 855 -25.40 -0.01 20.58
CA PRO A 855 -26.54 -0.45 21.38
C PRO A 855 -26.08 -1.32 22.56
N THR A 856 -26.77 -1.17 23.68
CA THR A 856 -26.63 -2.09 24.79
C THR A 856 -27.93 -2.88 24.87
N TRP A 857 -27.98 -3.96 24.07
CA TRP A 857 -29.17 -4.81 24.05
C TRP A 857 -29.42 -5.46 25.40
N ASP A 858 -28.37 -6.01 26.01
CA ASP A 858 -28.39 -6.69 27.31
C ASP A 858 -29.45 -7.79 27.34
N GLN A 859 -29.42 -8.61 26.29
CA GLN A 859 -30.49 -9.55 26.03
C GLN A 859 -29.93 -10.95 25.79
N MET A 860 -30.50 -11.92 26.49
CA MET A 860 -30.17 -13.33 26.30
C MET A 860 -31.23 -13.99 25.43
N LEU A 861 -30.80 -14.58 24.33
CA LEU A 861 -31.68 -15.32 23.44
C LEU A 861 -31.49 -16.81 23.67
N VAL A 862 -32.57 -17.50 24.00
CA VAL A 862 -32.51 -18.91 24.35
C VAL A 862 -33.14 -19.71 23.21
N PHE A 863 -32.30 -20.47 22.50
CA PHE A 863 -32.76 -21.38 21.45
C PHE A 863 -33.10 -22.70 22.13
N ASP A 864 -34.38 -22.85 22.49
CA ASP A 864 -34.81 -24.00 23.26
C ASP A 864 -35.00 -25.23 22.39
N ASN A 865 -34.77 -26.40 23.01
CA ASN A 865 -34.96 -27.76 22.46
C ASN A 865 -34.44 -27.94 21.03
N LEU A 866 -33.20 -27.52 20.82
CA LEU A 866 -32.53 -27.81 19.54
C LEU A 866 -32.22 -29.30 19.43
N GLU A 867 -32.17 -29.78 18.20
CA GLU A 867 -31.86 -31.18 17.92
C GLU A 867 -30.58 -31.26 17.10
N LEU A 868 -29.51 -31.73 17.73
CA LEU A 868 -28.25 -31.99 17.06
C LEU A 868 -28.23 -33.46 16.67
N TYR A 869 -28.37 -33.74 15.38
CA TYR A 869 -28.48 -35.12 14.93
C TYR A 869 -27.11 -35.79 14.93
N GLY A 870 -27.00 -36.89 15.65
CA GLY A 870 -25.78 -37.66 15.70
C GLY A 870 -24.84 -37.25 16.81
N GLU A 871 -24.24 -38.24 17.47
CA GLU A 871 -23.21 -38.00 18.48
C GLU A 871 -21.95 -37.57 17.76
N ALA A 872 -21.71 -36.26 17.74
CA ALA A 872 -20.66 -35.68 16.91
C ALA A 872 -19.28 -35.98 17.46
N HIS A 873 -18.34 -36.26 16.57
CA HIS A 873 -16.96 -36.47 16.98
C HIS A 873 -16.32 -35.14 17.36
N GLU A 874 -15.88 -35.04 18.61
CA GLU A 874 -15.23 -33.86 19.18
C GLU A 874 -16.10 -32.61 19.06
N LEU A 875 -17.32 -32.68 19.59
CA LEU A 875 -18.23 -31.53 19.51
C LEU A 875 -17.80 -30.41 20.44
N ARG A 876 -17.08 -30.76 21.50
CA ARG A 876 -16.51 -29.75 22.39
C ARG A 876 -15.47 -28.89 21.68
N ASP A 877 -14.63 -29.51 20.85
CA ASP A 877 -13.53 -28.81 20.20
C ASP A 877 -13.89 -28.25 18.83
N ASP A 878 -15.03 -28.66 18.25
CA ASP A 878 -15.47 -28.12 16.96
C ASP A 878 -16.99 -27.99 16.98
N PRO A 879 -17.51 -26.90 17.57
CA PRO A 879 -18.95 -26.70 17.61
C PRO A 879 -19.47 -26.18 16.29
N PRO A 880 -20.78 -26.27 16.03
CA PRO A 880 -21.34 -25.61 14.84
C PRO A 880 -21.26 -24.10 14.97
N ILE A 881 -21.11 -23.43 13.82
CA ILE A 881 -20.86 -22.00 13.84
C ILE A 881 -22.18 -21.24 14.03
N ILE A 882 -22.06 -20.03 14.57
CA ILE A 882 -23.19 -19.14 14.78
C ILE A 882 -22.98 -17.91 13.92
N VAL A 883 -23.98 -17.55 13.13
CA VAL A 883 -23.93 -16.36 12.29
C VAL A 883 -24.78 -15.28 12.93
N ILE A 884 -24.18 -14.13 13.20
CA ILE A 884 -24.85 -13.00 13.83
C ILE A 884 -24.90 -11.88 12.82
N GLU A 885 -26.10 -11.37 12.55
CA GLU A 885 -26.30 -10.34 11.55
C GLU A 885 -26.99 -9.13 12.16
N ILE A 886 -26.36 -7.97 12.03
CA ILE A 886 -26.91 -6.72 12.54
C ILE A 886 -27.78 -6.12 11.45
N TYR A 887 -28.89 -5.50 11.85
CA TYR A 887 -29.82 -4.87 10.92
C TYR A 887 -30.34 -3.54 11.46
N ASP A 888 -30.33 -2.53 10.61
CA ASP A 888 -30.91 -1.22 10.92
C ASP A 888 -32.40 -1.28 10.62
N GLN A 889 -33.23 -1.21 11.66
CA GLN A 889 -34.68 -1.21 11.48
C GLN A 889 -35.13 0.12 10.89
N ASP A 890 -36.05 0.05 9.93
CA ASP A 890 -36.60 1.24 9.30
C ASP A 890 -38.10 1.26 9.47
N SER A 891 -38.70 2.39 9.08
CA SER A 891 -40.05 2.72 9.54
C SER A 891 -41.13 1.87 8.88
N MET A 892 -41.10 1.72 7.56
CA MET A 892 -42.20 1.03 6.90
C MET A 892 -41.97 -0.48 6.71
N GLY A 893 -40.87 -1.02 7.23
CA GLY A 893 -40.75 -2.46 7.38
C GLY A 893 -39.50 -3.11 6.84
N LYS A 894 -38.59 -2.36 6.22
CA LYS A 894 -37.39 -3.02 5.71
C LYS A 894 -36.27 -2.93 6.75
N ALA A 895 -35.15 -3.58 6.43
CA ALA A 895 -34.00 -3.59 7.30
C ALA A 895 -32.73 -3.55 6.47
N ASP A 896 -31.91 -2.54 6.72
CA ASP A 896 -30.64 -2.37 6.05
C ASP A 896 -29.64 -3.36 6.64
N PHE A 897 -28.85 -4.00 5.78
CA PHE A 897 -27.81 -4.90 6.26
C PHE A 897 -26.71 -4.08 6.91
N MET A 898 -26.42 -4.39 8.17
CA MET A 898 -25.53 -3.57 8.98
C MET A 898 -24.21 -4.27 9.29
N GLY A 899 -24.13 -5.57 9.08
CA GLY A 899 -22.88 -6.28 9.26
C GLY A 899 -23.14 -7.72 9.65
N ARG A 900 -22.04 -8.47 9.75
CA ARG A 900 -22.08 -9.90 10.04
C ARG A 900 -20.80 -10.34 10.74
N THR A 901 -20.97 -11.02 11.86
CA THR A 901 -19.85 -11.64 12.56
C THR A 901 -20.18 -13.11 12.78
N PHE A 902 -19.16 -13.87 13.17
CA PHE A 902 -19.27 -15.31 13.35
C PHE A 902 -18.73 -15.68 14.73
N ALA A 903 -19.27 -16.75 15.29
CA ALA A 903 -18.93 -17.16 16.64
C ALA A 903 -18.98 -18.68 16.76
N LYS A 904 -18.35 -19.20 17.78
CA LYS A 904 -18.43 -20.61 18.11
C LYS A 904 -18.77 -20.76 19.58
N PRO A 905 -19.84 -21.49 19.92
CA PRO A 905 -20.28 -21.54 21.31
C PRO A 905 -19.37 -22.40 22.18
N LEU A 906 -19.43 -22.16 23.48
CA LEU A 906 -18.70 -22.95 24.46
C LEU A 906 -19.59 -24.13 24.87
N VAL A 907 -19.26 -25.32 24.38
CA VAL A 907 -20.13 -26.48 24.56
C VAL A 907 -19.96 -27.04 25.96
N LYS A 908 -21.07 -27.19 26.67
CA LYS A 908 -21.11 -27.85 27.97
C LYS A 908 -21.84 -29.18 27.80
N MET A 909 -21.14 -30.28 28.04
CA MET A 909 -21.77 -31.58 27.96
C MET A 909 -22.61 -31.83 29.21
N ALA A 910 -23.40 -32.91 29.15
CA ALA A 910 -24.27 -33.25 30.28
C ALA A 910 -23.50 -33.70 31.50
N ASP A 911 -22.35 -34.36 31.31
CA ASP A 911 -21.52 -34.81 32.41
C ASP A 911 -20.60 -33.72 32.95
N GLU A 912 -20.47 -32.60 32.25
CA GLU A 912 -19.59 -31.54 32.70
C GLU A 912 -20.25 -30.73 33.81
N ALA A 913 -19.41 -30.13 34.65
CA ALA A 913 -19.89 -29.22 35.68
C ALA A 913 -19.79 -27.78 35.19
N TYR A 914 -20.80 -26.98 35.52
CA TYR A 914 -20.84 -25.57 35.13
C TYR A 914 -20.06 -24.77 36.17
N CYS A 915 -18.73 -24.86 36.06
CA CYS A 915 -17.82 -24.39 37.08
C CYS A 915 -16.68 -23.62 36.42
N PRO A 916 -16.05 -22.71 37.16
CA PRO A 916 -14.82 -22.05 36.66
C PRO A 916 -13.69 -23.05 36.51
N PRO A 917 -12.69 -22.77 35.65
CA PRO A 917 -12.42 -21.55 34.87
C PRO A 917 -13.11 -21.50 33.51
N ARG A 918 -13.84 -22.54 33.12
CA ARG A 918 -14.44 -22.55 31.80
C ARG A 918 -15.80 -21.86 31.78
N PHE A 919 -16.59 -22.02 32.82
CA PHE A 919 -17.94 -21.49 32.85
C PHE A 919 -18.14 -20.60 34.09
N PRO A 920 -18.92 -19.51 33.98
CA PRO A 920 -19.67 -19.00 32.81
C PRO A 920 -18.78 -18.30 31.78
N PRO A 921 -19.17 -18.28 30.51
CA PRO A 921 -18.31 -17.68 29.47
C PRO A 921 -18.27 -16.16 29.61
N GLN A 922 -17.10 -15.59 29.36
CA GLN A 922 -16.92 -14.16 29.42
C GLN A 922 -17.22 -13.52 28.07
N LEU A 923 -17.69 -12.28 28.11
CA LEU A 923 -18.00 -11.56 26.89
C LEU A 923 -16.72 -11.17 26.15
N GLU A 924 -16.71 -11.38 24.84
CA GLU A 924 -15.57 -11.07 24.00
C GLU A 924 -16.06 -10.34 22.76
N TYR A 925 -15.14 -9.60 22.14
CA TYR A 925 -15.48 -8.80 20.96
C TYR A 925 -15.34 -9.64 19.70
N TYR A 926 -16.42 -9.70 18.92
CA TYR A 926 -16.44 -10.42 17.66
C TYR A 926 -16.45 -9.40 16.53
N GLN A 927 -15.50 -9.52 15.61
CA GLN A 927 -15.31 -8.49 14.59
C GLN A 927 -16.38 -8.61 13.51
N ILE A 928 -17.15 -7.56 13.35
CA ILE A 928 -18.26 -7.49 12.41
C ILE A 928 -17.76 -6.94 11.08
N TYR A 929 -18.22 -7.53 9.98
CA TYR A 929 -17.82 -7.13 8.64
C TYR A 929 -19.02 -6.90 7.74
N ARG A 930 -18.95 -5.85 6.94
CA ARG A 930 -19.81 -5.66 5.77
C ARG A 930 -18.97 -5.89 4.53
N GLY A 931 -19.01 -7.12 4.01
CA GLY A 931 -18.09 -7.50 2.96
C GLY A 931 -16.68 -7.65 3.52
N SER A 932 -15.80 -6.70 3.19
CA SER A 932 -14.45 -6.69 3.73
C SER A 932 -14.22 -5.53 4.70
N ALA A 933 -15.09 -4.53 4.69
CA ALA A 933 -14.92 -3.38 5.57
C ALA A 933 -15.35 -3.74 6.98
N THR A 934 -14.58 -3.28 7.97
CA THR A 934 -14.96 -3.49 9.35
C THR A 934 -16.14 -2.59 9.71
N ALA A 935 -17.11 -3.16 10.41
CA ALA A 935 -18.34 -2.46 10.77
C ALA A 935 -18.62 -2.59 12.25
N GLY A 936 -17.59 -2.61 13.07
CA GLY A 936 -17.73 -2.57 14.51
C GLY A 936 -17.42 -3.91 15.16
N ASP A 937 -17.72 -3.97 16.46
CA ASP A 937 -17.47 -5.14 17.28
C ASP A 937 -18.72 -5.50 18.07
N LEU A 938 -18.91 -6.78 18.34
CA LEU A 938 -20.04 -7.28 19.11
C LEU A 938 -19.53 -7.91 20.40
N LEU A 939 -19.82 -7.29 21.52
CA LEU A 939 -19.45 -7.81 22.83
C LEU A 939 -20.50 -8.84 23.23
N ALA A 940 -20.18 -10.11 23.07
CA ALA A 940 -21.15 -11.17 23.30
C ALA A 940 -20.43 -12.42 23.77
N ALA A 941 -21.21 -13.36 24.32
CA ALA A 941 -20.72 -14.68 24.70
C ALA A 941 -21.77 -15.70 24.33
N PHE A 942 -21.32 -16.90 23.97
CA PHE A 942 -22.21 -17.95 23.50
C PHE A 942 -21.86 -19.26 24.18
N GLU A 943 -22.87 -19.99 24.63
CA GLU A 943 -22.67 -21.29 25.23
C GLU A 943 -23.72 -22.26 24.69
N LEU A 944 -23.31 -23.49 24.45
CA LEU A 944 -24.17 -24.52 23.88
C LEU A 944 -24.30 -25.64 24.92
N LEU A 945 -25.37 -25.59 25.71
CA LEU A 945 -25.54 -26.47 26.85
C LEU A 945 -26.38 -27.67 26.44
N GLN A 946 -25.88 -28.87 26.74
CA GLN A 946 -26.63 -30.08 26.43
C GLN A 946 -27.70 -30.33 27.48
N ILE A 947 -28.91 -30.63 27.02
CA ILE A 947 -29.98 -31.05 27.92
C ILE A 947 -29.73 -32.50 28.29
N GLY A 948 -29.49 -32.75 29.57
CA GLY A 948 -29.02 -34.04 30.02
C GLY A 948 -30.15 -35.05 30.15
N PRO A 949 -29.79 -36.23 30.69
CA PRO A 949 -30.82 -37.26 30.97
C PRO A 949 -31.85 -36.84 31.99
N SER A 950 -31.50 -35.92 32.89
CA SER A 950 -32.42 -35.42 33.91
C SER A 950 -33.29 -34.28 33.40
N GLY A 951 -33.14 -33.89 32.14
CA GLY A 951 -33.95 -32.81 31.61
C GLY A 951 -33.25 -31.46 31.72
N LYS A 952 -34.04 -30.42 31.93
CA LYS A 952 -33.52 -29.06 32.02
C LYS A 952 -33.10 -28.67 33.43
N ALA A 953 -33.19 -29.60 34.39
CA ALA A 953 -32.77 -29.28 35.76
C ALA A 953 -31.26 -29.20 35.88
N ASP A 954 -30.53 -29.87 34.99
CA ASP A 954 -29.07 -29.79 35.00
C ASP A 954 -28.56 -28.45 34.49
N LEU A 955 -29.40 -27.72 33.74
CA LEU A 955 -28.98 -26.45 33.17
C LEU A 955 -28.85 -25.39 34.27
N PRO A 956 -28.02 -24.36 34.07
CA PRO A 956 -27.97 -23.23 35.01
C PRO A 956 -29.28 -22.48 35.03
N PRO A 957 -29.62 -21.83 36.15
CA PRO A 957 -30.91 -21.14 36.25
C PRO A 957 -30.97 -19.90 35.37
N ILE A 958 -32.18 -19.62 34.87
CA ILE A 958 -32.46 -18.43 34.10
C ILE A 958 -33.23 -17.46 34.99
N ASN A 959 -32.68 -16.28 35.21
CA ASN A 959 -33.23 -15.32 36.16
C ASN A 959 -34.11 -14.30 35.44
N GLY A 960 -35.04 -13.72 36.18
CA GLY A 960 -35.88 -12.67 35.66
C GLY A 960 -35.12 -11.37 35.50
N PRO A 961 -35.68 -10.44 34.73
CA PRO A 961 -35.00 -9.15 34.51
C PRO A 961 -35.02 -8.29 35.76
N VAL A 962 -34.03 -7.41 35.87
CA VAL A 962 -34.02 -6.41 36.93
C VAL A 962 -35.14 -5.40 36.71
N ASP A 963 -35.33 -4.97 35.46
CA ASP A 963 -36.45 -4.11 35.08
C ASP A 963 -37.61 -5.02 34.70
N MET A 964 -38.67 -4.97 35.51
CA MET A 964 -39.80 -5.88 35.31
C MET A 964 -40.63 -5.54 34.07
N ASP A 965 -40.47 -4.33 33.52
CA ASP A 965 -41.25 -3.94 32.35
C ASP A 965 -40.75 -4.61 31.07
N ARG A 966 -39.55 -5.18 31.09
CA ARG A 966 -39.04 -5.87 29.90
C ARG A 966 -39.79 -7.16 29.62
N GLY A 967 -40.32 -7.82 30.65
CA GLY A 967 -41.18 -8.97 30.46
C GLY A 967 -40.44 -10.22 30.03
N PRO A 968 -40.81 -10.76 28.86
CA PRO A 968 -40.19 -12.01 28.40
C PRO A 968 -38.77 -11.85 27.89
N ILE A 969 -38.28 -10.62 27.72
CA ILE A 969 -36.91 -10.39 27.27
C ILE A 969 -36.02 -10.65 28.49
N MET A 970 -35.09 -11.58 28.37
CA MET A 970 -34.24 -11.93 29.49
C MET A 970 -32.95 -11.11 29.44
N PRO A 971 -32.37 -10.78 30.58
CA PRO A 971 -31.09 -10.04 30.57
C PRO A 971 -29.91 -11.00 30.48
N VAL A 972 -28.75 -10.42 30.24
CA VAL A 972 -27.50 -11.19 30.36
C VAL A 972 -27.28 -11.50 31.84
N PRO A 973 -27.11 -12.77 32.22
CA PRO A 973 -27.11 -13.13 33.64
C PRO A 973 -25.84 -12.68 34.36
N VAL A 974 -25.92 -12.71 35.68
CA VAL A 974 -24.79 -12.32 36.53
C VAL A 974 -23.69 -13.37 36.42
N GLY A 975 -22.45 -12.89 36.29
CA GLY A 975 -21.32 -13.74 36.00
C GLY A 975 -20.90 -13.73 34.55
N ILE A 976 -21.79 -13.31 33.66
CA ILE A 976 -21.47 -13.10 32.26
C ILE A 976 -21.43 -11.61 31.94
N ARG A 977 -22.39 -10.85 32.47
CA ARG A 977 -22.38 -9.41 32.35
C ARG A 977 -21.21 -8.84 33.14
N PRO A 978 -20.63 -7.71 32.70
CA PRO A 978 -19.48 -7.16 33.40
C PRO A 978 -19.86 -6.55 34.74
N VAL A 979 -18.95 -6.67 35.71
CA VAL A 979 -19.15 -6.06 37.02
C VAL A 979 -18.92 -4.56 36.89
N LEU A 980 -19.87 -3.77 37.37
CA LEU A 980 -19.81 -2.34 37.19
C LEU A 980 -19.26 -1.64 38.43
N SER A 981 -18.56 -0.54 38.20
CA SER A 981 -18.02 0.31 39.25
C SER A 981 -18.30 1.75 38.89
N LYS A 982 -18.37 2.60 39.91
CA LYS A 982 -18.70 4.00 39.69
C LYS A 982 -17.52 4.75 39.08
N TYR A 983 -17.80 5.50 38.03
CA TYR A 983 -16.83 6.35 37.36
C TYR A 983 -17.40 7.76 37.25
N ARG A 984 -16.51 8.74 37.13
CA ARG A 984 -16.92 10.10 36.80
C ARG A 984 -16.28 10.51 35.49
N VAL A 985 -17.09 10.96 34.55
CA VAL A 985 -16.63 11.47 33.27
C VAL A 985 -16.75 12.97 33.30
N GLU A 986 -15.61 13.66 33.27
CA GLU A 986 -15.57 15.11 33.21
C GLU A 986 -15.29 15.54 31.78
N VAL A 987 -16.14 16.40 31.25
CA VAL A 987 -16.06 16.85 29.87
C VAL A 987 -15.72 18.33 29.85
N LEU A 988 -14.67 18.67 29.11
CA LEU A 988 -14.37 20.06 28.79
C LEU A 988 -15.07 20.40 27.48
N PHE A 989 -15.88 21.45 27.49
CA PHE A 989 -16.57 21.92 26.30
C PHE A 989 -15.84 23.17 25.82
N TRP A 990 -14.93 23.00 24.88
CA TRP A 990 -14.10 24.12 24.43
C TRP A 990 -14.79 24.96 23.36
N GLY A 991 -15.38 24.33 22.36
CA GLY A 991 -16.07 25.08 21.33
C GLY A 991 -16.56 24.15 20.24
N LEU A 992 -17.26 24.74 19.28
CA LEU A 992 -17.76 24.04 18.10
C LEU A 992 -17.30 24.78 16.86
N ARG A 993 -16.65 24.06 15.95
CA ARG A 993 -16.01 24.65 14.79
C ARG A 993 -16.57 24.06 13.50
N ASP A 994 -16.83 24.95 12.52
CA ASP A 994 -17.22 24.59 11.15
C ASP A 994 -18.48 23.74 11.10
N LEU A 995 -19.52 24.13 11.83
CA LEU A 995 -20.78 23.41 11.78
C LEU A 995 -21.48 23.66 10.45
N LYS A 996 -21.59 22.63 9.62
CA LYS A 996 -22.21 22.77 8.31
C LYS A 996 -23.73 22.85 8.45
N ARG A 997 -24.38 23.17 7.34
CA ARG A 997 -25.82 23.33 7.31
C ARG A 997 -26.51 21.99 7.51
N VAL A 998 -27.46 21.95 8.44
CA VAL A 998 -28.37 20.81 8.58
C VAL A 998 -29.69 21.23 7.93
N ASN A 999 -30.28 20.29 7.19
CA ASN A 999 -31.37 20.52 6.22
C ASN A 999 -30.90 21.60 5.26
N LEU A 1000 -31.65 22.70 5.07
CA LEU A 1000 -31.15 23.84 4.34
C LEU A 1000 -30.66 24.95 5.26
N ALA A 1001 -31.20 25.04 6.47
CA ALA A 1001 -30.95 26.16 7.36
C ALA A 1001 -29.57 26.06 8.01
N GLN A 1002 -29.17 27.16 8.65
CA GLN A 1002 -27.91 27.20 9.36
C GLN A 1002 -28.09 26.75 10.81
N VAL A 1003 -27.01 26.23 11.39
CA VAL A 1003 -27.02 25.88 12.80
C VAL A 1003 -26.85 27.16 13.62
N ASP A 1004 -27.82 27.43 14.49
CA ASP A 1004 -27.84 28.72 15.19
C ASP A 1004 -27.74 28.64 16.70
N ARG A 1005 -28.31 27.63 17.36
CA ARG A 1005 -28.23 27.48 18.82
C ARG A 1005 -27.79 26.08 19.17
N PRO A 1006 -26.51 25.75 18.96
CA PRO A 1006 -26.08 24.36 19.16
C PRO A 1006 -25.86 24.02 20.62
N ARG A 1007 -26.09 22.76 20.94
CA ARG A 1007 -25.85 22.21 22.27
C ARG A 1007 -25.25 20.82 22.12
N VAL A 1008 -24.32 20.48 23.02
CA VAL A 1008 -23.58 19.23 22.95
C VAL A 1008 -24.08 18.31 24.04
N ASP A 1009 -24.84 17.29 23.66
CA ASP A 1009 -25.27 16.24 24.57
C ASP A 1009 -24.27 15.11 24.53
N ILE A 1010 -23.71 14.75 25.68
CA ILE A 1010 -22.73 13.67 25.75
C ILE A 1010 -23.30 12.59 26.66
N GLU A 1011 -23.36 11.36 26.15
CA GLU A 1011 -24.00 10.25 26.82
C GLU A 1011 -23.10 9.02 26.76
N CYS A 1012 -22.91 8.38 27.91
CA CYS A 1012 -22.20 7.11 27.98
C CYS A 1012 -22.97 6.18 28.91
N ALA A 1013 -23.34 5.01 28.38
CA ALA A 1013 -23.97 3.92 29.14
C ALA A 1013 -25.26 4.35 29.84
N GLY A 1014 -26.06 5.16 29.15
CA GLY A 1014 -27.33 5.62 29.67
C GLY A 1014 -27.28 6.89 30.47
N LYS A 1015 -26.22 7.14 31.21
CA LYS A 1015 -26.05 8.41 31.91
C LYS A 1015 -25.45 9.45 30.96
N GLY A 1016 -25.45 10.70 31.41
CA GLY A 1016 -24.85 11.73 30.58
C GLY A 1016 -25.06 13.11 31.15
N VAL A 1017 -24.45 14.08 30.47
CA VAL A 1017 -24.56 15.49 30.82
C VAL A 1017 -24.76 16.27 29.52
N GLN A 1018 -25.37 17.46 29.64
CA GLN A 1018 -25.61 18.33 28.51
C GLN A 1018 -24.89 19.66 28.74
N SER A 1019 -24.29 20.18 27.68
CA SER A 1019 -23.53 21.41 27.78
C SER A 1019 -24.45 22.61 27.93
N SER A 1020 -23.84 23.75 28.25
CA SER A 1020 -24.57 25.02 28.23
C SER A 1020 -24.96 25.37 26.80
N LEU A 1021 -26.15 25.92 26.63
CA LEU A 1021 -26.65 26.23 25.31
C LEU A 1021 -25.95 27.46 24.75
N ILE A 1022 -25.32 27.30 23.59
CA ILE A 1022 -24.72 28.43 22.87
C ILE A 1022 -25.88 29.25 22.30
N HIS A 1023 -26.14 30.41 22.90
CA HIS A 1023 -27.31 31.20 22.53
C HIS A 1023 -27.17 31.86 21.16
N ASN A 1024 -25.94 32.08 20.71
CA ASN A 1024 -25.72 32.58 19.35
C ASN A 1024 -24.38 32.03 18.89
N TYR A 1025 -24.42 31.23 17.82
CA TYR A 1025 -23.23 30.53 17.35
C TYR A 1025 -22.24 31.47 16.66
N LYS A 1026 -22.75 32.49 15.96
CA LYS A 1026 -21.88 33.29 15.09
C LYS A 1026 -21.01 34.24 15.90
N LYS A 1027 -21.57 34.89 16.92
CA LYS A 1027 -20.83 35.93 17.61
C LYS A 1027 -19.76 35.35 18.52
N ASN A 1028 -20.04 34.20 19.13
CA ASN A 1028 -19.07 33.46 19.93
C ASN A 1028 -19.49 32.00 19.99
N PRO A 1029 -18.81 31.10 19.30
CA PRO A 1029 -19.10 29.65 19.42
C PRO A 1029 -18.41 29.04 20.64
N ASN A 1030 -18.82 29.48 21.82
CA ASN A 1030 -18.19 29.08 23.06
C ASN A 1030 -19.25 28.73 24.08
N PHE A 1031 -18.82 28.04 25.13
CA PHE A 1031 -19.72 27.57 26.18
C PHE A 1031 -19.48 28.37 27.45
N ASN A 1032 -20.59 28.75 28.12
CA ASN A 1032 -20.49 29.52 29.35
C ASN A 1032 -19.88 28.70 30.47
N THR A 1033 -20.29 27.44 30.60
CA THR A 1033 -19.70 26.53 31.58
C THR A 1033 -18.68 25.67 30.85
N LEU A 1034 -17.41 25.81 31.24
CA LEU A 1034 -16.35 25.10 30.54
C LEU A 1034 -16.33 23.62 30.92
N VAL A 1035 -16.54 23.29 32.18
CA VAL A 1035 -16.40 21.92 32.67
C VAL A 1035 -17.69 21.48 33.33
N LYS A 1036 -18.27 20.40 32.81
CA LYS A 1036 -19.38 19.71 33.45
C LYS A 1036 -19.00 18.25 33.62
N TRP A 1037 -19.74 17.55 34.47
CA TRP A 1037 -19.41 16.15 34.74
C TRP A 1037 -20.68 15.38 35.08
N PHE A 1038 -20.57 14.05 34.94
CA PHE A 1038 -21.64 13.14 35.30
C PHE A 1038 -21.02 11.84 35.79
N GLU A 1039 -21.81 11.05 36.50
CA GLU A 1039 -21.36 9.78 37.03
C GLU A 1039 -22.06 8.63 36.32
N VAL A 1040 -21.32 7.56 36.07
CA VAL A 1040 -21.77 6.46 35.23
C VAL A 1040 -21.08 5.18 35.66
N ASP A 1041 -21.85 4.09 35.73
CA ASP A 1041 -21.31 2.77 36.02
C ASP A 1041 -20.68 2.21 34.74
N LEU A 1042 -19.40 1.86 34.82
CA LEU A 1042 -18.62 1.30 33.73
C LEU A 1042 -17.96 0.01 34.20
N PRO A 1043 -17.62 -0.92 33.29
CA PRO A 1043 -17.04 -2.21 33.71
C PRO A 1043 -15.67 -2.08 34.36
N GLU A 1044 -15.34 -3.10 35.17
CA GLU A 1044 -14.01 -3.19 35.78
C GLU A 1044 -12.91 -3.29 34.73
N ASN A 1045 -13.14 -4.11 33.71
CA ASN A 1045 -12.18 -4.26 32.63
C ASN A 1045 -12.27 -3.01 31.75
N GLU A 1046 -11.12 -2.37 31.52
CA GLU A 1046 -11.11 -1.16 30.71
C GLU A 1046 -11.29 -1.48 29.23
N LEU A 1047 -11.04 -2.73 28.84
CA LEU A 1047 -11.30 -3.16 27.47
C LEU A 1047 -12.78 -3.27 27.18
N LEU A 1048 -13.59 -3.52 28.21
CA LEU A 1048 -15.03 -3.67 28.05
C LEU A 1048 -15.78 -2.36 28.24
N HIS A 1049 -15.09 -1.23 28.25
CA HIS A 1049 -15.74 0.06 28.44
C HIS A 1049 -16.58 0.41 27.22
N PRO A 1050 -17.84 0.82 27.40
CA PRO A 1050 -18.65 1.25 26.27
C PRO A 1050 -18.15 2.58 25.72
N PRO A 1051 -18.35 2.84 24.42
CA PRO A 1051 -17.93 4.12 23.86
C PRO A 1051 -18.81 5.27 24.33
N LEU A 1052 -18.21 6.46 24.33
CA LEU A 1052 -18.89 7.67 24.75
C LEU A 1052 -19.34 8.44 23.52
N ASN A 1053 -20.61 8.82 23.49
CA ASN A 1053 -21.20 9.46 22.33
C ASN A 1053 -21.29 10.96 22.53
N ILE A 1054 -20.63 11.71 21.65
CA ILE A 1054 -20.80 13.15 21.54
C ILE A 1054 -21.88 13.38 20.48
N ARG A 1055 -22.86 14.21 20.80
CA ARG A 1055 -24.04 14.37 19.96
C ARG A 1055 -24.49 15.82 19.98
N VAL A 1056 -24.15 16.56 18.93
CA VAL A 1056 -24.47 17.97 18.81
C VAL A 1056 -25.82 18.09 18.12
N VAL A 1057 -26.74 18.83 18.76
CA VAL A 1057 -28.07 19.08 18.22
C VAL A 1057 -28.28 20.58 18.11
N ASP A 1058 -29.22 20.99 17.27
CA ASP A 1058 -29.57 22.39 17.10
C ASP A 1058 -30.88 22.64 17.84
N CYS A 1059 -30.85 23.55 18.81
CA CYS A 1059 -31.99 23.79 19.70
C CYS A 1059 -32.90 24.87 19.10
N ARG A 1060 -33.95 24.40 18.42
CA ARG A 1060 -35.01 25.29 18.00
C ARG A 1060 -35.99 25.51 19.15
N ALA A 1061 -37.03 26.30 18.89
CA ALA A 1061 -38.00 26.60 19.93
C ALA A 1061 -38.95 25.44 20.15
N PHE A 1062 -39.61 25.46 21.32
CA PHE A 1062 -40.68 24.53 21.71
C PHE A 1062 -40.22 23.07 21.74
N GLY A 1063 -38.99 22.83 22.14
CA GLY A 1063 -38.50 21.48 22.35
C GLY A 1063 -38.25 20.68 21.08
N ARG A 1064 -38.14 21.33 19.93
CA ARG A 1064 -37.86 20.65 18.68
C ARG A 1064 -36.36 20.67 18.33
N TYR A 1065 -35.71 19.51 18.32
CA TYR A 1065 -34.27 19.48 18.10
C TYR A 1065 -33.94 18.63 16.88
N THR A 1066 -33.05 19.14 16.04
CA THR A 1066 -32.56 18.42 14.87
C THR A 1066 -31.12 18.01 15.11
N LEU A 1067 -30.76 16.84 14.60
CA LEU A 1067 -29.42 16.29 14.85
C LEU A 1067 -28.43 16.91 13.86
N VAL A 1068 -27.42 17.58 14.40
CA VAL A 1068 -26.39 18.18 13.57
C VAL A 1068 -25.31 17.17 13.22
N GLY A 1069 -24.81 16.44 14.21
CA GLY A 1069 -23.78 15.46 13.97
C GLY A 1069 -23.49 14.67 15.23
N SER A 1070 -22.78 13.56 15.04
CA SER A 1070 -22.47 12.66 16.14
C SER A 1070 -21.12 12.01 15.94
N HIS A 1071 -20.35 11.94 17.02
CA HIS A 1071 -19.04 11.31 17.03
C HIS A 1071 -19.04 10.25 18.12
N ALA A 1072 -18.37 9.13 17.88
CA ALA A 1072 -18.28 8.05 18.85
C ALA A 1072 -16.82 7.86 19.26
N VAL A 1073 -16.51 8.20 20.50
CA VAL A 1073 -15.19 7.96 21.06
C VAL A 1073 -15.10 6.48 21.41
N SER A 1074 -14.45 5.70 20.53
CA SER A 1074 -14.48 4.24 20.64
C SER A 1074 -13.70 3.74 21.85
N SER A 1075 -12.59 4.38 22.18
CA SER A 1075 -11.77 3.95 23.32
C SER A 1075 -11.65 5.10 24.30
N LEU A 1076 -12.02 4.85 25.55
CA LEU A 1076 -11.87 5.84 26.60
C LEU A 1076 -10.54 5.73 27.34
N ARG A 1077 -9.69 4.77 26.96
CA ARG A 1077 -8.46 4.52 27.70
C ARG A 1077 -7.42 5.62 27.52
N ARG A 1078 -7.52 6.41 26.44
CA ARG A 1078 -6.68 7.58 26.31
C ARG A 1078 -7.04 8.64 27.34
N PHE A 1079 -8.33 8.78 27.64
CA PHE A 1079 -8.82 9.79 28.56
C PHE A 1079 -8.93 9.30 30.00
N ILE A 1080 -8.54 8.06 30.29
CA ILE A 1080 -8.63 7.55 31.65
C ILE A 1080 -7.49 8.16 32.47
N TYR A 1081 -7.84 8.79 33.58
CA TYR A 1081 -6.88 9.43 34.47
C TYR A 1081 -6.41 8.38 35.47
N ARG A 1082 -5.23 7.82 35.24
CA ARG A 1082 -4.64 7.06 36.32
C ARG A 1082 -3.89 8.02 37.25
N PRO A 1083 -3.73 7.66 38.53
CA PRO A 1083 -2.93 8.51 39.43
C PRO A 1083 -1.47 8.53 39.01
N PRO A 1084 -0.95 9.71 38.66
CA PRO A 1084 0.44 9.78 38.16
C PRO A 1084 1.45 9.57 39.27
N ASP A 1085 2.60 9.04 38.89
CA ASP A 1085 3.67 8.77 39.84
C ASP A 1085 4.56 10.00 39.93
N ARG A 1086 4.40 10.77 41.01
CA ARG A 1086 5.21 11.96 41.24
C ARG A 1086 6.45 11.67 42.08
N SER A 1087 6.68 10.40 42.42
CA SER A 1087 7.93 10.01 43.08
C SER A 1087 9.01 9.64 42.08
N ALA A 1088 8.75 9.79 40.78
CA ALA A 1088 9.74 9.51 39.76
C ALA A 1088 10.86 10.55 39.81
N PRO A 1089 12.08 10.19 39.37
CA PRO A 1089 13.17 11.18 39.33
C PRO A 1089 12.96 12.30 38.32
N ASN A 1090 12.03 12.16 37.38
CA ASN A 1090 11.70 13.26 36.47
C ASN A 1090 11.00 14.40 37.21
N TRP A 1091 10.31 14.10 38.31
CA TRP A 1091 9.61 15.12 39.08
C TRP A 1091 10.52 15.84 40.07
N ASN A 1092 11.77 15.39 40.21
CA ASN A 1092 12.67 15.93 41.22
C ASN A 1092 13.14 17.33 40.83
N THR A 1093 12.92 18.30 41.73
CA THR A 1093 13.29 19.70 41.49
C THR A 1093 14.42 20.16 42.39
N THR A 1094 15.18 19.23 42.97
CA THR A 1094 16.30 19.59 43.84
C THR A 1094 17.58 19.03 43.26
N GLY A 1095 18.70 19.68 43.61
CA GLY A 1095 19.99 19.28 43.11
C GLY A 1095 20.45 20.12 41.94
N GLU A 1096 21.67 20.64 42.00
CA GLU A 1096 22.17 21.50 40.94
C GLU A 1096 22.69 20.68 39.77
N VAL A 1097 22.15 20.94 38.58
CA VAL A 1097 22.57 20.29 37.35
C VAL A 1097 23.06 21.37 36.39
N VAL A 1098 24.25 21.18 35.84
CA VAL A 1098 24.88 22.18 34.98
C VAL A 1098 24.91 21.64 33.55
N VAL A 1099 24.33 22.42 32.62
CA VAL A 1099 24.36 22.11 31.20
C VAL A 1099 25.07 23.24 30.49
N SER A 1100 26.07 22.89 29.67
CA SER A 1100 26.89 23.88 29.00
C SER A 1100 26.69 23.80 27.49
N MET A 1101 27.11 24.87 26.81
CA MET A 1101 26.99 24.94 25.36
C MET A 1101 28.05 24.08 24.69
N ASP A 1153 32.86 34.74 3.19
CA ASP A 1153 31.78 34.11 2.42
C ASP A 1153 30.53 33.86 3.27
N GLU A 1154 30.41 34.62 4.37
CA GLU A 1154 29.23 34.52 5.21
C GLU A 1154 28.08 35.36 4.67
N SER A 1155 28.40 36.43 3.93
CA SER A 1155 27.39 37.38 3.49
C SER A 1155 26.54 36.84 2.34
N MET A 1156 27.01 35.81 1.63
CA MET A 1156 26.24 35.27 0.52
C MET A 1156 25.19 34.25 0.96
N LEU A 1157 25.14 33.92 2.25
CA LEU A 1157 24.17 32.95 2.75
C LEU A 1157 22.77 33.57 2.79
N ASP A 1158 21.78 32.71 2.59
CA ASP A 1158 20.38 33.09 2.70
C ASP A 1158 19.64 31.97 3.42
N TRP A 1159 18.30 32.01 3.34
CA TRP A 1159 17.51 30.95 3.96
C TRP A 1159 17.67 29.64 3.22
N TRP A 1160 18.01 29.68 1.94
CA TRP A 1160 18.18 28.45 1.19
C TRP A 1160 19.45 27.71 1.59
N SER A 1161 20.45 28.43 2.10
CA SER A 1161 21.66 27.79 2.63
C SER A 1161 21.33 26.89 3.82
N LYS A 1162 20.61 27.44 4.81
CA LYS A 1162 20.26 26.65 5.98
C LYS A 1162 19.22 25.60 5.64
N TYR A 1163 18.36 25.86 4.65
CA TYR A 1163 17.40 24.86 4.22
C TYR A 1163 18.08 23.66 3.58
N PHE A 1164 19.06 23.90 2.70
CA PHE A 1164 19.76 22.79 2.06
C PHE A 1164 20.66 22.06 3.04
N ALA A 1165 21.23 22.79 4.01
CA ALA A 1165 21.99 22.14 5.09
C ALA A 1165 21.10 21.23 5.93
N SER A 1166 19.87 21.68 6.23
CA SER A 1166 18.94 20.86 6.99
C SER A 1166 18.45 19.67 6.18
N ILE A 1167 18.29 19.84 4.86
CA ILE A 1167 17.89 18.74 4.00
C ILE A 1167 18.98 17.68 3.96
N ASP A 1168 20.25 18.10 3.86
CA ASP A 1168 21.36 17.14 3.90
C ASP A 1168 21.46 16.45 5.25
N THR A 1169 21.24 17.20 6.34
CA THR A 1169 21.26 16.61 7.68
C THR A 1169 20.13 15.60 7.87
N MET A 1170 18.94 15.90 7.36
CA MET A 1170 17.82 14.96 7.43
C MET A 1170 18.08 13.73 6.56
N LYS A 1171 18.71 13.92 5.40
CA LYS A 1171 18.99 12.80 4.51
C LYS A 1171 20.03 11.86 5.09
N GLU A 1172 21.05 12.40 5.78
CA GLU A 1172 22.01 11.52 6.44
C GLU A 1172 21.42 10.94 7.73
N GLN A 1173 20.48 11.63 8.37
CA GLN A 1173 19.86 11.11 9.58
C GLN A 1173 18.92 9.95 9.26
N LEU A 1174 18.27 9.99 8.10
CA LEU A 1174 17.45 8.86 7.67
C LEU A 1174 18.27 7.70 7.14
N ARG A 1175 19.58 7.86 6.98
CA ARG A 1175 20.46 6.76 6.61
C ARG A 1175 21.33 6.26 7.76
N GLN A 1176 21.40 7.02 8.87
CA GLN A 1176 22.13 6.55 10.04
C GLN A 1176 21.49 5.31 10.65
N HIS A 1177 20.16 5.28 10.74
CA HIS A 1177 19.49 4.16 11.39
C HIS A 1177 19.33 2.96 10.47
N GLU A 1178 19.65 3.10 9.17
CA GLU A 1178 19.56 1.98 8.25
C GLU A 1178 20.76 1.03 8.37
N THR A 1179 21.81 1.44 9.07
CA THR A 1179 22.99 0.60 9.24
C THR A 1179 22.71 -0.52 10.24
N ALA A 1234 33.98 26.34 9.18
CA ALA A 1234 32.69 26.99 9.04
C ALA A 1234 31.55 26.00 9.28
N LYS A 1235 30.40 26.53 9.71
CA LYS A 1235 29.24 25.69 9.97
C LYS A 1235 27.98 26.50 9.71
N ILE A 1236 26.98 25.84 9.13
CA ILE A 1236 25.70 26.45 8.82
C ILE A 1236 24.72 26.07 9.92
N ASP A 1237 24.13 27.08 10.56
CA ASP A 1237 23.08 26.85 11.54
C ASP A 1237 21.83 26.33 10.83
N GLU A 1238 21.12 25.41 11.46
CA GLU A 1238 20.12 24.61 10.77
C GLU A 1238 18.75 24.74 11.42
N LEU A 1239 17.77 24.17 10.72
CA LEU A 1239 16.41 23.97 11.21
C LEU A 1239 16.10 22.48 11.11
N LYS A 1240 14.87 22.12 11.50
CA LYS A 1240 14.49 20.71 11.58
C LYS A 1240 13.50 20.39 10.46
N VAL A 1241 13.97 19.72 9.42
CA VAL A 1241 13.07 19.32 8.34
C VAL A 1241 12.37 18.03 8.72
N TYR A 1242 11.06 18.08 8.78
CA TYR A 1242 10.24 16.90 9.08
C TYR A 1242 9.81 16.23 7.79
N PRO A 1243 10.03 14.93 7.63
CA PRO A 1243 9.55 14.23 6.43
C PRO A 1243 8.04 14.06 6.39
N LYS A 1244 7.35 14.27 7.51
CA LYS A 1244 5.90 14.18 7.59
C LYS A 1244 5.35 15.49 8.14
N GLU A 1245 4.08 15.49 8.53
CA GLU A 1245 3.48 16.68 9.13
C GLU A 1245 4.10 16.97 10.49
N LEU A 1246 3.94 18.22 10.94
CA LEU A 1246 4.39 18.59 12.28
C LEU A 1246 3.54 17.90 13.35
N GLU A 1247 2.30 17.56 13.02
CA GLU A 1247 1.44 16.81 13.93
C GLU A 1247 1.96 15.41 14.17
N SER A 1248 2.64 14.82 13.18
CA SER A 1248 3.14 13.45 13.31
C SER A 1248 4.27 13.33 14.32
N GLU A 1249 4.94 14.43 14.66
CA GLU A 1249 6.01 14.41 15.64
C GLU A 1249 5.52 14.72 17.05
N PHE A 1250 4.50 15.58 17.18
CA PHE A 1250 4.09 16.10 18.47
C PHE A 1250 2.73 15.57 18.91
N ASP A 1251 2.44 14.30 18.59
CA ASP A 1251 1.17 13.56 18.82
C ASP A 1251 -0.08 14.42 18.59
N SER A 1252 -0.11 15.07 17.43
CA SER A 1252 -1.23 15.86 16.90
C SER A 1252 -1.58 17.07 17.76
N PHE A 1253 -0.65 17.50 18.63
CA PHE A 1253 -0.81 18.63 19.55
C PHE A 1253 -2.04 18.47 20.45
N GLU A 1254 -2.34 17.24 20.83
CA GLU A 1254 -3.53 16.90 21.62
C GLU A 1254 -3.20 16.66 23.08
N ASP A 1255 -2.29 17.46 23.64
CA ASP A 1255 -1.89 17.31 25.03
C ASP A 1255 -3.01 17.66 26.01
N TRP A 1256 -3.85 18.63 25.68
CA TRP A 1256 -5.00 18.91 26.52
C TRP A 1256 -6.28 19.05 25.71
N LEU A 1257 -6.16 19.39 24.44
CA LEU A 1257 -7.31 19.67 23.59
C LEU A 1257 -7.40 18.64 22.47
N HIS A 1258 -8.56 18.00 22.37
CA HIS A 1258 -8.77 16.92 21.41
C HIS A 1258 -9.86 17.31 20.42
N THR A 1259 -9.78 16.75 19.23
CA THR A 1259 -10.74 16.99 18.16
C THR A 1259 -11.64 15.78 18.00
N PHE A 1260 -12.94 16.01 17.87
CA PHE A 1260 -13.93 14.96 17.69
C PHE A 1260 -14.76 15.33 16.46
N ASN A 1261 -14.52 14.65 15.35
CA ASN A 1261 -15.21 14.97 14.11
C ASN A 1261 -16.64 14.47 14.15
N LEU A 1262 -17.59 15.40 14.09
CA LEU A 1262 -19.01 15.05 14.04
C LEU A 1262 -19.37 14.51 12.67
N LEU A 1263 -20.19 13.47 12.63
CA LEU A 1263 -20.55 12.80 11.39
C LEU A 1263 -22.07 12.77 11.23
N ARG A 1264 -22.51 12.94 9.98
CA ARG A 1264 -23.91 12.82 9.63
C ARG A 1264 -24.01 12.12 8.29
N GLY A 1265 -25.15 11.48 8.06
CA GLY A 1265 -25.38 10.75 6.84
C GLY A 1265 -24.96 9.29 6.93
N LYS A 1266 -25.42 8.51 5.95
CA LYS A 1266 -25.07 7.10 5.88
C LYS A 1266 -23.59 6.94 5.55
N THR A 1267 -22.98 5.93 6.17
CA THR A 1267 -21.63 5.55 5.79
C THR A 1267 -21.64 4.96 4.38
N GLY A 1268 -20.63 5.32 3.59
CA GLY A 1268 -20.57 4.85 2.23
C GLY A 1268 -20.19 3.38 2.16
N ASP A 1269 -20.44 2.78 1.00
CA ASP A 1269 -20.07 1.40 0.77
C ASP A 1269 -18.56 1.28 0.56
N ASP A 1270 -18.09 0.04 0.48
CA ASP A 1270 -16.65 -0.21 0.38
C ASP A 1270 -16.08 0.19 -0.98
N GLU A 1271 -16.91 0.32 -2.01
CA GLU A 1271 -16.47 0.72 -3.33
C GLU A 1271 -16.85 2.14 -3.69
N ASP A 1272 -18.13 2.49 -3.60
CA ASP A 1272 -18.60 3.80 -4.03
C ASP A 1272 -19.58 4.36 -2.99
N GLY A 1273 -19.97 5.61 -3.20
CA GLY A 1273 -20.87 6.29 -2.29
C GLY A 1273 -20.20 7.43 -1.56
N SER A 1274 -20.62 7.69 -0.32
CA SER A 1274 -19.97 8.72 0.48
C SER A 1274 -18.67 8.18 1.08
N THR A 1275 -17.91 9.09 1.68
CA THR A 1275 -16.66 8.71 2.32
C THR A 1275 -16.64 9.33 3.72
N GLU A 1276 -15.68 8.89 4.53
CA GLU A 1276 -15.61 9.35 5.92
C GLU A 1276 -15.26 10.82 6.03
N GLU A 1277 -14.42 11.35 5.14
CA GLU A 1277 -14.10 12.77 5.17
C GLU A 1277 -15.24 13.64 4.65
N GLU A 1278 -16.11 13.10 3.78
CA GLU A 1278 -17.28 13.84 3.33
C GLU A 1278 -18.31 13.97 4.44
N ARG A 1279 -18.45 12.93 5.26
CA ARG A 1279 -19.48 12.91 6.29
C ARG A 1279 -19.20 13.84 7.46
N ILE A 1280 -18.01 14.45 7.53
CA ILE A 1280 -17.69 15.38 8.59
C ILE A 1280 -18.52 16.66 8.40
N VAL A 1281 -19.37 16.95 9.38
CA VAL A 1281 -20.25 18.11 9.35
C VAL A 1281 -19.90 19.10 10.45
N GLY A 1282 -18.74 18.95 11.07
CA GLY A 1282 -18.33 19.82 12.14
C GLY A 1282 -17.27 19.17 12.99
N ARG A 1283 -16.74 19.95 13.92
CA ARG A 1283 -15.76 19.49 14.89
C ARG A 1283 -16.16 19.94 16.27
N PHE A 1284 -16.08 19.04 17.24
CA PHE A 1284 -16.24 19.40 18.64
C PHE A 1284 -14.89 19.45 19.31
N LYS A 1285 -14.54 20.61 19.85
CA LYS A 1285 -13.29 20.81 20.55
C LYS A 1285 -13.52 20.56 22.04
N GLY A 1286 -12.64 19.78 22.65
CA GLY A 1286 -12.76 19.53 24.07
C GLY A 1286 -11.96 18.33 24.48
N SER A 1287 -12.15 17.93 25.73
CA SER A 1287 -11.38 16.82 26.30
C SER A 1287 -12.29 16.01 27.21
N LEU A 1288 -11.82 14.82 27.54
CA LEU A 1288 -12.50 13.93 28.48
C LEU A 1288 -11.52 13.52 29.56
N CYS A 1289 -12.03 13.21 30.74
CA CYS A 1289 -11.21 12.73 31.85
C CYS A 1289 -12.08 11.79 32.70
N VAL A 1290 -11.81 10.49 32.59
CA VAL A 1290 -12.62 9.47 33.24
C VAL A 1290 -11.80 8.83 34.34
N TYR A 1291 -12.31 8.85 35.56
CA TYR A 1291 -11.57 8.26 36.68
C TYR A 1291 -12.55 7.56 37.61
N LYS A 1292 -12.02 6.65 38.42
CA LYS A 1292 -12.85 5.88 39.33
C LYS A 1292 -13.32 6.73 40.51
N VAL A 1293 -14.46 6.36 41.07
CA VAL A 1293 -15.09 7.09 42.16
C VAL A 1293 -15.17 6.16 43.36
N PRO A 1294 -14.78 6.59 44.58
CA PRO A 1294 -14.18 7.89 44.93
C PRO A 1294 -12.71 8.04 44.53
N LEU A 1295 -12.30 9.25 44.20
CA LEU A 1295 -10.89 9.54 43.96
C LEU A 1295 -10.25 9.93 45.28
N PRO A 1296 -9.03 9.47 45.58
CA PRO A 1296 -8.39 9.83 46.85
C PRO A 1296 -8.07 11.32 46.93
N GLU A 1297 -8.06 11.83 48.17
CA GLU A 1297 -7.93 13.27 48.39
C GLU A 1297 -6.53 13.77 48.03
N ASP A 1298 -5.50 12.97 48.30
CA ASP A 1298 -4.14 13.37 47.95
C ASP A 1298 -3.94 13.41 46.43
N VAL A 1299 -4.60 12.50 45.71
CA VAL A 1299 -4.58 12.54 44.25
C VAL A 1299 -5.34 13.75 43.75
N SER A 1300 -6.42 14.13 44.44
CA SER A 1300 -7.18 15.33 44.08
C SER A 1300 -6.34 16.60 44.25
N ARG A 1301 -5.60 16.70 45.35
CA ARG A 1301 -4.81 17.90 45.57
C ARG A 1301 -3.49 17.87 44.80
N GLU A 1302 -3.08 16.70 44.31
CA GLU A 1302 -1.93 16.66 43.39
C GLU A 1302 -2.31 17.24 42.03
N ALA A 1303 -3.56 17.12 41.64
CA ALA A 1303 -4.05 17.70 40.39
C ALA A 1303 -4.80 19.02 40.61
N GLY A 1304 -4.80 19.55 41.82
CA GLY A 1304 -5.46 20.82 42.10
C GLY A 1304 -6.93 20.69 42.44
N TYR A 1305 -7.74 20.39 41.42
CA TYR A 1305 -9.19 20.20 41.51
C TYR A 1305 -9.89 21.44 42.08
N ASP A 1306 -9.82 22.53 41.33
CA ASP A 1306 -10.75 23.63 41.53
C ASP A 1306 -12.15 23.14 41.20
N PRO A 1307 -13.18 23.48 41.99
CA PRO A 1307 -14.53 22.97 41.72
C PRO A 1307 -15.15 23.36 40.39
N THR A 1308 -14.69 24.46 39.78
CA THR A 1308 -15.25 24.90 38.51
C THR A 1308 -14.54 24.30 37.29
N TYR A 1309 -13.32 23.78 37.46
CA TYR A 1309 -12.58 23.21 36.35
C TYR A 1309 -12.34 21.70 36.45
N GLY A 1310 -12.46 21.11 37.63
CA GLY A 1310 -12.25 19.68 37.78
C GLY A 1310 -10.80 19.29 37.55
N MET A 1311 -10.61 18.22 36.79
CA MET A 1311 -9.29 17.74 36.44
C MET A 1311 -8.58 18.66 35.43
N PHE A 1312 -9.33 19.49 34.71
CA PHE A 1312 -8.76 20.34 33.67
C PHE A 1312 -8.22 21.64 34.29
N GLN A 1313 -7.01 21.53 34.85
CA GLN A 1313 -6.31 22.69 35.35
C GLN A 1313 -5.28 23.15 34.33
N GLY A 1314 -4.99 24.45 34.36
CA GLY A 1314 -4.11 25.03 33.37
C GLY A 1314 -4.74 25.28 32.03
N ILE A 1315 -6.07 25.32 31.96
CA ILE A 1315 -6.78 25.60 30.71
C ILE A 1315 -6.58 27.06 30.34
N PRO A 1316 -6.17 27.36 29.10
CA PRO A 1316 -5.97 28.77 28.72
C PRO A 1316 -7.29 29.49 28.52
N SER A 1317 -7.17 30.77 28.18
CA SER A 1317 -8.34 31.63 28.03
C SER A 1317 -9.16 31.24 26.81
N ASN A 1318 -10.47 31.23 26.99
CA ASN A 1318 -11.41 30.87 25.93
C ASN A 1318 -11.87 32.08 25.13
N ASP A 1319 -11.41 33.28 25.49
CA ASP A 1319 -11.83 34.49 24.82
C ASP A 1319 -11.26 34.56 23.39
N PRO A 1320 -11.99 35.19 22.47
CA PRO A 1320 -11.46 35.34 21.11
C PRO A 1320 -10.25 36.27 21.06
N ILE A 1321 -9.27 35.89 20.24
CA ILE A 1321 -8.04 36.66 20.09
C ILE A 1321 -7.67 36.68 18.61
N ASN A 1322 -7.37 37.87 18.09
CA ASN A 1322 -6.92 38.01 16.71
C ASN A 1322 -5.50 37.47 16.59
N VAL A 1323 -5.28 36.62 15.59
CA VAL A 1323 -3.98 35.98 15.36
C VAL A 1323 -3.58 36.21 13.91
N LEU A 1324 -2.38 36.75 13.72
CA LEU A 1324 -1.78 36.87 12.40
C LEU A 1324 -1.17 35.53 12.02
N VAL A 1325 -1.73 34.88 11.01
CA VAL A 1325 -1.23 33.61 10.52
C VAL A 1325 -0.39 33.86 9.28
N ARG A 1326 0.87 33.46 9.33
CA ARG A 1326 1.84 33.71 8.27
C ARG A 1326 2.29 32.36 7.72
N ILE A 1327 1.73 31.96 6.58
CA ILE A 1327 2.03 30.67 5.97
C ILE A 1327 3.16 30.86 4.97
N TYR A 1328 4.31 30.26 5.27
CA TYR A 1328 5.44 30.22 4.35
C TYR A 1328 5.34 28.93 3.54
N VAL A 1329 5.11 29.06 2.24
CA VAL A 1329 5.09 27.91 1.34
C VAL A 1329 6.43 27.83 0.64
N VAL A 1330 7.20 26.78 0.93
CA VAL A 1330 8.54 26.65 0.41
C VAL A 1330 8.53 26.11 -1.01
N ARG A 1331 8.03 24.89 -1.18
CA ARG A 1331 8.07 24.21 -2.47
C ARG A 1331 7.05 23.08 -2.45
N ALA A 1332 6.85 22.48 -3.62
CA ALA A 1332 6.08 21.27 -3.75
C ALA A 1332 6.86 20.26 -4.57
N THR A 1333 6.64 18.98 -4.30
CA THR A 1333 7.34 17.91 -5.00
C THR A 1333 6.34 16.84 -5.41
N ASP A 1334 6.57 16.28 -6.61
CA ASP A 1334 5.82 15.16 -7.16
C ASP A 1334 4.33 15.46 -7.27
N LEU A 1335 4.00 16.61 -7.86
CA LEU A 1335 2.61 16.98 -8.05
C LEU A 1335 1.97 16.11 -9.13
N HIS A 1336 0.71 15.77 -8.91
CA HIS A 1336 -0.01 15.00 -9.91
C HIS A 1336 -0.31 15.88 -11.12
N PRO A 1337 -0.07 15.41 -12.34
CA PRO A 1337 -0.37 16.23 -13.52
C PRO A 1337 -1.85 16.47 -13.70
N ALA A 1338 -2.20 17.70 -14.06
CA ALA A 1338 -3.59 18.06 -14.25
C ALA A 1338 -3.85 18.73 -15.60
N ASP A 1339 -2.95 18.58 -16.56
CA ASP A 1339 -3.14 19.07 -17.91
C ASP A 1339 -2.96 17.94 -18.90
N ILE A 1340 -3.29 18.21 -20.16
CA ILE A 1340 -3.17 17.19 -21.20
C ILE A 1340 -1.73 16.97 -21.63
N ASN A 1341 -0.83 17.89 -21.30
CA ASN A 1341 0.57 17.74 -21.67
C ASN A 1341 1.39 17.02 -20.61
N GLY A 1342 0.75 16.48 -19.57
CA GLY A 1342 1.46 15.76 -18.54
C GLY A 1342 2.06 16.61 -17.45
N LYS A 1343 1.79 17.91 -17.44
CA LYS A 1343 2.33 18.81 -16.43
C LYS A 1343 1.20 19.57 -15.77
N ALA A 1344 1.54 20.60 -14.99
CA ALA A 1344 0.55 21.44 -14.34
C ALA A 1344 1.14 22.83 -14.17
N ASP A 1345 0.29 23.78 -13.83
CA ASP A 1345 0.74 25.14 -13.55
C ASP A 1345 0.35 25.52 -12.13
N PRO A 1346 1.09 25.05 -11.13
CA PRO A 1346 0.62 25.19 -9.74
C PRO A 1346 0.68 26.61 -9.22
N TYR A 1347 -0.27 26.92 -8.34
CA TYR A 1347 -0.25 28.11 -7.52
C TYR A 1347 -0.85 27.76 -6.17
N ILE A 1348 -0.61 28.62 -5.18
CA ILE A 1348 -1.01 28.34 -3.81
C ILE A 1348 -2.31 29.09 -3.51
N ALA A 1349 -3.33 28.35 -3.10
CA ALA A 1349 -4.60 28.92 -2.67
C ALA A 1349 -4.86 28.54 -1.22
N ILE A 1350 -4.97 29.55 -0.36
CA ILE A 1350 -5.09 29.35 1.08
C ILE A 1350 -6.46 29.83 1.53
N LYS A 1351 -7.19 28.96 2.23
CA LYS A 1351 -8.49 29.29 2.79
C LYS A 1351 -8.41 29.18 4.30
N LEU A 1352 -8.71 30.29 4.99
CA LEU A 1352 -8.68 30.31 6.45
C LEU A 1352 -9.77 31.26 6.92
N GLY A 1353 -10.86 30.71 7.42
CA GLY A 1353 -11.99 31.55 7.82
C GLY A 1353 -12.69 32.12 6.61
N LYS A 1354 -12.94 33.42 6.64
CA LYS A 1354 -13.58 34.09 5.51
C LYS A 1354 -12.57 34.50 4.44
N THR A 1355 -11.27 34.43 4.75
CA THR A 1355 -10.25 34.80 3.79
C THR A 1355 -9.98 33.65 2.83
N ASP A 1356 -10.14 33.90 1.54
CA ASP A 1356 -9.90 32.90 0.50
C ASP A 1356 -8.94 33.51 -0.52
N ILE A 1357 -7.65 33.40 -0.24
CA ILE A 1357 -6.62 33.83 -1.18
C ILE A 1357 -6.49 32.79 -2.28
N ARG A 1358 -6.54 33.23 -3.54
CA ARG A 1358 -6.23 32.38 -4.68
C ARG A 1358 -5.21 33.13 -5.51
N ASP A 1359 -3.96 32.66 -5.47
CA ASP A 1359 -2.85 33.38 -6.09
C ASP A 1359 -2.67 32.99 -7.55
N LYS A 1360 -3.70 33.26 -8.37
CA LYS A 1360 -3.67 32.84 -9.77
C LYS A 1360 -2.68 33.65 -10.60
N GLU A 1361 -2.31 34.84 -10.12
CA GLU A 1361 -1.38 35.69 -10.86
C GLU A 1361 0.06 35.21 -10.75
N ASN A 1362 0.37 34.36 -9.77
CA ASN A 1362 1.73 33.90 -9.53
C ASN A 1362 1.88 32.40 -9.72
N TYR A 1363 1.23 31.85 -10.75
CA TYR A 1363 1.40 30.44 -11.06
C TYR A 1363 2.75 30.20 -11.72
N ILE A 1364 3.28 29.00 -11.51
CA ILE A 1364 4.54 28.57 -12.11
C ILE A 1364 4.20 27.60 -13.23
N SER A 1365 4.46 28.01 -14.46
CA SER A 1365 3.94 27.27 -15.60
C SER A 1365 4.75 26.02 -15.91
N LYS A 1366 4.03 24.92 -16.17
CA LYS A 1366 4.56 23.65 -16.69
C LYS A 1366 5.64 23.06 -15.79
N GLN A 1367 5.35 23.03 -14.50
CA GLN A 1367 6.28 22.53 -13.51
C GLN A 1367 5.56 21.60 -12.54
N LEU A 1368 6.11 20.40 -12.34
CA LEU A 1368 5.55 19.48 -11.37
C LEU A 1368 6.33 19.43 -10.07
N ASN A 1369 7.48 20.11 -9.98
CA ASN A 1369 8.21 20.30 -8.73
C ASN A 1369 8.48 21.79 -8.54
N PRO A 1370 7.46 22.58 -8.21
CA PRO A 1370 7.64 24.03 -8.16
C PRO A 1370 8.37 24.46 -6.91
N VAL A 1371 9.07 25.58 -7.01
CA VAL A 1371 9.66 26.24 -5.86
C VAL A 1371 8.92 27.56 -5.68
N PHE A 1372 8.00 27.60 -4.72
CA PHE A 1372 7.15 28.77 -4.55
C PHE A 1372 7.92 29.92 -3.90
N GLY A 1373 8.40 29.72 -2.69
CA GLY A 1373 9.07 30.79 -1.97
C GLY A 1373 8.16 31.94 -1.60
N LYS A 1374 6.94 31.62 -1.18
CA LYS A 1374 5.90 32.61 -0.95
C LYS A 1374 5.59 32.70 0.54
N SER A 1375 5.00 33.81 0.94
CA SER A 1375 4.49 34.01 2.29
C SER A 1375 3.16 34.74 2.19
N PHE A 1376 2.18 34.28 2.97
CA PHE A 1376 0.83 34.82 2.94
C PHE A 1376 0.44 35.23 4.36
N ASP A 1377 -0.08 36.44 4.50
CA ASP A 1377 -0.52 36.96 5.79
C ASP A 1377 -2.04 36.99 5.82
N ILE A 1378 -2.62 36.26 6.76
CA ILE A 1378 -4.07 36.18 6.95
C ILE A 1378 -4.37 36.50 8.40
N GLU A 1379 -5.13 37.56 8.64
CA GLU A 1379 -5.58 37.88 9.99
C GLU A 1379 -6.86 37.11 10.28
N ALA A 1380 -6.79 36.16 11.20
CA ALA A 1380 -7.90 35.28 11.51
C ALA A 1380 -8.26 35.41 12.97
N SER A 1381 -9.56 35.42 13.26
CA SER A 1381 -10.06 35.56 14.64
C SER A 1381 -10.13 34.17 15.26
N PHE A 1382 -9.11 33.83 16.04
CA PHE A 1382 -9.03 32.57 16.75
C PHE A 1382 -10.01 32.57 17.92
N PRO A 1383 -10.53 31.39 18.32
CA PRO A 1383 -10.35 30.05 17.75
C PRO A 1383 -11.39 29.68 16.71
N MET A 1384 -12.17 30.66 16.23
CA MET A 1384 -13.21 30.36 15.25
C MET A 1384 -12.60 30.06 13.88
N GLU A 1385 -11.77 30.96 13.38
CA GLU A 1385 -11.16 30.81 12.06
C GLU A 1385 -9.80 30.14 12.25
N SER A 1386 -9.83 28.83 12.37
CA SER A 1386 -8.62 28.07 12.67
C SER A 1386 -8.35 26.88 11.78
N MET A 1387 -9.31 26.43 10.96
CA MET A 1387 -9.05 25.39 9.98
C MET A 1387 -8.30 25.99 8.80
N LEU A 1388 -7.00 25.73 8.76
CA LEU A 1388 -6.17 26.23 7.67
C LEU A 1388 -6.11 25.22 6.54
N THR A 1389 -6.47 25.64 5.34
CA THR A 1389 -6.46 24.79 4.16
C THR A 1389 -5.50 25.38 3.13
N VAL A 1390 -4.32 24.80 3.02
CA VAL A 1390 -3.34 25.20 2.02
C VAL A 1390 -3.44 24.22 0.86
N ALA A 1391 -3.77 24.75 -0.31
CA ALA A 1391 -4.07 23.93 -1.48
C ALA A 1391 -3.17 24.33 -2.63
N VAL A 1392 -2.95 23.39 -3.54
CA VAL A 1392 -2.20 23.61 -4.77
C VAL A 1392 -3.18 23.43 -5.92
N TYR A 1393 -3.31 24.44 -6.77
CA TYR A 1393 -4.24 24.42 -7.87
C TYR A 1393 -3.50 24.57 -9.20
N ASP A 1394 -3.84 23.73 -10.15
CA ASP A 1394 -3.34 23.85 -11.52
C ASP A 1394 -4.15 24.94 -12.21
N TRP A 1395 -3.48 26.02 -12.61
CA TRP A 1395 -4.14 27.09 -13.34
C TRP A 1395 -4.42 26.64 -14.78
N ASP A 1396 -5.63 26.92 -15.24
CA ASP A 1396 -6.05 26.60 -16.59
C ASP A 1396 -6.49 27.86 -17.31
N LEU A 1397 -6.08 27.98 -18.57
CA LEU A 1397 -6.47 29.14 -19.38
C LEU A 1397 -7.96 29.14 -19.66
N VAL A 1398 -8.53 27.98 -19.97
CA VAL A 1398 -9.96 27.85 -20.22
C VAL A 1398 -10.53 26.84 -19.23
N GLY A 1399 -11.72 27.14 -18.73
CA GLY A 1399 -12.35 26.30 -17.74
C GLY A 1399 -11.86 26.61 -16.34
N THR A 1400 -12.40 25.86 -15.39
CA THR A 1400 -12.05 26.06 -13.99
C THR A 1400 -10.68 25.46 -13.68
N ASP A 1401 -10.02 26.03 -12.68
CA ASP A 1401 -8.72 25.52 -12.26
C ASP A 1401 -8.90 24.24 -11.45
N ASP A 1402 -8.04 23.27 -11.73
CA ASP A 1402 -8.14 21.93 -11.17
C ASP A 1402 -7.46 21.90 -9.81
N LEU A 1403 -8.05 21.17 -8.87
CA LEU A 1403 -7.41 20.98 -7.57
C LEU A 1403 -6.42 19.82 -7.66
N ILE A 1404 -5.13 20.13 -7.51
CA ILE A 1404 -4.13 19.09 -7.41
C ILE A 1404 -4.21 18.38 -6.07
N GLY A 1405 -4.31 19.15 -4.99
CA GLY A 1405 -4.43 18.56 -3.66
C GLY A 1405 -4.50 19.66 -2.63
N GLU A 1406 -4.85 19.26 -1.41
CA GLU A 1406 -4.96 20.20 -0.31
C GLU A 1406 -4.66 19.48 1.00
N THR A 1407 -4.30 20.26 2.01
CA THR A 1407 -4.04 19.73 3.33
C THR A 1407 -4.72 20.60 4.38
N LYS A 1408 -5.12 19.98 5.49
CA LYS A 1408 -5.76 20.67 6.60
C LYS A 1408 -4.82 20.62 7.80
N ILE A 1409 -4.58 21.77 8.41
CA ILE A 1409 -3.51 21.90 9.39
C ILE A 1409 -4.04 21.98 10.82
N ASP A 1410 -5.23 22.57 11.06
CA ASP A 1410 -5.87 22.72 12.36
C ASP A 1410 -5.01 23.52 13.33
N LEU A 1411 -4.88 24.82 13.06
CA LEU A 1411 -4.10 25.76 13.85
C LEU A 1411 -4.59 25.95 15.28
N GLU A 1412 -5.84 25.55 15.59
CA GLU A 1412 -6.35 25.73 16.95
C GLU A 1412 -5.61 24.83 17.94
N ASN A 1413 -5.26 23.62 17.52
CA ASN A 1413 -4.44 22.75 18.35
C ASN A 1413 -3.03 23.28 18.49
N ARG A 1414 -2.52 23.94 17.45
CA ARG A 1414 -1.16 24.44 17.48
C ARG A 1414 -1.03 25.67 18.37
N PHE A 1415 -2.05 26.53 18.36
CA PHE A 1415 -1.95 27.82 19.05
C PHE A 1415 -2.00 27.66 20.56
N TYR A 1416 -2.81 26.74 21.06
CA TYR A 1416 -3.00 26.56 22.49
C TYR A 1416 -2.15 25.46 23.09
N SER A 1417 -1.29 24.81 22.29
CA SER A 1417 -0.52 23.68 22.76
C SER A 1417 0.56 24.12 23.75
N LYS A 1418 0.89 23.20 24.66
CA LYS A 1418 2.02 23.42 25.56
C LYS A 1418 3.36 23.27 24.86
N HIS A 1419 3.37 22.72 23.64
CA HIS A 1419 4.56 22.59 22.82
C HIS A 1419 5.00 23.90 22.20
N ARG A 1420 4.18 24.96 22.30
CA ARG A 1420 4.43 26.28 21.70
C ARG A 1420 4.66 26.18 20.19
N ALA A 1421 3.62 25.74 19.48
CA ALA A 1421 3.67 25.57 18.04
C ALA A 1421 3.35 26.82 17.29
N THR A 1422 3.31 27.97 17.96
CA THR A 1422 3.04 29.23 17.25
C THR A 1422 4.21 29.61 16.36
N CYS A 1423 5.39 29.79 16.93
CA CYS A 1423 6.57 30.17 16.17
C CYS A 1423 7.70 29.24 16.59
N GLY A 1424 8.35 28.61 15.62
CA GLY A 1424 9.44 27.70 15.91
C GLY A 1424 10.67 28.40 16.47
N ILE A 1425 11.30 27.80 17.46
CA ILE A 1425 12.49 28.39 18.07
C ILE A 1425 13.74 27.94 17.31
N ALA A 1426 14.61 28.88 16.99
CA ALA A 1426 15.78 28.59 16.18
C ALA A 1426 16.84 27.86 17.02
N GLN A 1427 17.79 27.24 16.31
CA GLN A 1427 18.87 26.55 16.98
C GLN A 1427 19.81 27.52 17.68
N THR A 1428 20.25 28.56 16.98
CA THR A 1428 21.09 29.60 17.56
C THR A 1428 20.40 30.95 17.35
N TYR A 1429 20.76 31.91 18.19
CA TYR A 1429 20.17 33.24 18.15
C TYR A 1429 21.08 34.20 17.41
N SER A 1430 20.48 35.04 16.56
CA SER A 1430 21.18 36.15 15.95
C SER A 1430 20.15 37.21 15.58
N ILE A 1431 20.64 38.42 15.31
CA ILE A 1431 19.79 39.54 14.94
C ILE A 1431 20.10 40.05 13.54
N HIS A 1432 20.78 39.26 12.72
CA HIS A 1432 21.14 39.67 11.37
C HIS A 1432 21.38 38.44 10.51
N GLY A 1433 21.34 38.64 9.20
CA GLY A 1433 21.80 37.63 8.27
C GLY A 1433 20.77 36.56 7.93
N TYR A 1434 21.31 35.42 7.50
CA TYR A 1434 20.48 34.32 7.02
C TYR A 1434 19.74 33.62 8.16
N ASN A 1435 20.32 33.64 9.36
CA ASN A 1435 19.74 32.99 10.53
C ASN A 1435 19.09 33.98 11.49
N ILE A 1436 18.42 35.01 10.95
CA ILE A 1436 17.85 36.05 11.78
C ILE A 1436 16.65 35.50 12.55
N TRP A 1437 16.50 35.95 13.80
CA TRP A 1437 15.43 35.49 14.68
C TRP A 1437 14.10 36.07 14.23
N ARG A 1438 13.16 35.20 13.84
CA ARG A 1438 11.91 35.66 13.23
C ARG A 1438 10.94 36.19 14.27
N ASP A 1439 10.93 35.62 15.45
CA ASP A 1439 9.90 35.86 16.47
C ASP A 1439 10.04 37.26 17.04
N PRO A 1440 8.96 38.05 17.09
CA PRO A 1440 9.00 39.32 17.82
C PRO A 1440 9.27 39.16 19.31
N MET A 1441 8.92 38.02 19.90
CA MET A 1441 9.30 37.73 21.28
C MET A 1441 10.71 37.15 21.28
N LYS A 1442 11.60 37.81 22.00
CA LYS A 1442 12.98 37.35 22.14
C LYS A 1442 13.01 36.07 22.99
N PRO A 1443 14.10 35.27 22.90
CA PRO A 1443 14.17 34.05 23.73
C PRO A 1443 14.11 34.28 25.23
N SER A 1444 14.60 35.43 25.71
CA SER A 1444 14.42 35.78 27.11
C SER A 1444 12.94 36.00 27.46
N GLN A 1445 12.20 36.65 26.56
CA GLN A 1445 10.77 36.86 26.79
C GLN A 1445 9.99 35.56 26.73
N ILE A 1446 10.35 34.66 25.82
CA ILE A 1446 9.70 33.35 25.73
C ILE A 1446 10.00 32.52 26.97
N LEU A 1447 11.25 32.58 27.46
CA LEU A 1447 11.62 31.86 28.67
C LEU A 1447 10.90 32.43 29.89
N THR A 1448 10.76 33.76 29.96
CA THR A 1448 10.03 34.40 31.05
C THR A 1448 8.55 34.03 31.02
N ARG A 1449 7.96 33.99 29.83
CA ARG A 1449 6.55 33.61 29.69
C ARG A 1449 6.33 32.14 30.07
N LEU A 1450 7.27 31.27 29.68
CA LEU A 1450 7.13 29.85 30.00
C LEU A 1450 7.37 29.59 31.48
N CYS A 1451 8.22 30.38 32.12
CA CYS A 1451 8.42 30.24 33.55
C CYS A 1451 7.25 30.83 34.33
N LYS A 1452 6.61 31.87 33.79
CA LYS A 1452 5.47 32.48 34.47
C LYS A 1452 4.22 31.60 34.35
N GLU A 1453 4.02 30.98 33.19
CA GLU A 1453 2.86 30.11 33.01
C GLU A 1453 3.03 28.81 33.79
N GLY A 1454 4.23 28.26 33.80
CA GLY A 1454 4.49 27.01 34.49
C GLY A 1454 4.81 27.12 35.96
N LYS A 1455 4.78 28.34 36.51
CA LYS A 1455 5.07 28.64 37.93
C LYS A 1455 6.45 28.15 38.35
N VAL A 1456 7.43 28.26 37.46
CA VAL A 1456 8.80 27.90 37.76
C VAL A 1456 9.52 29.12 38.29
N ASP A 1457 10.39 28.91 39.29
CA ASP A 1457 11.23 30.00 39.78
C ASP A 1457 12.29 30.31 38.74
N GLY A 1458 12.28 31.52 38.22
CA GLY A 1458 13.16 31.91 37.15
C GLY A 1458 12.45 32.69 36.06
N PRO A 1459 13.17 33.05 34.99
CA PRO A 1459 14.61 32.83 34.74
C PRO A 1459 15.49 33.83 35.49
N HIS A 1460 16.50 33.32 36.20
CA HIS A 1460 17.37 34.17 37.03
C HIS A 1460 18.66 34.40 36.27
N PHE A 1461 18.72 35.51 35.55
CA PHE A 1461 19.95 35.88 34.85
C PHE A 1461 20.92 36.51 35.84
N GLY A 1462 22.08 35.89 36.00
CA GLY A 1462 23.14 36.44 36.81
C GLY A 1462 24.06 37.27 35.94
N PRO A 1463 25.29 36.83 35.76
CA PRO A 1463 26.11 37.36 34.65
C PRO A 1463 25.53 36.92 33.31
N HIS A 1464 25.90 37.64 32.26
CA HIS A 1464 25.26 37.50 30.95
C HIS A 1464 25.48 36.15 30.28
N GLY A 1465 26.44 35.35 30.75
CA GLY A 1465 26.68 34.06 30.14
C GLY A 1465 25.94 32.89 30.76
N ARG A 1466 25.04 33.13 31.71
CA ARG A 1466 24.36 32.03 32.39
C ARG A 1466 22.97 32.43 32.84
N VAL A 1467 22.13 31.42 33.07
CA VAL A 1467 20.78 31.59 33.60
C VAL A 1467 20.50 30.40 34.51
N ARG A 1468 19.62 30.59 35.49
CA ARG A 1468 19.14 29.50 36.33
C ARG A 1468 17.63 29.37 36.16
N VAL A 1469 17.20 28.23 35.61
CA VAL A 1469 15.79 27.89 35.48
C VAL A 1469 15.57 26.64 36.33
N ALA A 1470 14.74 26.77 37.37
CA ALA A 1470 14.51 25.77 38.42
C ALA A 1470 15.82 25.30 39.03
N ASN A 1471 16.02 23.99 39.08
CA ASN A 1471 17.23 23.40 39.65
C ASN A 1471 18.39 23.33 38.67
N ARG A 1472 18.20 23.76 37.43
CA ARG A 1472 19.18 23.58 36.37
C ARG A 1472 19.75 24.92 35.93
N VAL A 1473 21.07 24.95 35.74
CA VAL A 1473 21.77 26.16 35.31
C VAL A 1473 22.33 25.92 33.92
N PHE A 1474 21.98 26.80 32.98
CA PHE A 1474 22.47 26.73 31.62
C PHE A 1474 23.54 27.81 31.42
N THR A 1475 24.53 27.51 30.58
CA THR A 1475 25.55 28.47 30.19
C THR A 1475 25.65 28.53 28.68
N GLY A 1476 26.17 29.64 28.18
CA GLY A 1476 26.35 29.83 26.76
C GLY A 1476 27.18 31.06 26.46
N PRO A 1477 27.26 31.45 25.19
CA PRO A 1477 27.95 32.70 24.83
C PRO A 1477 27.19 33.91 25.35
N SER A 1478 27.94 34.96 25.67
CA SER A 1478 27.34 36.11 26.35
C SER A 1478 27.29 37.37 25.50
N GLU A 1479 27.60 37.29 24.21
CA GLU A 1479 27.67 38.49 23.37
C GLU A 1479 26.94 38.26 22.04
N ILE A 1480 26.21 39.28 21.61
CA ILE A 1480 25.46 39.27 20.36
C ILE A 1480 26.24 40.08 19.33
N GLU A 1481 25.99 39.83 18.05
CA GLU A 1481 26.63 40.53 16.95
C GLU A 1481 25.61 41.41 16.24
N ASP A 1482 25.79 42.73 16.32
CA ASP A 1482 24.84 43.70 15.75
C ASP A 1482 25.23 44.15 14.35
N GLU A 1483 25.49 43.20 13.43
CA GLU A 1483 25.53 43.36 11.98
C GLU A 1483 26.74 44.12 11.45
N ASN A 1484 27.56 44.72 12.32
CA ASN A 1484 28.69 45.53 11.89
C ASN A 1484 30.01 45.12 12.53
N GLY A 1485 30.09 43.90 13.07
CA GLY A 1485 31.28 43.44 13.75
C GLY A 1485 31.40 43.86 15.21
N GLN A 1486 30.55 44.77 15.68
CA GLN A 1486 30.62 45.19 17.07
C GLN A 1486 29.71 44.33 17.94
N ARG A 1487 30.05 44.24 19.22
CA ARG A 1487 29.44 43.30 20.14
C ARG A 1487 28.83 44.02 21.34
N LYS A 1488 27.70 43.50 21.81
CA LYS A 1488 27.04 43.95 23.03
C LYS A 1488 26.79 42.74 23.91
N PRO A 1489 26.82 42.90 25.23
CA PRO A 1489 26.42 41.79 26.11
C PRO A 1489 24.92 41.55 26.02
N THR A 1490 24.54 40.28 26.12
CA THR A 1490 23.14 39.90 25.95
C THR A 1490 22.84 38.65 26.75
N ASP A 1491 21.55 38.38 26.95
CA ASP A 1491 21.12 37.18 27.66
C ASP A 1491 20.41 36.19 26.77
N GLU A 1492 20.35 36.46 25.45
CA GLU A 1492 19.45 35.72 24.59
C GLU A 1492 20.01 34.36 24.19
N HIS A 1493 21.34 34.22 24.13
CA HIS A 1493 21.93 32.93 23.75
C HIS A 1493 21.69 31.88 24.82
N VAL A 1494 21.88 32.24 26.08
CA VAL A 1494 21.66 31.26 27.16
C VAL A 1494 20.16 31.04 27.37
N ALA A 1495 19.33 32.03 27.03
CA ALA A 1495 17.89 31.85 27.08
C ALA A 1495 17.41 30.87 26.01
N LEU A 1496 17.98 30.98 24.80
CA LEU A 1496 17.63 30.02 23.75
C LEU A 1496 18.22 28.64 24.03
N SER A 1497 19.36 28.59 24.73
CA SER A 1497 19.90 27.30 25.17
C SER A 1497 18.97 26.65 26.21
N ALA A 1498 18.38 27.47 27.08
CA ALA A 1498 17.38 26.96 28.02
C ALA A 1498 16.12 26.51 27.31
N LEU A 1499 15.70 27.25 26.27
CA LEU A 1499 14.51 26.90 25.52
C LEU A 1499 14.71 25.62 24.71
N ARG A 1500 15.93 25.39 24.23
CA ARG A 1500 16.22 24.18 23.48
C ARG A 1500 16.23 22.96 24.38
N HIS A 1501 16.57 23.14 25.66
CA HIS A 1501 16.53 22.08 26.65
C HIS A 1501 15.36 22.26 27.62
N TRP A 1502 14.22 22.75 27.13
CA TRP A 1502 13.05 22.90 27.98
C TRP A 1502 12.40 21.57 28.32
N GLU A 1503 12.71 20.51 27.55
CA GLU A 1503 12.19 19.19 27.86
C GLU A 1503 12.77 18.64 29.16
N ASP A 1504 13.98 19.06 29.52
CA ASP A 1504 14.64 18.57 30.73
C ASP A 1504 14.13 19.23 32.00
N ILE A 1505 13.27 20.24 31.90
CA ILE A 1505 12.71 20.91 33.08
C ILE A 1505 11.80 19.94 33.82
N PRO A 1506 11.95 19.79 35.16
CA PRO A 1506 11.24 18.73 35.88
C PRO A 1506 9.73 18.86 35.95
N ARG A 1507 9.22 20.03 36.36
CA ARG A 1507 7.81 20.13 36.69
C ARG A 1507 6.92 20.21 35.44
N VAL A 1508 7.12 21.25 34.63
CA VAL A 1508 6.25 21.52 33.49
C VAL A 1508 7.04 21.48 32.19
N GLY A 1509 8.11 20.68 32.17
CA GLY A 1509 8.98 20.64 31.01
C GLY A 1509 8.30 19.98 29.81
N CYS A 1510 8.67 20.45 28.63
CA CYS A 1510 8.00 20.06 27.41
C CYS A 1510 8.93 20.34 26.22
N ARG A 1511 8.92 19.43 25.25
CA ARG A 1511 9.71 19.61 24.04
C ARG A 1511 9.07 20.68 23.17
N LEU A 1512 9.71 21.83 23.07
CA LEU A 1512 9.18 22.93 22.27
C LEU A 1512 9.36 22.66 20.78
N VAL A 1513 8.49 23.27 19.99
CA VAL A 1513 8.51 23.11 18.54
C VAL A 1513 9.66 23.94 17.98
N PRO A 1514 10.61 23.33 17.29
CA PRO A 1514 11.71 24.09 16.70
C PRO A 1514 11.29 24.76 15.40
N GLU A 1515 12.18 25.62 14.90
CA GLU A 1515 12.04 26.15 13.56
C GLU A 1515 12.14 25.01 12.56
N HIS A 1516 11.18 24.93 11.65
CA HIS A 1516 10.97 23.68 10.94
C HIS A 1516 10.43 23.95 9.54
N VAL A 1517 10.57 22.93 8.69
CA VAL A 1517 9.85 22.82 7.44
C VAL A 1517 9.22 21.43 7.41
N GLU A 1518 7.89 21.38 7.52
CA GLU A 1518 7.14 20.13 7.52
C GLU A 1518 6.73 19.79 6.10
N THR A 1519 6.65 18.50 5.80
CA THR A 1519 6.27 18.02 4.47
C THR A 1519 4.88 17.40 4.58
N ARG A 1520 3.87 18.18 4.24
CA ARG A 1520 2.49 17.72 4.36
C ARG A 1520 2.02 17.13 3.04
N PRO A 1521 1.42 15.94 3.07
CA PRO A 1521 0.86 15.35 1.83
C PRO A 1521 -0.35 16.13 1.34
N LEU A 1522 -0.53 16.13 0.03
CA LEU A 1522 -1.65 16.81 -0.62
C LEU A 1522 -2.67 15.77 -1.04
N LEU A 1523 -3.89 15.91 -0.55
CA LEU A 1523 -4.95 14.93 -0.75
C LEU A 1523 -6.06 15.52 -1.59
N ASN A 1524 -6.55 14.75 -2.54
CA ASN A 1524 -7.67 15.12 -3.39
C ASN A 1524 -8.86 14.26 -2.99
N PRO A 1525 -10.02 14.86 -2.64
CA PRO A 1525 -11.22 14.05 -2.37
C PRO A 1525 -11.70 13.23 -3.56
N ASP A 1526 -11.50 13.73 -4.78
CA ASP A 1526 -11.88 12.98 -5.98
C ASP A 1526 -11.00 11.77 -6.22
N LYS A 1527 -9.76 11.78 -5.74
CA LYS A 1527 -8.85 10.63 -5.85
C LYS A 1527 -8.35 10.27 -4.45
N PRO A 1528 -9.19 9.65 -3.63
CA PRO A 1528 -8.86 9.47 -2.21
C PRO A 1528 -7.87 8.33 -2.01
N GLY A 1529 -7.18 8.40 -0.86
CA GLY A 1529 -6.30 7.34 -0.44
C GLY A 1529 -4.90 7.39 -1.02
N ILE A 1530 -4.68 8.12 -2.10
CA ILE A 1530 -3.38 8.20 -2.75
C ILE A 1530 -2.85 9.60 -2.59
N GLU A 1531 -1.70 9.73 -1.94
CA GLU A 1531 -1.02 11.02 -1.84
C GLU A 1531 -0.47 11.41 -3.20
N GLN A 1532 -0.89 12.56 -3.70
CA GLN A 1532 -0.51 13.01 -5.03
C GLN A 1532 0.13 14.39 -4.97
N GLY A 1533 1.01 14.57 -4.01
CA GLY A 1533 1.76 15.79 -3.84
C GLY A 1533 2.34 15.86 -2.45
N ARG A 1534 3.43 16.60 -2.33
CA ARG A 1534 4.06 16.86 -1.05
C ARG A 1534 4.43 18.33 -0.97
N LEU A 1535 3.68 19.08 -0.18
CA LEU A 1535 3.86 20.51 -0.04
C LEU A 1535 4.68 20.79 1.21
N GLU A 1536 5.90 21.25 1.03
CA GLU A 1536 6.77 21.65 2.12
C GLU A 1536 6.44 23.07 2.52
N LEU A 1537 6.11 23.27 3.79
CA LEU A 1537 5.71 24.58 4.28
C LEU A 1537 6.04 24.65 5.76
N TRP A 1538 5.70 25.80 6.36
CA TRP A 1538 5.54 25.92 7.80
C TRP A 1538 4.67 27.13 8.08
N VAL A 1539 3.98 27.08 9.22
CA VAL A 1539 3.00 28.09 9.58
C VAL A 1539 3.48 28.76 10.86
N ASP A 1540 3.58 30.08 10.83
CA ASP A 1540 3.84 30.89 12.01
C ASP A 1540 2.56 31.56 12.47
N MET A 1541 2.41 31.74 13.78
CA MET A 1541 1.26 32.44 14.34
C MET A 1541 1.74 33.41 15.39
N PHE A 1542 1.27 34.65 15.31
CA PHE A 1542 1.65 35.70 16.24
C PHE A 1542 0.36 36.37 16.71
N PRO A 1543 0.09 36.40 18.02
CA PRO A 1543 -1.09 37.13 18.50
C PRO A 1543 -0.93 38.63 18.32
N MET A 1544 -2.00 39.28 17.86
CA MET A 1544 -1.93 40.69 17.53
C MET A 1544 -2.05 41.62 18.74
N ASP A 1545 -2.37 41.08 19.92
CA ASP A 1545 -2.25 41.86 21.15
C ASP A 1545 -0.82 41.93 21.65
N MET A 1546 0.05 41.05 21.16
CA MET A 1546 1.49 41.13 21.36
C MET A 1546 2.07 42.12 20.36
N PRO A 1547 3.33 42.55 20.55
CA PRO A 1547 4.01 43.33 19.50
C PRO A 1547 4.10 42.56 18.18
N ALA A 1548 3.91 43.30 17.08
CA ALA A 1548 3.78 42.70 15.77
C ALA A 1548 5.13 42.21 15.26
N PRO A 1549 5.14 41.14 14.47
CA PRO A 1549 6.39 40.71 13.83
C PRO A 1549 6.78 41.65 12.71
N GLY A 1550 8.01 41.48 12.24
CA GLY A 1550 8.52 42.28 11.15
C GLY A 1550 8.03 41.80 9.80
N THR A 1551 8.83 42.10 8.78
CA THR A 1551 8.55 41.62 7.44
C THR A 1551 8.75 40.11 7.38
N PRO A 1552 8.05 39.42 6.49
CA PRO A 1552 8.27 37.97 6.35
C PRO A 1552 9.66 37.66 5.80
N LEU A 1553 10.13 36.45 6.11
CA LEU A 1553 11.45 36.01 5.67
C LEU A 1553 11.52 35.91 4.16
N ASP A 1554 12.68 36.23 3.61
CA ASP A 1554 12.90 36.16 2.16
C ASP A 1554 13.27 34.72 1.82
N ILE A 1555 12.24 33.88 1.67
CA ILE A 1555 12.43 32.48 1.30
C ILE A 1555 12.18 32.34 -0.18
N SER A 1556 12.10 33.47 -0.88
CA SER A 1556 11.93 33.50 -2.33
C SER A 1556 13.13 32.83 -3.01
N PRO A 1557 12.92 32.15 -4.15
CA PRO A 1557 13.99 31.34 -4.74
C PRO A 1557 15.16 32.18 -5.23
N ARG A 1558 16.33 31.55 -5.26
CA ARG A 1558 17.58 32.26 -5.53
C ARG A 1558 17.62 32.76 -6.96
N LYS A 1559 17.96 34.03 -7.11
CA LYS A 1559 18.18 34.58 -8.43
C LYS A 1559 19.50 34.04 -8.97
N PRO A 1560 19.51 33.50 -10.19
CA PRO A 1560 20.74 32.91 -10.72
C PRO A 1560 21.79 33.95 -11.08
N LYS A 1561 23.03 33.66 -10.71
CA LYS A 1561 24.15 34.54 -11.02
C LYS A 1561 24.45 34.52 -12.51
N LYS A 1562 24.63 35.69 -13.10
CA LYS A 1562 24.84 35.80 -14.53
C LYS A 1562 26.31 35.58 -14.88
N TYR A 1563 26.54 34.79 -15.92
CA TYR A 1563 27.88 34.46 -16.39
C TYR A 1563 27.92 34.59 -17.91
N GLU A 1564 29.14 34.43 -18.44
CA GLU A 1564 29.36 34.37 -19.88
C GLU A 1564 30.58 33.49 -20.13
N LEU A 1565 30.35 32.35 -20.79
CA LEU A 1565 31.44 31.43 -21.09
C LEU A 1565 31.95 31.70 -22.49
N ARG A 1566 33.27 31.94 -22.60
CA ARG A 1566 33.90 32.24 -23.87
C ARG A 1566 34.75 31.07 -24.31
N VAL A 1567 34.39 30.45 -25.44
CA VAL A 1567 35.06 29.26 -25.93
C VAL A 1567 35.74 29.63 -27.24
N ILE A 1568 37.05 29.77 -27.22
CA ILE A 1568 37.82 30.10 -28.42
C ILE A 1568 38.28 28.80 -29.05
N VAL A 1569 37.61 28.39 -30.13
CA VAL A 1569 38.04 27.21 -30.89
C VAL A 1569 39.21 27.64 -31.77
N TRP A 1570 40.42 27.22 -31.38
CA TRP A 1570 41.62 27.61 -32.10
C TRP A 1570 41.79 26.81 -33.37
N ASN A 1571 41.98 25.49 -33.24
CA ASN A 1571 42.28 24.64 -34.38
C ASN A 1571 41.59 23.30 -34.21
N THR A 1572 41.71 22.46 -35.24
CA THR A 1572 41.35 21.06 -35.18
C THR A 1572 42.45 20.23 -35.83
N ASP A 1573 42.60 19.00 -35.37
CA ASP A 1573 43.62 18.10 -35.90
C ASP A 1573 43.07 16.68 -35.94
N GLU A 1574 43.55 15.92 -36.92
CA GLU A 1574 43.19 14.52 -37.17
C GLU A 1574 41.69 14.30 -37.35
N VAL A 1575 41.01 15.24 -38.00
CA VAL A 1575 39.60 15.07 -38.31
C VAL A 1575 39.46 14.10 -39.47
N VAL A 1576 38.52 13.16 -39.35
CA VAL A 1576 38.29 12.19 -40.41
C VAL A 1576 37.73 12.88 -41.65
N LEU A 1577 38.11 12.37 -42.82
CA LEU A 1577 37.75 12.99 -44.09
C LEU A 1577 36.50 12.31 -44.61
N GLU A 1578 35.36 13.00 -44.49
CA GLU A 1578 34.08 12.42 -44.85
C GLU A 1578 33.90 12.33 -46.36
N ASP A 1579 34.30 13.37 -47.09
CA ASP A 1579 34.02 13.45 -48.52
C ASP A 1579 35.02 12.64 -49.32
N ASP A 1580 34.55 12.10 -50.44
CA ASP A 1580 35.40 11.54 -51.48
C ASP A 1580 35.23 12.34 -52.76
N ASP A 1581 36.34 12.60 -53.45
CA ASP A 1581 36.29 13.37 -54.68
C ASP A 1581 35.64 12.55 -55.78
N PHE A 1582 34.71 13.17 -56.51
CA PHE A 1582 33.93 12.46 -57.50
C PHE A 1582 34.74 12.13 -58.75
N PHE A 1583 35.78 12.91 -59.04
CA PHE A 1583 36.56 12.73 -60.26
C PHE A 1583 37.94 12.13 -60.02
N THR A 1584 38.61 12.49 -58.93
CA THR A 1584 39.96 12.02 -58.67
C THR A 1584 40.07 11.07 -57.48
N GLY A 1585 39.13 11.09 -56.54
CA GLY A 1585 39.02 10.06 -55.54
C GLY A 1585 39.72 10.29 -54.22
N GLU A 1586 40.46 11.39 -54.07
CA GLU A 1586 41.11 11.65 -52.79
C GLU A 1586 40.10 12.12 -51.75
N LYS A 1587 40.43 11.90 -50.49
CA LYS A 1587 39.53 12.22 -49.38
C LYS A 1587 39.80 13.63 -48.87
N SER A 1588 38.73 14.30 -48.46
CA SER A 1588 38.81 15.65 -47.92
C SER A 1588 37.64 15.87 -46.97
N SER A 1589 37.68 17.00 -46.26
CA SER A 1589 36.63 17.32 -45.31
C SER A 1589 36.52 18.83 -45.14
N ASP A 1590 35.29 19.34 -45.20
CA ASP A 1590 35.01 20.76 -44.99
C ASP A 1590 34.66 20.99 -43.52
N ILE A 1591 35.71 21.12 -42.71
CA ILE A 1591 35.56 21.08 -41.27
C ILE A 1591 35.06 22.42 -40.74
N PHE A 1592 33.97 22.38 -39.97
CA PHE A 1592 33.58 23.52 -39.14
C PHE A 1592 33.06 22.98 -37.81
N VAL A 1593 33.15 23.82 -36.79
CA VAL A 1593 32.84 23.43 -35.41
C VAL A 1593 31.51 24.07 -35.00
N ARG A 1594 30.66 23.27 -34.39
CA ARG A 1594 29.38 23.70 -33.87
C ARG A 1594 29.38 23.63 -32.35
N GLY A 1595 29.01 24.71 -31.70
CA GLY A 1595 29.05 24.75 -30.24
C GLY A 1595 27.81 25.38 -29.66
N TRP A 1596 27.35 24.83 -28.55
CA TRP A 1596 26.24 25.42 -27.82
C TRP A 1596 26.39 25.07 -26.34
N LEU A 1597 25.69 25.83 -25.51
CA LEU A 1597 25.67 25.59 -24.08
C LEU A 1597 24.26 25.30 -23.56
N LYS A 1598 23.27 26.08 -23.98
CA LYS A 1598 21.90 25.85 -23.53
C LYS A 1598 21.17 24.85 -24.42
N GLY A 1599 21.34 24.96 -25.73
CA GLY A 1599 20.67 24.05 -26.64
C GLY A 1599 20.94 24.42 -28.08
N GLN A 1600 20.43 23.57 -28.97
CA GLN A 1600 20.64 23.78 -30.40
C GLN A 1600 19.78 24.92 -30.94
N GLN A 1601 18.62 25.17 -30.33
CA GLN A 1601 17.75 26.23 -30.79
C GLN A 1601 17.94 27.54 -30.03
N GLU A 1602 18.87 27.58 -29.07
CA GLU A 1602 19.04 28.77 -28.25
C GLU A 1602 20.46 29.31 -28.23
N ASP A 1603 21.49 28.47 -28.30
CA ASP A 1603 22.87 28.91 -28.14
C ASP A 1603 23.80 28.45 -29.23
N LYS A 1604 23.28 27.91 -30.34
CA LYS A 1604 24.13 27.30 -31.35
C LYS A 1604 24.88 28.36 -32.15
N GLN A 1605 26.19 28.21 -32.22
CA GLN A 1605 27.06 29.08 -33.01
C GLN A 1605 28.01 28.22 -33.82
N ASP A 1606 28.17 28.55 -35.10
CA ASP A 1606 29.01 27.80 -36.01
C ASP A 1606 30.20 28.63 -36.45
N THR A 1607 31.37 28.01 -36.46
CA THR A 1607 32.53 28.64 -37.06
C THR A 1607 32.41 28.64 -38.57
N ASP A 1608 33.22 29.47 -39.22
CA ASP A 1608 33.27 29.43 -40.67
C ASP A 1608 34.00 28.16 -41.13
N VAL A 1609 33.71 27.76 -42.36
CA VAL A 1609 34.12 26.46 -42.86
C VAL A 1609 35.55 26.53 -43.36
N HIS A 1610 36.41 25.67 -42.81
CA HIS A 1610 37.76 25.44 -43.33
C HIS A 1610 37.63 24.47 -44.50
N TYR A 1611 37.52 25.02 -45.69
CA TYR A 1611 37.18 24.24 -46.86
C TYR A 1611 38.36 23.41 -47.35
N HIS A 1612 38.06 22.16 -47.73
CA HIS A 1612 38.96 21.25 -48.43
C HIS A 1612 40.23 20.94 -47.62
N SER A 1613 40.03 20.37 -46.45
CA SER A 1613 41.15 19.91 -45.64
C SER A 1613 41.54 18.50 -46.06
N LEU A 1614 42.77 18.35 -46.55
CA LEU A 1614 43.26 17.07 -47.05
C LEU A 1614 43.96 16.25 -45.97
N THR A 1615 44.09 16.77 -44.76
CA THR A 1615 44.81 16.07 -43.70
C THR A 1615 44.08 16.11 -42.36
N GLY A 1616 42.93 16.76 -42.27
CA GLY A 1616 42.22 16.90 -41.01
C GLY A 1616 42.57 18.15 -40.22
N GLU A 1617 43.53 18.95 -40.68
CA GLU A 1617 43.88 20.17 -39.98
C GLU A 1617 42.93 21.30 -40.37
N GLY A 1618 42.33 21.93 -39.38
CA GLY A 1618 41.50 23.09 -39.59
C GLY A 1618 41.97 24.26 -38.77
N ASN A 1619 41.86 25.48 -39.30
CA ASN A 1619 42.27 26.68 -38.60
C ASN A 1619 41.06 27.61 -38.50
N PHE A 1620 40.60 27.85 -37.27
CA PHE A 1620 39.40 28.63 -37.07
C PHE A 1620 39.64 29.94 -36.36
N ASN A 1621 40.21 29.92 -35.15
CA ASN A 1621 40.36 31.08 -34.26
C ASN A 1621 39.04 31.84 -34.10
N TRP A 1622 38.01 31.11 -33.68
CA TRP A 1622 36.63 31.59 -33.66
C TRP A 1622 36.14 31.58 -32.22
N ARG A 1623 35.61 32.72 -31.77
CA ARG A 1623 35.19 32.86 -30.38
C ARG A 1623 33.67 32.71 -30.28
N TYR A 1624 33.24 31.76 -29.45
CA TYR A 1624 31.85 31.70 -29.04
C TYR A 1624 31.63 32.56 -27.80
N LEU A 1625 30.41 33.07 -27.65
CA LEU A 1625 29.97 33.70 -26.41
C LEU A 1625 28.66 33.06 -25.98
N PHE A 1626 28.64 32.56 -24.75
CA PHE A 1626 27.48 31.88 -24.18
C PHE A 1626 27.07 32.59 -22.89
N PRO A 1627 26.26 33.64 -22.97
CA PRO A 1627 25.71 34.23 -21.74
C PRO A 1627 24.64 33.32 -21.17
N PHE A 1628 24.74 33.03 -19.87
CA PHE A 1628 23.81 32.10 -19.24
C PHE A 1628 23.65 32.46 -17.78
N ASP A 1629 22.50 32.09 -17.24
CA ASP A 1629 22.19 32.24 -15.82
C ASP A 1629 22.47 30.91 -15.13
N TYR A 1630 23.06 30.97 -13.94
CA TYR A 1630 23.58 29.77 -13.27
C TYR A 1630 23.18 29.76 -11.80
N LEU A 1631 22.68 28.61 -11.34
CA LEU A 1631 22.47 28.36 -9.92
C LEU A 1631 23.64 27.49 -9.45
N ALA A 1632 24.40 28.01 -8.49
CA ALA A 1632 25.61 27.33 -8.04
C ALA A 1632 25.29 26.10 -7.19
N ALA A 1633 24.25 26.15 -6.37
CA ALA A 1633 23.92 25.03 -5.50
C ALA A 1633 23.35 23.85 -6.27
N GLU A 1634 22.50 24.11 -7.26
CA GLU A 1634 21.91 23.05 -8.05
C GLU A 1634 22.78 22.61 -9.22
N GLU A 1635 23.81 23.40 -9.55
CA GLU A 1635 24.64 23.24 -10.75
C GLU A 1635 23.80 23.19 -12.02
N LYS A 1636 22.81 24.06 -12.13
CA LYS A 1636 21.87 24.06 -13.24
C LYS A 1636 21.83 25.43 -13.89
N ILE A 1637 21.87 25.44 -15.23
CA ILE A 1637 21.59 26.65 -15.98
C ILE A 1637 20.10 26.91 -16.00
N VAL A 1638 19.71 28.12 -15.61
CA VAL A 1638 18.31 28.53 -15.57
C VAL A 1638 18.03 29.39 -16.79
N MET A 1639 17.00 29.02 -17.55
CA MET A 1639 16.61 29.75 -18.73
C MET A 1639 15.08 29.76 -18.82
N SER A 1640 14.54 30.85 -19.37
CA SER A 1640 13.11 31.00 -19.53
C SER A 1640 12.79 31.04 -21.02
N LYS A 1641 12.03 30.07 -21.49
CA LYS A 1641 11.62 30.01 -22.89
C LYS A 1641 10.26 29.33 -22.96
N LYS A 1642 9.57 29.57 -24.07
CA LYS A 1642 8.30 28.90 -24.32
C LYS A 1642 8.55 27.41 -24.61
N GLU A 1643 7.60 26.58 -24.19
CA GLU A 1643 7.66 25.15 -24.51
C GLU A 1643 7.53 24.90 -26.00
N SER A 1644 6.62 25.62 -26.66
CA SER A 1644 6.47 25.53 -28.11
C SER A 1644 6.09 26.92 -28.61
N MET A 1645 5.95 27.02 -29.94
CA MET A 1645 5.52 28.29 -30.53
C MET A 1645 4.10 28.62 -30.16
N PHE A 1646 3.23 27.62 -30.10
CA PHE A 1646 1.83 27.81 -29.71
C PHE A 1646 1.64 27.49 -28.22
N SER A 1647 2.27 28.31 -27.38
CA SER A 1647 2.16 28.17 -25.93
C SER A 1647 1.88 29.53 -25.32
N TRP A 1648 1.26 29.52 -24.14
CA TRP A 1648 0.73 30.75 -23.56
C TRP A 1648 1.77 31.52 -22.76
N ASP A 1649 2.75 30.85 -22.18
CA ASP A 1649 3.62 31.49 -21.21
C ASP A 1649 5.02 30.91 -21.29
N GLU A 1650 5.97 31.65 -20.71
CA GLU A 1650 7.34 31.18 -20.62
C GLU A 1650 7.52 30.25 -19.43
N THR A 1651 8.29 29.18 -19.64
CA THR A 1651 8.52 28.13 -18.66
C THR A 1651 9.98 28.16 -18.24
N GLU A 1652 10.23 28.08 -16.94
CA GLU A 1652 11.59 28.03 -16.41
C GLU A 1652 12.11 26.59 -16.49
N TYR A 1653 13.25 26.42 -17.16
CA TYR A 1653 13.89 25.12 -17.31
C TYR A 1653 15.24 25.13 -16.63
N LYS A 1654 15.60 24.01 -16.01
CA LYS A 1654 16.91 23.82 -15.40
C LYS A 1654 17.60 22.65 -16.08
N ILE A 1655 18.72 22.92 -16.74
CA ILE A 1655 19.46 21.94 -17.51
C ILE A 1655 20.86 21.86 -16.92
N PRO A 1656 21.61 20.78 -17.09
CA PRO A 1656 23.00 20.77 -16.63
C PRO A 1656 23.86 21.70 -17.46
N ALA A 1657 24.87 22.28 -16.82
CA ALA A 1657 25.80 23.17 -17.51
C ALA A 1657 26.80 22.31 -18.26
N ARG A 1658 26.50 22.03 -19.54
CA ARG A 1658 27.32 21.18 -20.38
C ARG A 1658 27.58 21.87 -21.70
N LEU A 1659 28.84 22.17 -21.98
CA LEU A 1659 29.24 22.70 -23.28
C LEU A 1659 29.42 21.56 -24.27
N THR A 1660 28.74 21.64 -25.40
CA THR A 1660 28.84 20.62 -26.43
C THR A 1660 29.60 21.18 -27.63
N LEU A 1661 30.69 20.51 -27.99
CA LEU A 1661 31.45 20.85 -29.18
C LEU A 1661 31.36 19.70 -30.17
N GLN A 1662 31.05 20.02 -31.42
CA GLN A 1662 30.85 19.02 -32.46
C GLN A 1662 31.65 19.40 -33.69
N ILE A 1663 32.09 18.40 -34.43
CA ILE A 1663 32.74 18.59 -35.71
C ILE A 1663 31.78 18.17 -36.81
N TRP A 1664 31.65 19.01 -37.83
CA TRP A 1664 30.72 18.74 -38.93
C TRP A 1664 31.44 18.96 -40.26
N ASP A 1665 30.92 18.33 -41.30
CA ASP A 1665 31.39 18.50 -42.66
C ASP A 1665 30.33 19.25 -43.45
N ALA A 1666 30.69 20.40 -43.99
CA ALA A 1666 29.73 21.24 -44.69
C ALA A 1666 29.57 20.77 -46.15
N ASP A 1667 28.32 20.58 -46.55
CA ASP A 1667 27.99 20.15 -47.91
C ASP A 1667 27.14 21.22 -48.58
N HIS A 1668 27.50 21.56 -49.82
CA HIS A 1668 26.73 22.55 -50.56
C HIS A 1668 25.42 21.97 -51.11
N PHE A 1669 25.42 20.69 -51.49
CA PHE A 1669 24.30 20.10 -52.21
C PHE A 1669 23.52 19.10 -51.36
N SER A 1670 23.86 18.97 -50.08
CA SER A 1670 23.15 18.06 -49.19
C SER A 1670 23.26 18.61 -47.77
N ALA A 1671 22.67 17.88 -46.82
CA ALA A 1671 22.78 18.26 -45.42
C ALA A 1671 24.18 18.00 -44.91
N ASP A 1672 24.57 18.77 -43.89
CA ASP A 1672 25.88 18.62 -43.29
C ASP A 1672 25.96 17.30 -42.52
N ASP A 1673 27.15 16.71 -42.50
CA ASP A 1673 27.37 15.39 -41.97
C ASP A 1673 28.06 15.47 -40.61
N PHE A 1674 27.48 14.82 -39.62
CA PHE A 1674 28.05 14.79 -38.28
C PHE A 1674 29.30 13.92 -38.28
N LEU A 1675 30.36 14.40 -37.64
CA LEU A 1675 31.63 13.68 -37.59
C LEU A 1675 32.00 13.22 -36.18
N GLY A 1676 31.83 14.06 -35.17
CA GLY A 1676 32.15 13.67 -33.81
C GLY A 1676 31.68 14.74 -32.85
N ALA A 1677 31.75 14.39 -31.56
CA ALA A 1677 31.28 15.30 -30.52
C ALA A 1677 31.94 14.97 -29.19
N ILE A 1678 32.00 15.99 -28.34
CA ILE A 1678 32.34 15.84 -26.92
C ILE A 1678 31.38 16.72 -26.13
N GLU A 1679 30.93 16.20 -24.99
CA GLU A 1679 30.00 16.91 -24.11
C GLU A 1679 30.71 17.13 -22.78
N LEU A 1680 31.35 18.29 -22.65
CA LEU A 1680 32.10 18.66 -21.46
C LEU A 1680 31.13 19.16 -20.39
N ASP A 1681 30.98 18.39 -19.32
CA ASP A 1681 30.26 18.89 -18.15
C ASP A 1681 31.13 19.93 -17.48
N LEU A 1682 30.60 21.15 -17.31
CA LEU A 1682 31.41 22.30 -16.89
C LEU A 1682 31.91 22.22 -15.46
N ASN A 1683 31.42 21.27 -14.66
CA ASN A 1683 31.98 21.04 -13.34
C ASN A 1683 32.91 19.84 -13.29
N ARG A 1684 32.78 18.90 -14.22
CA ARG A 1684 33.51 17.64 -14.17
C ARG A 1684 34.05 17.25 -15.55
N PHE A 1685 34.68 18.19 -16.25
CA PHE A 1685 35.24 17.83 -17.55
C PHE A 1685 36.74 17.58 -17.42
N PRO A 1686 37.28 16.63 -18.18
CA PRO A 1686 38.72 16.35 -18.09
C PRO A 1686 39.56 17.51 -18.62
N ARG A 1687 40.76 17.63 -18.08
CA ARG A 1687 41.68 18.67 -18.53
C ARG A 1687 42.16 18.40 -19.94
N GLY A 1688 42.28 19.45 -20.74
CA GLY A 1688 42.74 19.28 -22.11
C GLY A 1688 44.22 18.96 -22.16
N ALA A 1689 44.61 18.20 -23.17
CA ALA A 1689 46.01 17.86 -23.37
C ALA A 1689 46.80 19.07 -23.84
N LYS A 1690 48.10 19.06 -23.57
CA LYS A 1690 48.95 20.17 -23.95
C LYS A 1690 49.13 20.26 -25.46
N THR A 1691 49.26 19.12 -26.14
CA THR A 1691 49.39 19.09 -27.59
C THR A 1691 48.31 18.19 -28.16
N ALA A 1692 48.19 18.23 -29.50
CA ALA A 1692 47.23 17.35 -30.17
C ALA A 1692 47.67 15.90 -30.10
N LYS A 1693 48.98 15.64 -30.03
CA LYS A 1693 49.51 14.30 -29.92
C LYS A 1693 49.15 13.64 -28.59
N GLN A 1694 49.15 14.40 -27.49
CA GLN A 1694 48.84 13.85 -26.18
C GLN A 1694 47.35 13.58 -25.99
N CYS A 1695 46.49 14.13 -26.84
CA CYS A 1695 45.06 13.87 -26.73
C CYS A 1695 44.74 12.47 -27.24
N THR A 1696 44.12 11.67 -26.38
CA THR A 1696 43.81 10.28 -26.73
C THR A 1696 42.33 10.02 -26.49
N MET A 1697 41.93 8.77 -26.74
CA MET A 1697 40.56 8.31 -26.54
C MET A 1697 40.20 8.27 -25.06
N GLU A 1698 41.19 8.05 -24.19
CA GLU A 1698 40.95 7.77 -22.79
C GLU A 1698 40.51 9.00 -21.99
N MET A 1699 40.62 10.21 -22.55
CA MET A 1699 40.17 11.39 -21.82
C MET A 1699 38.65 11.46 -21.76
N ALA A 1700 37.98 11.08 -22.83
CA ALA A 1700 36.52 11.16 -22.90
C ALA A 1700 35.82 9.91 -22.42
N THR A 1701 36.48 8.75 -22.46
CA THR A 1701 35.85 7.51 -22.04
C THR A 1701 35.96 7.35 -20.52
N GLY A 1702 35.68 6.14 -20.05
CA GLY A 1702 35.50 5.89 -18.63
C GLY A 1702 36.75 5.64 -17.81
N GLU A 1703 37.91 6.01 -18.34
CA GLU A 1703 39.16 5.89 -17.57
C GLU A 1703 39.22 6.96 -16.50
N VAL A 1704 39.53 6.54 -15.26
CA VAL A 1704 39.58 7.44 -14.12
C VAL A 1704 40.92 8.12 -13.96
N ASP A 1705 41.93 7.73 -14.76
CA ASP A 1705 43.28 8.25 -14.62
C ASP A 1705 43.43 9.70 -15.04
N VAL A 1706 42.47 10.25 -15.76
CA VAL A 1706 42.50 11.64 -16.21
C VAL A 1706 41.83 12.50 -15.14
N PRO A 1707 42.51 13.53 -14.61
CA PRO A 1707 41.90 14.36 -13.55
C PRO A 1707 40.77 15.23 -14.09
N LEU A 1708 39.84 15.57 -13.21
CA LEU A 1708 38.68 16.38 -13.58
C LEU A 1708 38.83 17.81 -13.08
N VAL A 1709 38.37 18.75 -13.91
CA VAL A 1709 38.53 20.18 -13.70
C VAL A 1709 37.16 20.82 -13.77
N SER A 1710 36.88 21.72 -12.82
CA SER A 1710 35.69 22.56 -12.86
C SER A 1710 36.05 23.93 -13.42
N ILE A 1711 35.27 24.40 -14.38
CA ILE A 1711 35.53 25.73 -14.96
C ILE A 1711 35.05 26.84 -14.04
N PHE A 1712 34.23 26.52 -13.04
CA PHE A 1712 33.78 27.54 -12.10
C PHE A 1712 34.83 27.79 -11.03
N LYS A 1713 35.87 26.96 -10.97
CA LYS A 1713 36.98 27.15 -10.05
C LYS A 1713 38.27 27.54 -10.77
N GLN A 1714 38.61 26.80 -11.82
CA GLN A 1714 39.83 27.04 -12.58
C GLN A 1714 39.76 28.31 -13.41
N LYS A 1715 38.59 28.62 -13.98
CA LYS A 1715 38.19 29.86 -14.65
C LYS A 1715 38.83 30.05 -16.03
N ARG A 1716 39.77 29.20 -16.40
CA ARG A 1716 40.41 29.23 -17.72
C ARG A 1716 41.11 27.90 -17.97
N VAL A 1717 40.64 27.17 -18.98
CA VAL A 1717 41.23 25.89 -19.36
C VAL A 1717 41.51 25.92 -20.86
N LYS A 1718 42.77 25.79 -21.24
CA LYS A 1718 43.15 25.67 -22.64
C LYS A 1718 43.79 24.31 -22.87
N GLY A 1719 43.33 23.59 -23.89
CA GLY A 1719 43.87 22.28 -24.17
C GLY A 1719 43.22 21.67 -25.38
N TRP A 1720 43.49 20.37 -25.55
CA TRP A 1720 42.96 19.58 -26.65
C TRP A 1720 41.99 18.54 -26.12
N TRP A 1721 40.89 18.34 -26.82
CA TRP A 1721 39.86 17.41 -26.40
C TRP A 1721 39.50 16.45 -27.53
N PRO A 1722 39.19 15.20 -27.20
CA PRO A 1722 38.82 14.24 -28.25
C PRO A 1722 37.33 14.29 -28.57
N LEU A 1723 37.03 14.10 -29.85
CA LEU A 1723 35.65 14.03 -30.32
C LEU A 1723 35.39 12.65 -30.87
N LEU A 1724 34.30 12.03 -30.40
CA LEU A 1724 34.04 10.62 -30.62
C LEU A 1724 32.77 10.43 -31.42
N ALA A 1725 32.74 9.34 -32.18
CA ALA A 1725 31.54 8.91 -32.89
C ALA A 1725 31.47 7.39 -32.84
N ARG A 1726 30.24 6.87 -32.90
CA ARG A 1726 30.01 5.44 -32.85
C ARG A 1726 29.85 4.91 -34.27
N ASN A 1727 30.62 3.87 -34.60
CA ASN A 1727 30.58 3.25 -35.92
C ASN A 1727 29.47 2.21 -35.98
N GLU A 1728 29.50 1.40 -37.05
CA GLU A 1728 28.50 0.35 -37.23
C GLU A 1728 28.64 -0.77 -36.21
N ASN A 1729 29.81 -0.93 -35.60
CA ASN A 1729 30.04 -1.93 -34.56
C ASN A 1729 29.72 -1.41 -33.17
N ASP A 1730 29.08 -0.23 -33.08
CA ASP A 1730 28.59 0.41 -31.86
C ASP A 1730 29.70 0.71 -30.86
N GLU A 1731 30.93 0.89 -31.34
CA GLU A 1731 32.03 1.24 -30.45
C GLU A 1731 32.51 2.66 -30.75
N PHE A 1732 33.09 3.28 -29.74
CA PHE A 1732 33.61 4.63 -29.89
C PHE A 1732 34.91 4.62 -30.68
N GLU A 1733 35.06 5.61 -31.56
CA GLU A 1733 36.29 5.78 -32.31
C GLU A 1733 36.65 7.26 -32.33
N LEU A 1734 37.94 7.53 -32.53
CA LEU A 1734 38.46 8.90 -32.50
C LEU A 1734 38.29 9.49 -33.90
N THR A 1735 37.35 10.41 -34.05
CA THR A 1735 37.07 11.03 -35.33
C THR A 1735 37.63 12.44 -35.45
N GLY A 1736 38.30 12.94 -34.43
CA GLY A 1736 38.88 14.28 -34.51
C GLY A 1736 39.28 14.77 -33.14
N LYS A 1737 40.07 15.84 -33.16
CA LYS A 1737 40.53 16.53 -31.96
C LYS A 1737 40.32 18.02 -32.17
N VAL A 1738 40.00 18.74 -31.09
CA VAL A 1738 39.76 20.18 -31.16
C VAL A 1738 40.60 20.87 -30.09
N GLU A 1739 41.21 21.99 -30.45
CA GLU A 1739 41.87 22.86 -29.50
C GLU A 1739 40.89 23.96 -29.11
N ALA A 1740 40.66 24.10 -27.80
CA ALA A 1740 39.70 25.08 -27.32
C ALA A 1740 40.25 25.78 -26.09
N GLU A 1741 39.77 27.00 -25.87
CA GLU A 1741 40.15 27.79 -24.71
C GLU A 1741 38.86 28.24 -24.03
N LEU A 1742 38.41 27.48 -23.04
CA LEU A 1742 37.30 27.88 -22.21
C LEU A 1742 37.74 28.98 -21.25
N HIS A 1743 36.86 29.96 -21.05
CA HIS A 1743 37.18 31.10 -20.20
C HIS A 1743 35.88 31.62 -19.61
N LEU A 1744 35.61 31.24 -18.37
CA LEU A 1744 34.38 31.64 -17.68
C LEU A 1744 34.58 32.99 -17.03
N LEU A 1745 33.63 33.90 -17.24
CA LEU A 1745 33.60 35.19 -16.58
C LEU A 1745 32.21 35.43 -16.02
N THR A 1746 32.12 36.34 -15.06
CA THR A 1746 30.82 36.83 -14.65
C THR A 1746 30.34 37.87 -15.66
N ALA A 1747 29.08 38.28 -15.51
CA ALA A 1747 28.57 39.35 -16.38
C ALA A 1747 29.21 40.69 -16.05
N GLU A 1748 29.50 40.94 -14.77
CA GLU A 1748 30.17 42.18 -14.38
C GLU A 1748 31.59 42.25 -14.92
N GLU A 1749 32.26 41.10 -15.03
CA GLU A 1749 33.57 41.07 -15.67
C GLU A 1749 33.46 41.16 -17.18
N ALA A 1750 32.34 40.68 -17.75
CA ALA A 1750 32.19 40.65 -19.20
C ALA A 1750 31.88 42.03 -19.75
N GLU A 1751 31.07 42.81 -19.04
CA GLU A 1751 30.84 44.20 -19.45
C GLU A 1751 32.08 45.06 -19.27
N LYS A 1752 32.90 44.79 -18.25
CA LYS A 1752 34.12 45.57 -18.07
C LYS A 1752 35.21 45.19 -19.07
N ASN A 1753 35.19 43.98 -19.61
CA ASN A 1753 36.13 43.56 -20.64
C ASN A 1753 35.38 42.93 -21.81
N PRO A 1754 34.74 43.75 -22.65
CA PRO A 1754 33.90 43.19 -23.71
C PRO A 1754 34.73 42.65 -24.87
N VAL A 1755 34.22 41.56 -25.47
CA VAL A 1755 34.79 40.98 -26.67
C VAL A 1755 33.67 40.76 -27.66
N GLY A 1756 34.03 40.59 -28.93
CA GLY A 1756 33.03 40.40 -29.96
C GLY A 1756 32.88 38.94 -30.37
N LEU A 1757 31.78 38.66 -31.08
CA LEU A 1757 31.58 37.36 -31.68
C LEU A 1757 32.60 37.12 -32.79
N ALA A 1758 32.90 35.83 -33.02
CA ALA A 1758 33.81 35.32 -34.04
C ALA A 1758 35.20 35.93 -33.93
N ARG A 1759 35.56 36.77 -34.91
CA ARG A 1759 36.85 37.44 -34.94
C ARG A 1759 36.73 38.95 -34.86
N ASN A 1760 35.57 39.46 -34.41
CA ASN A 1760 35.29 40.88 -34.53
C ASN A 1760 35.85 41.65 -33.32
N GLU A 1761 35.74 42.98 -33.42
CA GLU A 1761 36.11 43.86 -32.33
C GLU A 1761 35.11 43.70 -31.18
N PRO A 1762 35.56 43.84 -29.93
CA PRO A 1762 36.92 44.02 -29.43
C PRO A 1762 37.67 42.69 -29.33
N ASP A 1763 38.99 42.78 -29.08
CA ASP A 1763 39.89 41.63 -29.02
C ASP A 1763 39.80 40.74 -30.25
N PRO A 1764 40.35 41.17 -31.38
CA PRO A 1764 40.18 40.41 -32.62
C PRO A 1764 41.02 39.14 -32.65
N LEU A 1765 40.61 38.23 -33.52
CA LEU A 1765 41.31 36.99 -33.75
C LEU A 1765 41.66 36.89 -35.22
N GLU A 1766 42.80 36.26 -35.51
CA GLU A 1766 43.31 36.18 -36.88
C GLU A 1766 42.51 35.21 -37.73
CA CA B . -3.12 23.98 -16.57
CA CA C . -33.32 3.20 10.58
O2 PSF D . -8.60 21.25 -19.56
O1 PSF D . -8.02 18.99 -18.84
P PSF D . -7.81 20.51 -18.40
O4 PSF D . -6.37 20.83 -18.54
O3 PSF D . -8.50 20.75 -17.10
C2 PSF D . -7.96 21.56 -20.81
C3 PSF D . -8.99 21.50 -21.90
O11 PSF D . -10.14 22.29 -21.44
O12 PSF D . -10.63 22.92 -23.54
C1 PSF D . -10.86 22.94 -22.36
C4 PSF D . -9.47 20.11 -22.16
C5 PSF D . -9.25 18.50 -23.89
O51 PSF D . -10.28 17.97 -23.56
O52 PSF D . -8.74 19.57 -23.29
C6 PSF D . -8.39 18.06 -25.04
C7 PSF D . -8.20 19.13 -26.10
C13 PSF D . -11.99 23.69 -21.72
C14 PSF D . -13.22 22.84 -21.47
C15 PSF D . -14.31 23.59 -20.72
N PSF D . -7.92 17.89 -16.19
CA PSF D . -7.65 17.11 -17.42
CB PSF D . -7.04 18.00 -18.49
C PSF D . -6.72 15.93 -17.07
OT1 PSF D . -5.88 16.10 -16.17
OT2 PSF D . -6.90 14.87 -17.72
C8 PSF D . -9.51 19.58 -26.72
C9 PSF D . -9.36 20.65 -27.79
C10 PSF D . -10.67 21.07 -28.40
C16 PSF D . -14.77 24.87 -21.40
C17 PSF D . -15.82 25.62 -20.60
CA CA E . -5.87 21.54 -16.20
CA CA F . -15.52 -21.57 -32.54
CA CA G . 29.72 15.34 -47.12
CA CA H . -32.08 2.98 7.09
CA CA I . -9.81 22.52 -15.78
CA CA J . 25.90 15.04 -46.68
CA CA K . 31.59 18.55 -47.44
O2 PSF L . -1.30 26.79 -24.05
O1 PSF L . -1.37 25.86 -21.81
P PSF L . -0.34 26.06 -23.00
O4 PSF L . 0.02 24.73 -23.55
O3 PSF L . 0.74 26.98 -22.58
C2 PSF L . -1.35 26.34 -25.42
C3 PSF L . -2.71 26.62 -25.97
O11 PSF L . -2.63 26.52 -27.43
O12 PSF L . -3.21 24.36 -27.36
C1 PSF L . -2.91 25.33 -27.98
C4 PSF L . -3.15 28.02 -25.65
C5 PSF L . -2.50 29.72 -27.16
O51 PSF L . -3.59 29.71 -27.68
O52 PSF L . -2.14 28.93 -26.15
C6 PSF L . -1.37 30.61 -27.59
C7 PSF L . -1.26 30.77 -29.10
C13 PSF L . -2.78 25.40 -29.48
C14 PSF L . -3.03 26.80 -30.04
C15 PSF L . -2.88 26.87 -31.55
N PSF L . -0.75 24.85 -19.30
CA PSF L . -1.68 26.00 -19.45
CB PSF L . -1.36 26.78 -20.69
C PSF L . -3.12 25.49 -19.44
OT1 PSF L . -4.00 26.23 -19.95
OT2 PSF L . -3.33 24.36 -18.92
C8 PSF L . -0.11 31.66 -29.53
C9 PSF L . 0.01 31.82 -31.03
C10 PSF L . 1.17 32.71 -31.44
C16 PSF L . -3.10 28.26 -32.11
C17 PSF L . -2.95 28.32 -33.62
#